data_6Q8Z
#
_entry.id   6Q8Z
#
_cell.length_a   73.624
_cell.length_b   114.393
_cell.length_c   120.853
_cell.angle_alpha   90.000
_cell.angle_beta   100.590
_cell.angle_gamma   90.000
#
_symmetry.space_group_name_H-M   'P 1 21 1'
#
loop_
_entity.id
_entity.type
_entity.pdbx_description
1 polymer Galactokinase
2 non-polymer beta-D-galactopyranose
3 non-polymer "2-(1,3-benzoxazol-2-ylamino)spiro[1,6,7,8-tetrahydroquinazoline-4,1'-cyclohexane]-5-one"
4 non-polymer ~{N}-(cyclobutylmethyl)-1,5-dimethyl-pyrazole-4-carboxamide
5 water water
#
_entity_poly.entity_id   1
_entity_poly.type   'polypeptide(L)'
_entity_poly.pdbx_seq_one_letter_code
;HAALRQPQVAELLAEARRAFREEFGAEPELAVSAPGRVNLIGEHTDYNQGLVLPMALELMTVLVGSPRKDGLVSLLTTSE
GADEPQRLQFPLPTAQRSLEPGTPRWANYVKGVIQYYPAAPLPGFSAVVVSSVPLGGGLSSSASLEVATYTFLQQLCPDS
GTIAARAQVCQQAEHSFAGMPCGIMDQFISLMGQKGHALLIDCRSLETSLVPLSDPKLAVLITNSNVRHSLASSEYPVRR
RQCEEVARALGKESLREVQLEELEAARDLVSKEGFRRARHVVGEIRRTAQAAAALRRGDYRAFGRLMVESHRSLRDDYEV
SCPELDQLVEAALAVPGVYGSRMTGGGFGGCTVTLLEASAAPHAMRHIQEHYGGTATFYLSQAADGAKVLCL
;
_entity_poly.pdbx_strand_id   A,B,C,D
#
loop_
_chem_comp.id
_chem_comp.type
_chem_comp.name
_chem_comp.formula
GAL D-saccharide, beta linking beta-D-galactopyranose 'C6 H12 O6'
HFK non-polymer 2-(1,3-benzoxazol-2-ylamino)spiro[1,6,7,8-tetrahydroquinazoline-4,1'-cyclohexane]-5-one 'C20 H22 N4 O2'
HR5 non-polymer ~{N}-(cyclobutylmethyl)-1,5-dimethyl-pyrazole-4-carboxamide 'C11 H17 N3 O'
#
# COMPACT_ATOMS: atom_id res chain seq x y z
N HIS A 1 8.80 -36.97 -19.55
CA HIS A 1 7.39 -36.87 -19.87
C HIS A 1 6.67 -38.20 -19.67
N ALA A 2 6.81 -38.74 -18.46
CA ALA A 2 6.00 -39.84 -17.95
C ALA A 2 4.79 -39.23 -17.25
N ALA A 3 3.96 -40.06 -16.60
CA ALA A 3 2.81 -39.51 -15.88
C ALA A 3 3.26 -38.73 -14.64
N LEU A 4 2.55 -37.64 -14.34
CA LEU A 4 2.84 -36.85 -13.16
C LEU A 4 2.40 -37.60 -11.91
N ARG A 5 3.29 -37.66 -10.93
CA ARG A 5 3.00 -38.30 -9.65
C ARG A 5 1.88 -37.57 -8.92
N GLN A 6 0.97 -38.38 -8.39
CA GLN A 6 -0.16 -37.94 -7.61
C GLN A 6 0.12 -38.30 -6.16
N PRO A 7 0.31 -37.29 -5.29
CA PRO A 7 0.61 -37.61 -3.91
C PRO A 7 -0.57 -38.24 -3.20
N GLN A 8 -0.28 -39.27 -2.41
CA GLN A 8 -1.28 -39.88 -1.57
C GLN A 8 -1.83 -38.84 -0.60
N VAL A 9 -2.98 -39.12 -0.04
CA VAL A 9 -3.59 -38.17 0.87
C VAL A 9 -2.62 -37.99 2.05
N ALA A 10 -1.95 -39.08 2.44
CA ALA A 10 -1.05 -39.01 3.58
C ALA A 10 0.10 -38.00 3.42
N GLU A 11 0.67 -37.86 2.21
CA GLU A 11 1.71 -36.89 1.99
C GLU A 11 1.10 -35.51 2.13
N LEU A 12 -0.07 -35.31 1.51
CA LEU A 12 -0.81 -34.04 1.62
C LEU A 12 -1.18 -33.70 3.05
N LEU A 13 -1.58 -34.72 3.82
CA LEU A 13 -1.94 -34.48 5.22
C LEU A 13 -0.69 -34.04 6.02
N ALA A 14 0.42 -34.78 5.83
CA ALA A 14 1.66 -34.49 6.53
C ALA A 14 2.14 -33.08 6.20
N GLU A 15 2.06 -32.70 4.93
CA GLU A 15 2.46 -31.37 4.52
C GLU A 15 1.56 -30.26 5.11
N ALA A 16 0.24 -30.45 5.04
CA ALA A 16 -0.68 -29.46 5.55
C ALA A 16 -0.56 -29.31 7.06
N ARG A 17 -0.34 -30.43 7.77
CA ARG A 17 -0.33 -30.34 9.22
C ARG A 17 0.94 -29.65 9.71
N ARG A 18 2.09 -29.95 9.09
CA ARG A 18 3.34 -29.26 9.37
C ARG A 18 3.26 -27.76 9.17
N ALA A 19 2.71 -27.35 8.03
CA ALA A 19 2.55 -25.96 7.70
C ALA A 19 1.67 -25.31 8.72
N PHE A 20 0.65 -26.04 9.14
CA PHE A 20 -0.28 -25.53 10.14
C PHE A 20 0.41 -25.38 11.51
N ARG A 21 1.19 -26.40 11.93
CA ARG A 21 1.84 -26.36 13.23
C ARG A 21 2.76 -25.16 13.24
N GLU A 22 3.41 -24.88 12.11
CA GLU A 22 4.32 -23.72 11.99
C GLU A 22 3.62 -22.38 11.94
N GLU A 23 2.54 -22.33 11.16
CA GLU A 23 1.79 -21.12 10.94
C GLU A 23 1.08 -20.64 12.19
N PHE A 24 0.49 -21.57 12.92
CA PHE A 24 -0.44 -21.22 14.01
C PHE A 24 0.07 -21.62 15.41
N GLY A 25 1.19 -22.35 15.48
CA GLY A 25 1.78 -22.66 16.77
C GLY A 25 1.19 -23.84 17.53
N ALA A 26 0.25 -24.58 16.91
CA ALA A 26 -0.38 -25.70 17.59
C ALA A 26 -0.78 -26.71 16.52
N GLU A 27 -1.07 -27.92 16.95
CA GLU A 27 -1.54 -29.00 16.05
C GLU A 27 -2.92 -28.68 15.53
N PRO A 28 -3.19 -29.02 14.23
CA PRO A 28 -4.59 -28.83 13.79
C PRO A 28 -5.49 -29.91 14.38
N GLU A 29 -6.76 -29.58 14.57
CA GLU A 29 -7.74 -30.49 15.17
C GLU A 29 -8.43 -31.41 14.11
N LEU A 30 -8.49 -30.93 12.88
CA LEU A 30 -9.33 -31.54 11.81
C LEU A 30 -8.62 -31.57 10.48
N ALA A 31 -8.89 -32.61 9.67
CA ALA A 31 -8.45 -32.65 8.32
C ALA A 31 -9.64 -33.11 7.41
N VAL A 32 -9.77 -32.50 6.28
CA VAL A 32 -10.75 -33.01 5.25
C VAL A 32 -10.13 -32.97 3.90
N SER A 33 -10.75 -33.68 2.93
CA SER A 33 -10.28 -33.63 1.58
C SER A 33 -11.50 -33.72 0.65
N ALA A 34 -11.34 -33.15 -0.54
CA ALA A 34 -12.30 -33.34 -1.64
C ALA A 34 -11.52 -33.38 -2.91
N PRO A 35 -11.95 -34.26 -3.82
CA PRO A 35 -11.21 -34.47 -5.06
C PRO A 35 -11.57 -33.52 -6.14
N GLY A 36 -10.68 -33.42 -7.12
CA GLY A 36 -11.02 -32.91 -8.41
C GLY A 36 -11.75 -34.04 -9.21
N ARG A 37 -12.04 -33.79 -10.45
CA ARG A 37 -12.92 -34.67 -11.29
C ARG A 37 -12.45 -34.73 -12.76
N VAL A 38 -12.77 -35.84 -13.47
CA VAL A 38 -12.75 -35.80 -14.91
C VAL A 38 -14.14 -36.27 -15.32
N ASN A 39 -14.70 -35.66 -16.35
CA ASN A 39 -16.00 -36.07 -16.82
C ASN A 39 -15.76 -37.05 -17.97
N LEU A 40 -16.24 -38.27 -17.85
CA LEU A 40 -15.99 -39.29 -18.92
C LEU A 40 -16.79 -38.92 -20.17
N ILE A 41 -18.04 -38.48 -20.00
CA ILE A 41 -18.85 -38.08 -21.12
C ILE A 41 -20.08 -37.43 -20.58
N GLY A 42 -20.75 -36.65 -21.41
CA GLY A 42 -21.92 -35.88 -20.98
C GLY A 42 -21.51 -34.43 -20.68
N GLU A 43 -21.01 -33.77 -21.71
CA GLU A 43 -20.46 -32.41 -21.59
C GLU A 43 -21.44 -31.34 -21.99
N HIS A 44 -21.49 -30.26 -21.20
CA HIS A 44 -22.46 -29.18 -21.36
C HIS A 44 -23.88 -29.68 -21.34
N THR A 45 -24.09 -30.74 -20.55
CA THR A 45 -25.44 -31.19 -20.28
C THR A 45 -25.96 -30.86 -18.88
N ASP A 46 -25.08 -30.58 -17.91
CA ASP A 46 -25.60 -30.49 -16.54
C ASP A 46 -26.52 -29.33 -16.36
N TYR A 47 -26.17 -28.16 -16.92
CA TYR A 47 -27.06 -27.03 -16.73
C TYR A 47 -28.26 -27.10 -17.67
N ASN A 48 -28.29 -28.13 -18.52
CA ASN A 48 -29.46 -28.44 -19.37
C ASN A 48 -30.33 -29.55 -18.82
N GLN A 49 -30.17 -29.84 -17.51
CA GLN A 49 -30.89 -30.93 -16.78
C GLN A 49 -30.68 -32.30 -17.41
N GLY A 50 -29.47 -32.45 -17.98
CA GLY A 50 -29.05 -33.59 -18.72
C GLY A 50 -28.47 -34.72 -17.89
N LEU A 51 -27.63 -35.54 -18.51
CA LEU A 51 -26.99 -36.65 -17.82
C LEU A 51 -25.51 -36.39 -17.92
N VAL A 52 -24.77 -36.71 -16.86
CA VAL A 52 -23.32 -36.58 -16.86
C VAL A 52 -22.70 -37.83 -16.23
N LEU A 53 -21.49 -38.17 -16.58
CA LEU A 53 -20.85 -39.34 -16.08
C LEU A 53 -19.40 -39.05 -15.67
N PRO A 54 -19.26 -38.24 -14.60
CA PRO A 54 -17.91 -37.95 -14.11
C PRO A 54 -17.33 -39.04 -13.20
N MET A 55 -16.02 -39.00 -12.92
CA MET A 55 -15.42 -39.79 -11.84
C MET A 55 -14.49 -38.88 -11.03
N ALA A 56 -14.44 -39.14 -9.75
CA ALA A 56 -13.53 -38.37 -8.87
C ALA A 56 -12.13 -38.86 -9.09
N LEU A 57 -11.17 -37.96 -8.94
CA LEU A 57 -9.79 -38.21 -9.23
C LEU A 57 -8.97 -38.38 -7.97
N GLU A 58 -7.79 -38.98 -8.13
CA GLU A 58 -6.86 -39.12 -7.01
C GLU A 58 -6.12 -37.82 -6.80
N LEU A 59 -6.44 -36.79 -7.57
CA LEU A 59 -5.98 -35.42 -7.27
C LEU A 59 -6.97 -34.75 -6.33
N MET A 60 -6.50 -34.04 -5.29
CA MET A 60 -7.42 -33.57 -4.30
C MET A 60 -6.94 -32.31 -3.55
N THR A 61 -7.88 -31.63 -2.92
CA THR A 61 -7.58 -30.48 -2.04
C THR A 61 -7.73 -30.96 -0.58
N VAL A 62 -6.80 -30.57 0.32
CA VAL A 62 -6.86 -30.97 1.72
C VAL A 62 -6.87 -29.68 2.56
N LEU A 63 -7.79 -29.62 3.52
CA LEU A 63 -7.83 -28.58 4.54
C LEU A 63 -7.52 -29.16 5.88
N VAL A 64 -6.59 -28.56 6.62
CA VAL A 64 -6.43 -28.97 7.97
C VAL A 64 -6.65 -27.72 8.84
N GLY A 65 -7.26 -27.88 10.00
CA GLY A 65 -7.56 -26.72 10.79
C GLY A 65 -8.21 -26.93 12.13
N SER A 66 -8.61 -25.81 12.73
CA SER A 66 -9.14 -25.79 14.06
C SER A 66 -10.13 -24.62 14.20
N PRO A 67 -11.16 -24.82 15.00
CA PRO A 67 -12.13 -23.76 15.23
C PRO A 67 -11.46 -22.65 16.07
N ARG A 68 -11.92 -21.43 15.98
CA ARG A 68 -11.42 -20.31 16.81
C ARG A 68 -12.56 -19.85 17.67
N LYS A 69 -12.27 -19.05 18.70
CA LYS A 69 -13.29 -18.54 19.61
C LYS A 69 -13.61 -17.06 19.39
N ASP A 70 -12.87 -16.42 18.48
CA ASP A 70 -13.02 -14.98 18.25
C ASP A 70 -13.80 -14.59 17.01
N GLY A 71 -14.44 -15.55 16.32
CA GLY A 71 -15.23 -15.19 15.17
C GLY A 71 -14.47 -14.73 13.94
N LEU A 72 -13.20 -15.06 13.85
CA LEU A 72 -12.39 -14.66 12.71
C LEU A 72 -12.02 -15.89 11.85
N VAL A 73 -11.80 -15.69 10.55
CA VAL A 73 -11.25 -16.75 9.76
C VAL A 73 -9.84 -16.48 9.34
N SER A 74 -8.96 -17.42 9.58
CA SER A 74 -7.56 -17.21 9.24
C SER A 74 -7.05 -18.38 8.36
N LEU A 75 -6.67 -18.04 7.13
CA LEU A 75 -6.33 -19.01 6.10
C LEU A 75 -4.90 -18.86 5.65
N LEU A 76 -4.28 -19.99 5.30
CA LEU A 76 -2.98 -20.05 4.62
C LEU A 76 -3.09 -21.14 3.53
N THR A 77 -2.76 -20.80 2.29
CA THR A 77 -2.57 -21.86 1.31
C THR A 77 -1.10 -21.96 0.91
N THR A 78 -0.65 -23.17 0.61
CA THR A 78 0.68 -23.45 0.06
C THR A 78 0.65 -23.76 -1.44
N SER A 79 -0.52 -23.78 -2.06
CA SER A 79 -0.60 -24.18 -3.46
C SER A 79 0.20 -23.22 -4.35
N GLU A 80 1.09 -23.78 -5.16
CA GLU A 80 2.09 -23.00 -5.90
C GLU A 80 1.53 -21.94 -6.84
N GLY A 81 0.47 -22.29 -7.57
CA GLY A 81 -0.13 -21.40 -8.54
C GLY A 81 -1.14 -20.44 -7.93
N ALA A 82 -1.34 -20.52 -6.62
CA ALA A 82 -2.24 -19.59 -5.94
C ALA A 82 -1.77 -18.12 -6.03
N ASP A 83 -2.70 -17.20 -6.20
CA ASP A 83 -2.36 -15.78 -6.26
C ASP A 83 -2.09 -15.14 -4.89
N GLU A 84 -1.20 -14.16 -4.92
CA GLU A 84 -0.82 -13.40 -3.70
C GLU A 84 -1.86 -12.50 -3.07
N PRO A 85 -1.83 -12.41 -1.73
CA PRO A 85 -0.99 -13.16 -0.79
C PRO A 85 -1.51 -14.58 -0.55
N GLN A 86 -0.66 -15.37 0.07
CA GLN A 86 -0.94 -16.75 0.46
C GLN A 86 -1.73 -16.85 1.75
N ARG A 87 -1.97 -15.72 2.40
CA ARG A 87 -2.71 -15.70 3.64
C ARG A 87 -3.79 -14.69 3.58
N LEU A 88 -4.86 -14.91 4.34
CA LEU A 88 -5.91 -13.93 4.40
C LEU A 88 -6.71 -14.16 5.65
N GLN A 89 -7.07 -13.06 6.31
CA GLN A 89 -7.94 -13.11 7.46
C GLN A 89 -9.08 -12.16 7.22
N PHE A 90 -10.21 -12.55 7.76
CA PHE A 90 -11.43 -11.80 7.68
C PHE A 90 -12.36 -12.28 8.76
N PRO A 91 -13.23 -11.39 9.24
CA PRO A 91 -14.24 -11.81 10.21
C PRO A 91 -15.34 -12.65 9.54
N LEU A 92 -16.00 -13.49 10.32
CA LEU A 92 -17.21 -14.18 9.80
C LEU A 92 -18.17 -13.15 9.31
N PRO A 93 -18.93 -13.48 8.27
CA PRO A 93 -19.98 -12.57 7.83
C PRO A 93 -21.09 -12.49 8.90
N THR A 94 -21.85 -11.41 8.89
CA THR A 94 -22.99 -11.25 9.81
C THR A 94 -24.19 -10.79 9.02
N ALA A 95 -25.37 -10.83 9.64
CA ALA A 95 -26.59 -10.35 9.00
C ALA A 95 -26.43 -8.90 8.56
N GLN A 96 -25.60 -8.18 9.31
CA GLN A 96 -25.23 -6.81 8.99
C GLN A 96 -24.18 -6.65 7.87
N ARG A 97 -23.08 -7.39 7.93
CA ARG A 97 -21.99 -7.26 6.96
C ARG A 97 -21.62 -8.58 6.30
N SER A 98 -21.81 -8.68 5.00
CA SER A 98 -21.46 -9.93 4.31
C SER A 98 -20.00 -9.98 3.83
N LEU A 99 -19.55 -11.18 3.42
CA LEU A 99 -18.23 -11.32 2.83
C LEU A 99 -18.33 -10.81 1.41
N GLU A 100 -17.20 -10.44 0.82
CA GLU A 100 -17.25 -10.02 -0.55
C GLU A 100 -16.03 -10.54 -1.24
N PRO A 101 -16.19 -10.83 -2.54
CA PRO A 101 -15.10 -11.38 -3.35
C PRO A 101 -14.06 -10.32 -3.61
N GLY A 102 -12.82 -10.76 -3.79
CA GLY A 102 -11.74 -9.84 -4.06
C GLY A 102 -10.43 -10.56 -4.17
N THR A 103 -9.44 -9.98 -3.49
CA THR A 103 -8.09 -10.44 -3.56
C THR A 103 -7.68 -10.95 -2.22
N PRO A 104 -6.96 -12.07 -2.19
CA PRO A 104 -6.60 -12.88 -3.38
C PRO A 104 -7.74 -13.79 -3.87
N ARG A 105 -7.72 -14.14 -5.16
CA ARG A 105 -8.82 -14.84 -5.77
C ARG A 105 -9.05 -16.24 -5.18
N TRP A 106 -7.98 -16.90 -4.75
CA TRP A 106 -8.11 -18.27 -4.26
C TRP A 106 -9.02 -18.28 -3.05
N ALA A 107 -9.03 -17.20 -2.26
CA ALA A 107 -9.86 -17.20 -1.05
C ALA A 107 -11.32 -16.95 -1.32
N ASN A 108 -11.65 -16.49 -2.50
CA ASN A 108 -13.06 -16.21 -2.83
C ASN A 108 -13.89 -17.50 -2.78
N TYR A 109 -13.24 -18.63 -3.08
CA TYR A 109 -13.96 -19.91 -3.07
C TYR A 109 -14.32 -20.26 -1.63
N VAL A 110 -13.39 -20.02 -0.71
CA VAL A 110 -13.66 -20.26 0.72
C VAL A 110 -14.68 -19.29 1.23
N LYS A 111 -14.45 -17.98 0.98
CA LYS A 111 -15.43 -17.00 1.41
C LYS A 111 -16.84 -17.31 0.91
N GLY A 112 -16.97 -17.74 -0.36
CA GLY A 112 -18.29 -18.00 -0.96
C GLY A 112 -19.01 -19.10 -0.22
N VAL A 113 -18.29 -20.16 0.10
CA VAL A 113 -18.92 -21.30 0.83
C VAL A 113 -19.30 -20.86 2.26
N ILE A 114 -18.41 -20.13 2.94
CA ILE A 114 -18.80 -19.58 4.22
C ILE A 114 -20.07 -18.71 4.10
N GLN A 115 -20.12 -17.81 3.13
CA GLN A 115 -21.26 -16.90 2.98
C GLN A 115 -22.61 -17.65 2.90
N TYR A 116 -22.64 -18.73 2.12
CA TYR A 116 -23.88 -19.46 1.87
C TYR A 116 -24.06 -20.74 2.70
N TYR A 117 -23.16 -20.95 3.65
CA TYR A 117 -23.28 -22.11 4.53
C TYR A 117 -24.58 -22.01 5.29
N PRO A 118 -25.40 -23.08 5.26
CA PRO A 118 -26.77 -22.92 5.78
C PRO A 118 -26.95 -23.08 7.29
N ALA A 119 -25.99 -23.62 8.03
CA ALA A 119 -26.28 -23.92 9.41
C ALA A 119 -25.55 -22.93 10.30
N ALA A 120 -26.08 -22.72 11.50
CA ALA A 120 -25.54 -21.77 12.51
C ALA A 120 -25.60 -22.47 13.84
N PRO A 121 -24.73 -22.08 14.81
CA PRO A 121 -23.69 -21.04 14.69
C PRO A 121 -22.35 -21.58 14.15
N LEU A 122 -21.81 -20.91 13.17
CA LEU A 122 -20.50 -21.25 12.63
C LEU A 122 -19.46 -20.40 13.38
N PRO A 123 -18.51 -21.04 14.04
CA PRO A 123 -17.39 -20.38 14.73
C PRO A 123 -16.41 -19.92 13.69
N GLY A 124 -15.47 -19.05 14.01
CA GLY A 124 -14.38 -18.81 13.09
C GLY A 124 -13.43 -19.99 13.20
N PHE A 125 -12.38 -19.99 12.40
CA PHE A 125 -11.47 -21.13 12.37
C PHE A 125 -10.16 -20.73 11.74
N SER A 126 -9.14 -21.50 12.03
CA SER A 126 -7.86 -21.38 11.34
C SER A 126 -7.74 -22.60 10.43
N ALA A 127 -7.18 -22.43 9.23
CA ALA A 127 -7.06 -23.56 8.30
C ALA A 127 -5.87 -23.39 7.35
N VAL A 128 -5.17 -24.50 7.05
CA VAL A 128 -4.22 -24.55 5.98
C VAL A 128 -4.87 -25.33 4.80
N VAL A 129 -4.70 -24.81 3.58
CA VAL A 129 -5.19 -25.37 2.31
C VAL A 129 -4.05 -25.84 1.43
N VAL A 130 -4.03 -27.13 1.07
CA VAL A 130 -3.07 -27.62 0.10
C VAL A 130 -3.84 -28.41 -0.99
N SER A 131 -3.26 -28.57 -2.17
CA SER A 131 -3.94 -29.28 -3.27
C SER A 131 -2.99 -29.91 -4.28
N SER A 132 -3.40 -31.02 -4.88
CA SER A 132 -2.69 -31.61 -6.02
C SER A 132 -3.48 -31.43 -7.32
N VAL A 133 -4.66 -30.84 -7.22
CA VAL A 133 -5.43 -30.55 -8.41
C VAL A 133 -4.79 -29.35 -9.05
N PRO A 134 -4.37 -29.49 -10.31
CA PRO A 134 -3.81 -28.34 -11.01
C PRO A 134 -4.75 -27.18 -11.05
N LEU A 135 -4.32 -26.02 -10.56
CA LEU A 135 -5.26 -24.92 -10.40
C LEU A 135 -5.71 -24.34 -11.70
N GLY A 136 -7.02 -24.33 -11.91
CA GLY A 136 -7.56 -23.83 -13.15
C GLY A 136 -7.18 -24.69 -14.36
N GLY A 137 -6.70 -25.91 -14.13
CA GLY A 137 -6.20 -26.74 -15.24
C GLY A 137 -7.28 -27.57 -15.93
N GLY A 138 -8.55 -27.36 -15.54
CA GLY A 138 -9.69 -28.13 -16.11
C GLY A 138 -10.21 -29.37 -15.36
N LEU A 139 -9.68 -29.65 -14.18
CA LEU A 139 -10.13 -30.80 -13.37
C LEU A 139 -10.84 -30.38 -12.03
N SER A 140 -11.37 -29.14 -12.01
CA SER A 140 -12.30 -28.61 -11.01
C SER A 140 -11.59 -28.35 -9.73
N SER A 141 -10.42 -27.71 -9.81
CA SER A 141 -9.70 -27.38 -8.58
C SER A 141 -10.66 -26.56 -7.70
N SER A 142 -11.44 -25.70 -8.32
CA SER A 142 -12.21 -24.79 -7.48
C SER A 142 -13.36 -25.57 -6.80
N ALA A 143 -13.98 -26.50 -7.51
CA ALA A 143 -14.99 -27.31 -6.85
C ALA A 143 -14.39 -28.09 -5.75
N SER A 144 -13.18 -28.61 -5.92
CA SER A 144 -12.66 -29.37 -4.80
C SER A 144 -12.37 -28.47 -3.57
N LEU A 145 -11.97 -27.24 -3.84
CA LEU A 145 -11.70 -26.33 -2.71
C LEU A 145 -13.06 -25.96 -2.06
N GLU A 146 -14.10 -25.72 -2.87
CA GLU A 146 -15.40 -25.46 -2.26
C GLU A 146 -15.89 -26.61 -1.39
N VAL A 147 -15.85 -27.81 -1.95
CA VAL A 147 -16.39 -28.97 -1.24
C VAL A 147 -15.52 -29.31 -0.04
N ALA A 148 -14.21 -29.14 -0.15
CA ALA A 148 -13.36 -29.33 1.03
C ALA A 148 -13.77 -28.36 2.11
N THR A 149 -14.00 -27.10 1.72
CA THR A 149 -14.42 -26.03 2.70
C THR A 149 -15.75 -26.41 3.29
N TYR A 150 -16.69 -26.86 2.43
CA TYR A 150 -17.98 -27.20 2.96
C TYR A 150 -17.84 -28.33 3.96
N THR A 151 -17.01 -29.33 3.63
CA THR A 151 -16.86 -30.53 4.44
C THR A 151 -16.21 -30.15 5.78
N PHE A 152 -15.35 -29.17 5.70
CA PHE A 152 -14.78 -28.60 6.96
C PHE A 152 -15.86 -27.86 7.82
N LEU A 153 -16.66 -26.98 7.22
CA LEU A 153 -17.71 -26.32 7.97
C LEU A 153 -18.73 -27.25 8.62
N GLN A 154 -19.02 -28.39 7.98
CA GLN A 154 -19.87 -29.36 8.61
C GLN A 154 -19.28 -29.88 9.90
N GLN A 155 -17.96 -30.01 9.97
CA GLN A 155 -17.37 -30.43 11.24
C GLN A 155 -17.44 -29.31 12.34
N LEU A 156 -17.38 -28.05 11.94
CA LEU A 156 -17.48 -26.92 12.88
C LEU A 156 -18.90 -26.76 13.34
N CYS A 157 -19.82 -27.07 12.44
CA CYS A 157 -21.24 -26.87 12.67
C CYS A 157 -22.09 -27.79 11.71
N PRO A 158 -22.39 -29.04 12.11
CA PRO A 158 -23.16 -29.96 11.23
C PRO A 158 -24.37 -29.30 10.57
N ASP A 159 -24.59 -29.53 9.27
CA ASP A 159 -25.75 -29.01 8.58
C ASP A 159 -26.83 -30.12 8.70
N SER A 160 -28.05 -29.91 8.25
CA SER A 160 -28.96 -31.09 8.33
C SER A 160 -29.60 -31.47 7.01
N GLY A 161 -28.86 -31.27 5.91
CA GLY A 161 -29.44 -31.35 4.60
C GLY A 161 -29.01 -32.54 3.79
N THR A 162 -29.28 -32.47 2.48
CA THR A 162 -29.00 -33.53 1.53
C THR A 162 -27.69 -33.20 0.86
N ILE A 163 -27.16 -34.15 0.09
CA ILE A 163 -25.90 -33.90 -0.60
C ILE A 163 -26.09 -32.90 -1.71
N ALA A 164 -27.24 -32.94 -2.41
CA ALA A 164 -27.45 -31.96 -3.47
C ALA A 164 -27.52 -30.50 -2.92
N ALA A 165 -28.11 -30.30 -1.73
CA ALA A 165 -28.12 -29.01 -1.05
C ALA A 165 -26.70 -28.52 -0.78
N ARG A 166 -25.78 -29.40 -0.35
CA ARG A 166 -24.35 -29.02 -0.22
C ARG A 166 -23.69 -28.65 -1.58
N ALA A 167 -24.02 -29.39 -2.61
CA ALA A 167 -23.51 -29.11 -3.93
C ALA A 167 -24.00 -27.76 -4.37
N GLN A 168 -25.25 -27.47 -4.06
CA GLN A 168 -25.80 -26.19 -4.51
C GLN A 168 -25.23 -24.98 -3.76
N VAL A 169 -24.85 -25.17 -2.50
CA VAL A 169 -24.12 -24.07 -1.78
C VAL A 169 -22.81 -23.83 -2.46
N CYS A 170 -22.12 -24.91 -2.81
CA CYS A 170 -20.82 -24.78 -3.40
C CYS A 170 -20.95 -24.15 -4.78
N GLN A 171 -21.95 -24.60 -5.57
CA GLN A 171 -22.25 -23.98 -6.84
C GLN A 171 -22.55 -22.50 -6.67
N GLN A 172 -23.32 -22.12 -5.64
CA GLN A 172 -23.60 -20.68 -5.42
C GLN A 172 -22.33 -19.87 -5.10
N ALA A 173 -21.40 -20.43 -4.33
CA ALA A 173 -20.13 -19.79 -4.07
C ALA A 173 -19.39 -19.55 -5.39
N GLU A 174 -19.42 -20.54 -6.29
CA GLU A 174 -18.75 -20.40 -7.57
C GLU A 174 -19.40 -19.28 -8.43
N HIS A 175 -20.74 -19.26 -8.47
CA HIS A 175 -21.49 -18.24 -9.24
C HIS A 175 -21.21 -16.80 -8.70
N SER A 176 -21.33 -16.70 -7.39
CA SER A 176 -21.37 -15.38 -6.76
C SER A 176 -20.04 -14.85 -6.37
N PHE A 177 -19.13 -15.74 -6.02
CA PHE A 177 -17.83 -15.29 -5.54
C PHE A 177 -16.70 -15.52 -6.53
N ALA A 178 -16.94 -16.35 -7.56
CA ALA A 178 -15.92 -16.56 -8.58
C ALA A 178 -16.42 -16.16 -9.94
N GLY A 179 -17.65 -15.70 -9.99
CA GLY A 179 -18.20 -15.21 -11.24
C GLY A 179 -18.28 -16.27 -12.32
N MET A 180 -18.44 -17.53 -11.94
CA MET A 180 -18.49 -18.58 -13.00
C MET A 180 -19.80 -19.35 -12.81
N PRO A 181 -20.80 -19.16 -13.70
CA PRO A 181 -22.12 -19.74 -13.50
C PRO A 181 -22.21 -21.22 -13.90
N CYS A 182 -21.47 -22.06 -13.18
CA CYS A 182 -21.37 -23.49 -13.45
C CYS A 182 -22.67 -24.26 -13.20
N GLY A 183 -22.80 -25.40 -13.85
CA GLY A 183 -23.83 -26.33 -13.46
C GLY A 183 -23.43 -27.08 -12.20
N ILE A 184 -24.10 -28.20 -11.92
CA ILE A 184 -23.92 -28.85 -10.62
C ILE A 184 -22.91 -29.97 -10.63
N MET A 185 -22.42 -30.40 -11.81
CA MET A 185 -21.64 -31.61 -11.89
C MET A 185 -20.42 -31.65 -10.98
N ASP A 186 -19.59 -30.60 -11.05
CA ASP A 186 -18.24 -30.69 -10.45
C ASP A 186 -18.33 -30.75 -8.93
N GLN A 187 -19.27 -30.01 -8.37
CA GLN A 187 -19.47 -30.02 -6.93
C GLN A 187 -20.07 -31.32 -6.54
N PHE A 188 -20.98 -31.84 -7.34
CA PHE A 188 -21.63 -33.08 -6.95
C PHE A 188 -20.68 -34.31 -6.97
N ILE A 189 -19.81 -34.37 -7.95
CA ILE A 189 -18.92 -35.53 -8.02
C ILE A 189 -17.85 -35.41 -6.93
N SER A 190 -17.46 -34.16 -6.64
CA SER A 190 -16.48 -34.00 -5.55
C SER A 190 -17.08 -34.49 -4.24
N LEU A 191 -18.35 -34.22 -4.02
CA LEU A 191 -19.00 -34.74 -2.85
C LEU A 191 -19.20 -36.25 -2.88
N MET A 192 -19.65 -36.74 -4.03
CA MET A 192 -20.25 -38.10 -4.12
C MET A 192 -19.42 -39.20 -4.72
N GLY A 193 -18.21 -38.88 -5.15
CA GLY A 193 -17.33 -39.92 -5.68
C GLY A 193 -17.16 -41.13 -4.76
N GLN A 194 -16.94 -42.30 -5.37
CA GLN A 194 -16.57 -43.52 -4.63
C GLN A 194 -15.43 -44.22 -5.34
N LYS A 195 -14.48 -44.72 -4.58
CA LYS A 195 -13.35 -45.44 -5.16
C LYS A 195 -13.85 -46.48 -6.19
N GLY A 196 -13.22 -46.56 -7.34
CA GLY A 196 -13.61 -47.66 -8.29
C GLY A 196 -14.94 -47.53 -9.00
N HIS A 197 -15.54 -46.34 -8.90
CA HIS A 197 -16.78 -46.07 -9.59
C HIS A 197 -16.79 -44.72 -10.31
N ALA A 198 -17.49 -44.70 -11.43
CA ALA A 198 -17.90 -43.44 -12.00
C ALA A 198 -19.29 -43.18 -11.42
N LEU A 199 -19.77 -41.95 -11.55
CA LEU A 199 -21.05 -41.57 -11.03
C LEU A 199 -21.95 -41.08 -12.14
N LEU A 200 -23.01 -41.83 -12.46
CA LEU A 200 -24.00 -41.30 -13.41
C LEU A 200 -24.88 -40.35 -12.66
N ILE A 201 -24.91 -39.09 -13.08
CA ILE A 201 -25.74 -38.13 -12.41
C ILE A 201 -26.86 -37.65 -13.35
N ASP A 202 -28.08 -37.73 -12.85
CA ASP A 202 -29.20 -37.19 -13.61
C ASP A 202 -29.41 -35.80 -13.09
N CYS A 203 -29.07 -34.78 -13.89
CA CYS A 203 -29.13 -33.38 -13.46
C CYS A 203 -30.53 -32.79 -13.51
N ARG A 204 -31.53 -33.58 -13.96
CA ARG A 204 -32.91 -33.15 -13.78
C ARG A 204 -33.46 -33.65 -12.44
N SER A 205 -33.34 -34.96 -12.20
CA SER A 205 -33.94 -35.54 -10.98
C SER A 205 -33.02 -35.53 -9.77
N LEU A 206 -31.72 -35.39 -10.04
CA LEU A 206 -30.67 -35.47 -9.03
C LEU A 206 -30.51 -36.88 -8.46
N GLU A 207 -31.03 -37.88 -9.18
CA GLU A 207 -30.70 -39.29 -8.90
C GLU A 207 -29.26 -39.56 -9.34
N THR A 208 -28.56 -40.43 -8.64
CA THR A 208 -27.20 -40.76 -8.97
C THR A 208 -27.03 -42.23 -8.95
N SER A 209 -26.19 -42.73 -9.80
CA SER A 209 -25.92 -44.13 -9.76
C SER A 209 -24.44 -44.41 -9.84
N LEU A 210 -23.97 -45.27 -8.96
CA LEU A 210 -22.58 -45.63 -8.99
C LEU A 210 -22.27 -46.73 -10.00
N VAL A 211 -21.53 -46.40 -11.04
CA VAL A 211 -21.15 -47.34 -12.08
C VAL A 211 -19.70 -47.80 -11.90
N PRO A 212 -19.50 -49.13 -11.69
CA PRO A 212 -18.17 -49.72 -11.49
C PRO A 212 -17.24 -49.39 -12.63
N LEU A 213 -16.07 -48.87 -12.30
CA LEU A 213 -15.06 -48.57 -13.29
C LEU A 213 -13.74 -48.89 -12.68
N SER A 214 -13.34 -50.13 -12.85
CA SER A 214 -12.19 -50.69 -12.14
C SER A 214 -11.86 -52.02 -12.81
N ASP A 215 -10.81 -52.00 -13.58
CA ASP A 215 -10.46 -53.14 -14.41
C ASP A 215 -8.99 -52.90 -14.68
N PRO A 216 -8.14 -53.80 -14.23
CA PRO A 216 -6.71 -53.59 -14.39
C PRO A 216 -6.27 -53.52 -15.85
N LYS A 217 -7.09 -53.99 -16.79
CA LYS A 217 -6.73 -53.91 -18.20
C LYS A 217 -7.09 -52.56 -18.77
N LEU A 218 -7.80 -51.77 -17.98
CA LEU A 218 -8.28 -50.51 -18.46
C LEU A 218 -7.64 -49.34 -17.71
N ALA A 219 -7.46 -48.25 -18.41
CA ALA A 219 -6.96 -47.07 -17.73
C ALA A 219 -7.66 -45.86 -18.24
N VAL A 220 -7.60 -44.79 -17.45
CA VAL A 220 -8.07 -43.52 -17.86
C VAL A 220 -6.89 -42.56 -17.91
N LEU A 221 -6.60 -42.01 -19.07
CA LEU A 221 -5.48 -41.09 -19.19
C LEU A 221 -6.00 -39.70 -19.38
N ILE A 222 -5.58 -38.83 -18.45
CA ILE A 222 -5.91 -37.44 -18.54
C ILE A 222 -4.75 -36.63 -19.12
N THR A 223 -5.03 -35.83 -20.15
CA THR A 223 -3.98 -35.03 -20.77
C THR A 223 -4.26 -33.55 -20.65
N ASN A 224 -3.39 -32.85 -19.94
CA ASN A 224 -3.55 -31.40 -19.78
C ASN A 224 -2.86 -30.70 -20.95
N SER A 225 -3.63 -29.91 -21.71
CA SER A 225 -3.14 -29.13 -22.81
C SER A 225 -2.23 -28.01 -22.29
N ASN A 226 -2.39 -27.70 -20.99
CA ASN A 226 -1.72 -26.53 -20.37
C ASN A 226 -1.95 -25.23 -21.10
N VAL A 227 -3.13 -25.13 -21.69
CA VAL A 227 -3.57 -23.91 -22.34
C VAL A 227 -4.93 -23.54 -21.77
N ARG A 228 -5.21 -22.24 -21.60
CA ARG A 228 -6.58 -21.89 -21.29
C ARG A 228 -6.91 -20.59 -21.98
N HIS A 229 -7.74 -20.67 -23.02
CA HIS A 229 -8.06 -19.46 -23.76
C HIS A 229 -9.10 -18.68 -22.93
N SER A 230 -9.09 -17.34 -23.07
CA SER A 230 -9.98 -16.49 -22.27
C SER A 230 -11.44 -16.84 -22.48
N LEU A 231 -11.73 -17.44 -23.63
CA LEU A 231 -13.09 -17.96 -23.91
C LEU A 231 -13.59 -19.02 -22.90
N ALA A 232 -12.68 -19.72 -22.24
CA ALA A 232 -13.10 -20.68 -21.23
C ALA A 232 -14.02 -19.96 -20.22
N SER A 233 -13.69 -18.71 -19.93
CA SER A 233 -14.51 -17.90 -19.01
C SER A 233 -15.67 -17.14 -19.62
N SER A 234 -15.45 -16.44 -20.73
CA SER A 234 -16.50 -15.57 -21.26
C SER A 234 -17.56 -16.24 -22.12
N GLU A 235 -17.22 -17.34 -22.74
CA GLU A 235 -18.14 -17.99 -23.68
C GLU A 235 -19.00 -19.05 -22.95
N TYR A 236 -18.59 -19.47 -21.76
CA TYR A 236 -19.39 -20.47 -21.01
C TYR A 236 -20.82 -19.91 -20.70
N PRO A 237 -20.93 -18.69 -20.15
CA PRO A 237 -22.29 -18.18 -19.92
C PRO A 237 -23.05 -17.92 -21.21
N VAL A 238 -22.34 -17.69 -22.31
CA VAL A 238 -22.95 -17.48 -23.62
C VAL A 238 -23.66 -18.80 -24.03
N ARG A 239 -23.00 -19.92 -23.83
CA ARG A 239 -23.61 -21.23 -24.14
C ARG A 239 -24.87 -21.49 -23.28
N ARG A 240 -24.83 -21.12 -21.99
CA ARG A 240 -25.99 -21.27 -21.13
C ARG A 240 -27.17 -20.46 -21.67
N ARG A 241 -26.89 -19.21 -22.05
CA ARG A 241 -27.94 -18.37 -22.62
C ARG A 241 -28.49 -18.96 -23.93
N GLN A 242 -27.63 -19.46 -24.80
CA GLN A 242 -28.11 -19.99 -26.07
C GLN A 242 -29.01 -21.21 -25.88
N CYS A 243 -28.68 -22.05 -24.91
CA CYS A 243 -29.49 -23.20 -24.61
C CYS A 243 -30.81 -22.73 -24.05
N GLU A 244 -30.80 -21.69 -23.21
CA GLU A 244 -32.05 -21.21 -22.64
C GLU A 244 -32.96 -20.59 -23.70
N GLU A 245 -32.38 -19.92 -24.69
CA GLU A 245 -33.19 -19.30 -25.75
C GLU A 245 -33.91 -20.39 -26.52
N VAL A 246 -33.19 -21.46 -26.85
CA VAL A 246 -33.76 -22.56 -27.61
C VAL A 246 -34.85 -23.29 -26.85
N ALA A 247 -34.64 -23.56 -25.56
CA ALA A 247 -35.68 -24.19 -24.75
C ALA A 247 -36.93 -23.29 -24.66
N ARG A 248 -36.73 -21.98 -24.58
CA ARG A 248 -37.87 -21.07 -24.52
C ARG A 248 -38.64 -21.12 -25.84
N ALA A 249 -37.91 -21.01 -26.94
CA ALA A 249 -38.49 -21.04 -28.27
C ALA A 249 -39.30 -22.31 -28.52
N LEU A 250 -38.89 -23.43 -27.92
CA LEU A 250 -39.58 -24.69 -28.16
C LEU A 250 -40.61 -24.96 -27.10
N GLY A 251 -40.76 -24.00 -26.19
CA GLY A 251 -41.69 -24.11 -25.08
C GLY A 251 -41.34 -25.23 -24.11
N LYS A 252 -40.05 -25.53 -24.00
CA LYS A 252 -39.63 -26.60 -23.11
C LYS A 252 -38.94 -26.05 -21.88
N GLU A 253 -39.16 -26.72 -20.76
CA GLU A 253 -38.55 -26.35 -19.50
C GLU A 253 -37.02 -26.44 -19.56
N SER A 254 -36.51 -27.41 -20.34
CA SER A 254 -35.08 -27.60 -20.56
C SER A 254 -34.87 -28.45 -21.80
N LEU A 255 -33.64 -28.53 -22.28
CA LEU A 255 -33.35 -29.33 -23.44
C LEU A 255 -33.42 -30.83 -23.10
N ARG A 256 -33.53 -31.19 -21.81
CA ARG A 256 -33.71 -32.60 -21.44
C ARG A 256 -35.05 -33.11 -22.03
N GLU A 257 -36.00 -32.17 -22.13
CA GLU A 257 -37.35 -32.44 -22.64
C GLU A 257 -37.42 -32.47 -24.17
N VAL A 258 -36.36 -32.04 -24.82
CA VAL A 258 -36.27 -31.96 -26.30
C VAL A 258 -35.51 -33.12 -26.98
N GLN A 259 -36.10 -33.75 -27.99
CA GLN A 259 -35.43 -34.74 -28.83
C GLN A 259 -35.02 -34.21 -30.21
N LEU A 260 -34.08 -34.88 -30.88
CA LEU A 260 -33.59 -34.39 -32.18
C LEU A 260 -34.74 -34.15 -33.17
N GLU A 261 -35.72 -35.04 -33.12
CA GLU A 261 -36.84 -34.99 -34.04
C GLU A 261 -37.61 -33.69 -33.83
N GLU A 262 -37.91 -33.43 -32.57
CA GLU A 262 -38.64 -32.24 -32.16
C GLU A 262 -37.85 -30.99 -32.53
N LEU A 263 -36.55 -31.07 -32.34
CA LEU A 263 -35.65 -29.96 -32.63
C LEU A 263 -35.63 -29.64 -34.13
N GLU A 264 -35.58 -30.69 -34.95
CA GLU A 264 -35.43 -30.48 -36.39
C GLU A 264 -36.72 -29.92 -36.95
N ALA A 265 -37.83 -30.19 -36.28
CA ALA A 265 -39.11 -29.70 -36.77
C ALA A 265 -39.36 -28.26 -36.31
N ALA A 266 -38.46 -27.72 -35.49
CA ALA A 266 -38.66 -26.37 -34.98
C ALA A 266 -37.47 -25.57 -35.43
N ARG A 267 -36.81 -26.07 -36.47
CA ARG A 267 -35.59 -25.47 -37.01
C ARG A 267 -35.73 -24.00 -37.34
N ASP A 268 -36.94 -23.58 -37.66
CA ASP A 268 -37.19 -22.20 -38.05
C ASP A 268 -37.53 -21.32 -36.85
N LEU A 269 -37.48 -21.89 -35.65
CA LEU A 269 -37.80 -21.13 -34.45
C LEU A 269 -36.54 -20.63 -33.74
N VAL A 270 -35.37 -21.01 -34.21
CA VAL A 270 -34.14 -20.63 -33.51
C VAL A 270 -33.04 -20.31 -34.51
N SER A 271 -32.02 -19.62 -34.03
CA SER A 271 -30.87 -19.28 -34.85
C SER A 271 -30.16 -20.52 -35.35
N LYS A 272 -29.35 -20.36 -36.40
CA LYS A 272 -28.57 -21.46 -36.95
C LYS A 272 -27.59 -21.96 -35.90
N GLU A 273 -27.02 -21.02 -35.15
CA GLU A 273 -26.11 -21.30 -34.06
C GLU A 273 -26.83 -22.05 -32.95
N GLY A 274 -28.02 -21.57 -32.60
CA GLY A 274 -28.83 -22.23 -31.59
C GLY A 274 -29.18 -23.68 -31.90
N PHE A 275 -29.53 -23.93 -33.15
CA PHE A 275 -29.80 -25.29 -33.59
C PHE A 275 -28.59 -26.18 -33.30
N ARG A 276 -27.39 -25.70 -33.67
CA ARG A 276 -26.14 -26.45 -33.47
C ARG A 276 -25.85 -26.73 -31.99
N ARG A 277 -26.10 -25.72 -31.16
CA ARG A 277 -25.90 -25.90 -29.72
C ARG A 277 -26.82 -26.98 -29.19
N ALA A 278 -28.11 -26.87 -29.49
CA ALA A 278 -29.11 -27.79 -28.98
C ALA A 278 -28.99 -29.21 -29.58
N ARG A 279 -28.49 -29.33 -30.80
CA ARG A 279 -28.27 -30.65 -31.41
C ARG A 279 -27.19 -31.37 -30.62
N HIS A 280 -26.09 -30.65 -30.31
CA HIS A 280 -25.10 -31.21 -29.39
C HIS A 280 -25.78 -31.72 -28.11
N VAL A 281 -26.59 -30.89 -27.49
CA VAL A 281 -27.04 -31.15 -26.13
C VAL A 281 -27.92 -32.40 -26.07
N VAL A 282 -28.88 -32.42 -27.00
CA VAL A 282 -29.82 -33.55 -27.10
C VAL A 282 -29.09 -34.85 -27.42
N GLY A 283 -28.13 -34.78 -28.33
CA GLY A 283 -27.29 -35.91 -28.69
C GLY A 283 -26.39 -36.40 -27.54
N GLU A 284 -25.81 -35.45 -26.82
CA GLU A 284 -24.93 -35.78 -25.68
C GLU A 284 -25.71 -36.45 -24.56
N ILE A 285 -26.93 -36.00 -24.30
CA ILE A 285 -27.72 -36.69 -23.31
C ILE A 285 -27.93 -38.19 -23.70
N ARG A 286 -28.30 -38.43 -24.95
CA ARG A 286 -28.48 -39.81 -25.44
C ARG A 286 -27.16 -40.57 -25.37
N ARG A 287 -26.07 -39.95 -25.81
CA ARG A 287 -24.77 -40.61 -25.74
C ARG A 287 -24.37 -40.98 -24.30
N THR A 288 -24.78 -40.18 -23.33
CA THR A 288 -24.37 -40.41 -21.92
C THR A 288 -25.17 -41.61 -21.38
N ALA A 289 -26.46 -41.66 -21.73
CA ALA A 289 -27.25 -42.87 -21.40
C ALA A 289 -26.63 -44.11 -22.06
N GLN A 290 -26.25 -44.01 -23.32
CA GLN A 290 -25.68 -45.17 -24.03
C GLN A 290 -24.33 -45.59 -23.47
N ALA A 291 -23.54 -44.59 -23.07
CA ALA A 291 -22.20 -44.82 -22.51
C ALA A 291 -22.24 -45.50 -21.15
N ALA A 292 -23.22 -45.10 -20.32
CA ALA A 292 -23.44 -45.69 -19.04
C ALA A 292 -23.83 -47.16 -19.23
N ALA A 293 -24.64 -47.43 -20.24
CA ALA A 293 -25.06 -48.83 -20.49
C ALA A 293 -23.85 -49.63 -20.95
N ALA A 294 -23.05 -49.06 -21.85
CA ALA A 294 -21.84 -49.73 -22.32
C ALA A 294 -20.84 -50.02 -21.21
N LEU A 295 -20.58 -49.06 -20.32
CA LEU A 295 -19.66 -49.29 -19.22
C LEU A 295 -20.06 -50.44 -18.33
N ARG A 296 -21.36 -50.51 -18.05
CA ARG A 296 -21.89 -51.52 -17.16
C ARG A 296 -21.65 -52.93 -17.70
N ARG A 297 -21.80 -53.10 -19.01
CA ARG A 297 -21.64 -54.44 -19.60
C ARG A 297 -20.21 -54.67 -20.03
N GLY A 298 -19.33 -53.77 -19.63
CA GLY A 298 -17.92 -53.89 -19.92
C GLY A 298 -17.56 -53.61 -21.35
N ASP A 299 -18.45 -52.95 -22.09
CA ASP A 299 -18.17 -52.64 -23.49
C ASP A 299 -17.38 -51.32 -23.70
N TYR A 300 -16.09 -51.40 -23.51
CA TYR A 300 -15.19 -50.25 -23.59
C TYR A 300 -15.02 -49.79 -25.03
N ARG A 301 -15.04 -50.73 -25.99
CA ARG A 301 -14.87 -50.30 -27.37
C ARG A 301 -16.01 -49.37 -27.77
N ALA A 302 -17.23 -49.70 -27.33
CA ALA A 302 -18.39 -48.88 -27.64
C ALA A 302 -18.37 -47.58 -26.83
N PHE A 303 -17.95 -47.71 -25.58
CA PHE A 303 -17.83 -46.52 -24.72
C PHE A 303 -16.90 -45.50 -25.42
N GLY A 304 -15.77 -45.99 -25.92
CA GLY A 304 -14.80 -45.14 -26.58
C GLY A 304 -15.32 -44.50 -27.85
N ARG A 305 -16.12 -45.23 -28.62
CA ARG A 305 -16.75 -44.65 -29.81
C ARG A 305 -17.68 -43.48 -29.45
N LEU A 306 -18.44 -43.62 -28.37
CA LEU A 306 -19.37 -42.59 -27.92
C LEU A 306 -18.59 -41.32 -27.44
N MET A 307 -17.46 -41.58 -26.81
CA MET A 307 -16.53 -40.47 -26.39
C MET A 307 -16.09 -39.67 -27.61
N VAL A 308 -15.76 -40.39 -28.71
CA VAL A 308 -15.26 -39.71 -29.90
C VAL A 308 -16.39 -38.89 -30.51
N GLU A 309 -17.61 -39.42 -30.54
CA GLU A 309 -18.76 -38.70 -31.05
C GLU A 309 -19.08 -37.46 -30.21
N SER A 310 -18.85 -37.59 -28.91
CA SER A 310 -19.01 -36.46 -27.99
C SER A 310 -18.01 -35.35 -28.35
N HIS A 311 -16.75 -35.72 -28.58
CA HIS A 311 -15.75 -34.70 -28.97
C HIS A 311 -16.10 -34.02 -30.27
N ARG A 312 -16.51 -34.80 -31.26
CA ARG A 312 -16.86 -34.21 -32.53
C ARG A 312 -18.03 -33.26 -32.46
N SER A 313 -19.02 -33.64 -31.64
CA SER A 313 -20.16 -32.81 -31.39
C SER A 313 -19.72 -31.51 -30.66
N LEU A 314 -18.86 -31.67 -29.66
CA LEU A 314 -18.34 -30.49 -28.92
C LEU A 314 -17.54 -29.53 -29.82
N ARG A 315 -16.78 -30.12 -30.74
CA ARG A 315 -15.90 -29.38 -31.63
C ARG A 315 -16.71 -28.62 -32.67
N ASP A 316 -17.68 -29.32 -33.26
CA ASP A 316 -18.33 -28.81 -34.44
C ASP A 316 -19.67 -28.17 -34.21
N ASP A 317 -20.44 -28.66 -33.24
CA ASP A 317 -21.80 -28.16 -32.99
C ASP A 317 -21.82 -27.19 -31.79
N TYR A 318 -21.18 -27.58 -30.71
CA TYR A 318 -21.22 -26.72 -29.54
C TYR A 318 -20.10 -25.68 -29.67
N GLU A 319 -19.09 -26.02 -30.47
CA GLU A 319 -17.98 -25.13 -30.73
C GLU A 319 -17.28 -24.65 -29.47
N VAL A 320 -16.80 -25.61 -28.68
CA VAL A 320 -16.12 -25.26 -27.44
C VAL A 320 -14.83 -26.00 -27.35
N SER A 321 -14.41 -26.63 -28.43
CA SER A 321 -13.08 -27.18 -28.44
C SER A 321 -12.08 -26.08 -28.81
N CYS A 322 -10.86 -26.48 -29.10
CA CYS A 322 -9.87 -25.52 -29.60
C CYS A 322 -8.81 -26.32 -30.31
N PRO A 323 -7.95 -25.66 -31.13
CA PRO A 323 -6.93 -26.42 -31.87
C PRO A 323 -6.06 -27.33 -31.01
N GLU A 324 -5.70 -26.87 -29.81
CA GLU A 324 -4.88 -27.62 -28.86
C GLU A 324 -5.58 -28.93 -28.42
N LEU A 325 -6.84 -28.82 -28.01
CA LEU A 325 -7.57 -30.01 -27.56
C LEU A 325 -7.76 -30.94 -28.77
N ASP A 326 -8.09 -30.38 -29.93
CA ASP A 326 -8.32 -31.21 -31.15
C ASP A 326 -7.12 -32.01 -31.57
N GLN A 327 -5.96 -31.36 -31.52
CA GLN A 327 -4.68 -31.99 -31.78
C GLN A 327 -4.44 -33.07 -30.74
N LEU A 328 -4.75 -32.77 -29.48
CA LEU A 328 -4.60 -33.81 -28.44
C LEU A 328 -5.45 -35.05 -28.74
N VAL A 329 -6.69 -34.82 -29.12
CA VAL A 329 -7.63 -35.93 -29.37
C VAL A 329 -7.22 -36.70 -30.62
N GLU A 330 -6.82 -36.00 -31.66
CA GLU A 330 -6.55 -36.69 -32.92
C GLU A 330 -5.30 -37.53 -32.73
N ALA A 331 -4.39 -37.08 -31.86
CA ALA A 331 -3.20 -37.84 -31.57
C ALA A 331 -3.48 -39.09 -30.74
N ALA A 332 -4.35 -38.97 -29.74
CA ALA A 332 -4.70 -40.11 -28.89
C ALA A 332 -5.33 -41.23 -29.68
N LEU A 333 -6.20 -40.85 -30.63
CA LEU A 333 -7.01 -41.82 -31.38
C LEU A 333 -6.18 -42.58 -32.41
N ALA A 334 -4.95 -42.10 -32.67
CA ALA A 334 -4.04 -42.76 -33.58
C ALA A 334 -3.19 -43.76 -32.84
N VAL A 335 -3.36 -43.88 -31.53
CA VAL A 335 -2.56 -44.85 -30.77
C VAL A 335 -3.28 -46.20 -30.59
N PRO A 336 -2.62 -47.31 -30.99
CA PRO A 336 -3.21 -48.67 -30.83
C PRO A 336 -3.53 -48.96 -29.37
N GLY A 337 -4.73 -49.45 -29.07
CA GLY A 337 -5.11 -49.75 -27.70
C GLY A 337 -6.00 -48.67 -27.05
N VAL A 338 -6.13 -47.53 -27.73
CA VAL A 338 -6.97 -46.45 -27.26
C VAL A 338 -8.39 -46.70 -27.73
N TYR A 339 -9.34 -46.71 -26.79
CA TYR A 339 -10.73 -46.93 -27.13
C TYR A 339 -11.41 -45.65 -27.55
N GLY A 340 -11.10 -44.51 -26.90
CA GLY A 340 -11.73 -43.31 -27.36
C GLY A 340 -11.07 -42.14 -26.59
N SER A 341 -11.22 -40.92 -27.11
CA SER A 341 -10.64 -39.72 -26.45
C SER A 341 -11.51 -38.53 -26.78
N ARG A 342 -11.54 -37.53 -25.88
CA ARG A 342 -12.37 -36.39 -26.11
C ARG A 342 -11.91 -35.28 -25.13
N MET A 343 -12.19 -34.04 -25.47
CA MET A 343 -12.02 -32.94 -24.44
C MET A 343 -12.98 -33.23 -23.25
N THR A 344 -12.61 -32.76 -22.06
CA THR A 344 -13.41 -32.95 -20.86
C THR A 344 -13.53 -31.56 -20.22
N GLY A 345 -14.63 -31.32 -19.50
CA GLY A 345 -14.87 -30.04 -18.86
C GLY A 345 -15.44 -29.00 -19.82
N GLY A 346 -15.18 -27.73 -19.53
CA GLY A 346 -15.82 -26.66 -20.26
C GLY A 346 -15.28 -26.42 -21.65
N GLY A 347 -14.01 -26.76 -21.89
CA GLY A 347 -13.41 -26.57 -23.21
C GLY A 347 -12.62 -25.28 -23.33
N PHE A 348 -12.19 -24.95 -24.56
CA PHE A 348 -11.33 -23.77 -24.85
C PHE A 348 -9.98 -23.86 -24.08
N GLY A 349 -9.58 -25.10 -23.81
CA GLY A 349 -8.35 -25.43 -23.08
C GLY A 349 -8.59 -26.54 -22.09
N GLY A 350 -7.70 -26.68 -21.11
CA GLY A 350 -7.81 -27.71 -20.09
C GLY A 350 -7.43 -29.11 -20.62
N CYS A 351 -8.18 -30.12 -20.20
CA CYS A 351 -7.74 -31.50 -20.38
C CYS A 351 -8.55 -32.30 -21.40
N THR A 352 -7.93 -33.34 -21.94
CA THR A 352 -8.70 -34.39 -22.60
C THR A 352 -8.72 -35.62 -21.73
N VAL A 353 -9.70 -36.50 -21.99
CA VAL A 353 -9.79 -37.75 -21.28
C VAL A 353 -9.78 -38.86 -22.32
N THR A 354 -9.01 -39.88 -22.04
CA THR A 354 -8.80 -41.01 -22.95
C THR A 354 -9.02 -42.32 -22.23
N LEU A 355 -9.87 -43.18 -22.80
CA LEU A 355 -10.06 -44.53 -22.27
C LEU A 355 -9.22 -45.47 -23.14
N LEU A 356 -8.34 -46.25 -22.52
CA LEU A 356 -7.43 -47.11 -23.25
C LEU A 356 -7.08 -48.39 -22.50
N GLU A 357 -6.62 -49.42 -23.23
CA GLU A 357 -5.97 -50.58 -22.61
C GLU A 357 -4.83 -50.10 -21.74
N ALA A 358 -4.73 -50.61 -20.51
CA ALA A 358 -3.75 -50.13 -19.55
C ALA A 358 -2.31 -50.18 -20.09
N SER A 359 -2.00 -51.27 -20.78
CA SER A 359 -0.67 -51.50 -21.34
C SER A 359 -0.34 -50.43 -22.38
N ALA A 360 -1.36 -49.91 -23.04
CA ALA A 360 -1.14 -48.91 -24.09
C ALA A 360 -0.74 -47.52 -23.50
N ALA A 361 -0.81 -47.36 -22.19
CA ALA A 361 -0.68 -45.99 -21.66
C ALA A 361 0.66 -45.29 -21.95
N PRO A 362 1.80 -46.01 -21.81
CA PRO A 362 3.04 -45.29 -22.08
C PRO A 362 3.24 -44.97 -23.56
N HIS A 363 2.69 -45.79 -24.45
CA HIS A 363 2.72 -45.45 -25.87
C HIS A 363 1.87 -44.23 -26.19
N ALA A 364 0.73 -44.12 -25.52
CA ALA A 364 -0.16 -43.01 -25.79
C ALA A 364 0.54 -41.73 -25.37
N MET A 365 1.23 -41.81 -24.25
CA MET A 365 1.89 -40.63 -23.71
C MET A 365 3.04 -40.16 -24.60
N ARG A 366 3.88 -41.08 -25.05
CA ARG A 366 4.96 -40.68 -25.96
C ARG A 366 4.37 -40.05 -27.23
N HIS A 367 3.38 -40.71 -27.83
CA HIS A 367 2.83 -40.25 -29.11
C HIS A 367 2.07 -38.94 -28.98
N ILE A 368 1.26 -38.82 -27.92
CA ILE A 368 0.44 -37.62 -27.78
C ILE A 368 1.40 -36.45 -27.62
N GLN A 369 2.41 -36.61 -26.77
CA GLN A 369 3.37 -35.53 -26.56
C GLN A 369 4.07 -35.16 -27.87
N GLU A 370 4.46 -36.15 -28.68
CA GLU A 370 5.20 -35.79 -29.88
C GLU A 370 4.34 -35.05 -30.91
N HIS A 371 3.04 -35.37 -31.00
CA HIS A 371 2.23 -34.70 -31.98
C HIS A 371 1.60 -33.45 -31.39
N TYR A 372 1.96 -33.11 -30.16
CA TYR A 372 1.39 -31.93 -29.55
C TYR A 372 2.41 -30.80 -29.62
N GLY A 373 2.03 -29.71 -30.28
CA GLY A 373 2.88 -28.54 -30.48
C GLY A 373 3.21 -27.76 -29.22
N GLY A 374 2.45 -28.01 -28.15
CA GLY A 374 2.69 -27.44 -26.83
C GLY A 374 3.34 -28.43 -25.89
N THR A 375 3.29 -28.16 -24.60
CA THR A 375 3.79 -29.13 -23.61
C THR A 375 2.67 -29.80 -22.83
N ALA A 376 2.47 -31.10 -23.04
CA ALA A 376 1.44 -31.83 -22.34
C ALA A 376 1.88 -32.34 -20.99
N THR A 377 0.91 -32.35 -20.09
CA THR A 377 1.01 -33.00 -18.79
C THR A 377 0.01 -34.16 -18.68
N PHE A 378 0.44 -35.26 -18.04
CA PHE A 378 -0.38 -36.47 -17.95
C PHE A 378 -0.72 -36.94 -16.55
N TYR A 379 -1.93 -37.43 -16.37
CA TYR A 379 -2.33 -38.20 -15.19
C TYR A 379 -2.99 -39.53 -15.58
N LEU A 380 -2.58 -40.59 -14.91
CA LEU A 380 -3.27 -41.85 -14.99
C LEU A 380 -4.06 -41.99 -13.71
N SER A 381 -5.39 -41.93 -13.77
CA SER A 381 -6.08 -41.93 -12.50
C SER A 381 -7.12 -43.01 -12.45
N GLN A 382 -7.26 -43.63 -11.28
CA GLN A 382 -8.38 -44.46 -10.95
C GLN A 382 -9.55 -43.62 -10.46
N ALA A 383 -10.72 -44.22 -10.38
CA ALA A 383 -11.89 -43.57 -9.79
C ALA A 383 -11.68 -43.45 -8.29
N ALA A 384 -11.82 -42.24 -7.75
CA ALA A 384 -11.45 -42.05 -6.36
C ALA A 384 -12.68 -41.78 -5.49
N ASP A 385 -12.52 -41.84 -4.17
CA ASP A 385 -13.50 -41.39 -3.19
C ASP A 385 -13.79 -39.88 -3.30
N GLY A 386 -14.94 -39.45 -2.82
CA GLY A 386 -15.29 -38.04 -2.79
C GLY A 386 -14.87 -37.49 -1.44
N ALA A 387 -15.62 -36.52 -0.94
CA ALA A 387 -15.17 -35.78 0.29
C ALA A 387 -15.02 -36.72 1.51
N LYS A 388 -13.96 -36.51 2.30
CA LYS A 388 -13.63 -37.33 3.45
C LYS A 388 -13.19 -36.48 4.63
N VAL A 389 -13.31 -37.05 5.81
CA VAL A 389 -12.96 -36.34 7.11
C VAL A 389 -12.07 -37.22 7.93
N LEU A 390 -11.05 -36.63 8.58
CA LEU A 390 -10.21 -37.39 9.47
C LEU A 390 -9.96 -36.55 10.71
N CYS A 391 -10.43 -37.00 11.88
CA CYS A 391 -10.15 -36.24 13.11
C CYS A 391 -8.69 -36.37 13.49
N LEU A 392 -8.09 -35.27 13.94
CA LEU A 392 -6.67 -35.32 14.24
C LEU A 392 -6.50 -35.13 15.74
N ALA B 3 34.56 -8.35 16.83
CA ALA B 3 33.54 -9.19 16.18
C ALA B 3 32.31 -9.41 17.09
N LEU B 4 32.41 -8.93 18.32
CA LEU B 4 31.32 -8.97 19.30
C LEU B 4 30.28 -7.83 19.20
N ARG B 5 30.49 -6.82 18.38
CA ARG B 5 29.57 -5.65 18.33
C ARG B 5 28.79 -5.51 17.01
N GLN B 6 27.61 -4.88 17.05
CA GLN B 6 26.82 -4.62 15.84
C GLN B 6 25.56 -3.78 16.08
N PRO B 7 25.47 -2.58 15.49
CA PRO B 7 24.13 -1.96 15.40
C PRO B 7 23.77 -1.30 14.05
N GLN B 8 22.58 -1.57 13.50
CA GLN B 8 22.10 -0.93 12.24
C GLN B 8 20.65 -0.44 12.40
N VAL B 9 20.18 0.43 11.49
CA VAL B 9 18.84 1.04 11.57
C VAL B 9 18.09 1.12 10.25
N ALA B 10 18.77 1.55 9.20
CA ALA B 10 18.13 1.68 7.90
C ALA B 10 17.72 0.27 7.44
N GLU B 11 18.55 -0.69 7.83
CA GLU B 11 18.38 -2.10 7.51
C GLU B 11 17.14 -2.67 8.20
N LEU B 12 16.97 -2.32 9.47
CA LEU B 12 15.81 -2.76 10.24
C LEU B 12 14.50 -2.33 9.60
N LEU B 13 14.45 -1.08 9.20
CA LEU B 13 13.28 -0.56 8.53
C LEU B 13 13.02 -1.25 7.17
N ALA B 14 14.07 -1.38 6.38
CA ALA B 14 13.96 -2.01 5.05
C ALA B 14 13.49 -3.43 5.21
N GLU B 15 14.04 -4.08 6.23
CA GLU B 15 13.71 -5.44 6.54
C GLU B 15 12.23 -5.56 6.83
N ALA B 16 11.71 -4.63 7.63
CA ALA B 16 10.30 -4.61 7.99
C ALA B 16 9.42 -4.37 6.79
N ARG B 17 9.86 -3.51 5.89
CA ARG B 17 9.02 -3.14 4.77
C ARG B 17 8.90 -4.29 3.78
N ARG B 18 10.01 -4.95 3.50
CA ARG B 18 9.98 -6.15 2.63
C ARG B 18 9.10 -7.25 3.21
N ALA B 19 9.30 -7.52 4.48
CA ALA B 19 8.55 -8.56 5.14
C ALA B 19 7.08 -8.25 5.06
N PHE B 20 6.71 -6.97 5.20
CA PHE B 20 5.31 -6.60 5.14
C PHE B 20 4.74 -6.80 3.74
N ARG B 21 5.45 -6.35 2.73
CA ARG B 21 4.91 -6.47 1.34
C ARG B 21 4.68 -7.93 0.97
N GLU B 22 5.58 -8.79 1.44
CA GLU B 22 5.50 -10.22 1.17
C GLU B 22 4.33 -10.82 1.97
N GLU B 23 4.22 -10.48 3.26
CA GLU B 23 3.17 -11.07 4.09
C GLU B 23 1.77 -10.68 3.68
N PHE B 24 1.59 -9.44 3.30
CA PHE B 24 0.28 -8.89 3.15
C PHE B 24 -0.10 -8.52 1.72
N GLY B 25 0.86 -8.61 0.82
CA GLY B 25 0.53 -8.37 -0.60
C GLY B 25 0.53 -6.93 -1.09
N ALA B 26 0.90 -5.98 -0.21
CA ALA B 26 0.90 -4.58 -0.59
C ALA B 26 1.94 -3.80 0.26
N GLU B 27 2.31 -2.61 -0.19
CA GLU B 27 3.27 -1.81 0.57
C GLU B 27 2.66 -1.30 1.89
N PRO B 28 3.47 -1.23 3.00
CA PRO B 28 2.87 -0.58 4.17
C PRO B 28 2.75 0.94 4.01
N GLU B 29 1.71 1.49 4.64
CA GLU B 29 1.38 2.90 4.56
C GLU B 29 2.17 3.72 5.58
N LEU B 30 2.61 3.09 6.67
CA LEU B 30 3.23 3.80 7.82
C LEU B 30 4.41 3.09 8.43
N ALA B 31 5.40 3.84 8.97
CA ALA B 31 6.44 3.27 9.83
C ALA B 31 6.55 4.10 11.13
N VAL B 32 6.78 3.42 12.23
CA VAL B 32 7.06 4.09 13.53
C VAL B 32 8.16 3.34 14.19
N SER B 33 8.85 4.00 15.11
CA SER B 33 9.85 3.31 15.90
C SER B 33 9.78 3.89 17.31
N ALA B 34 10.23 3.08 18.27
CA ALA B 34 10.49 3.52 19.64
C ALA B 34 11.71 2.76 20.14
N PRO B 35 12.58 3.46 20.87
CA PRO B 35 13.87 2.88 21.26
C PRO B 35 13.81 2.07 22.50
N GLY B 36 14.82 1.23 22.68
CA GLY B 36 15.10 0.71 23.99
C GLY B 36 15.84 1.77 24.79
N ARG B 37 16.31 1.41 25.97
CA ARG B 37 16.83 2.39 26.95
C ARG B 37 18.00 1.78 27.71
N VAL B 38 18.90 2.65 28.23
CA VAL B 38 19.80 2.31 29.32
C VAL B 38 19.56 3.31 30.45
N ASN B 39 19.53 2.86 31.69
CA ASN B 39 19.39 3.80 32.77
C ASN B 39 20.78 4.15 33.29
N LEU B 40 21.16 5.42 33.23
CA LEU B 40 22.52 5.80 33.68
C LEU B 40 22.64 5.66 35.18
N ILE B 41 21.63 6.09 35.90
CA ILE B 41 21.66 5.98 37.34
C ILE B 41 20.27 6.26 37.79
N GLY B 42 19.95 5.85 39.01
CA GLY B 42 18.58 6.00 39.48
C GLY B 42 17.83 4.68 39.27
N GLU B 43 18.36 3.63 39.86
CA GLU B 43 17.81 2.27 39.74
C GLU B 43 16.91 1.90 40.90
N HIS B 44 15.78 1.30 40.54
CA HIS B 44 14.72 0.94 41.46
C HIS B 44 14.25 2.16 42.26
N THR B 45 14.22 3.32 41.60
CA THR B 45 13.59 4.50 42.18
C THR B 45 12.27 4.92 41.54
N ASP B 46 11.98 4.51 40.30
CA ASP B 46 10.83 5.13 39.68
C ASP B 46 9.51 4.80 40.40
N TYR B 47 9.29 3.56 40.85
CA TYR B 47 8.04 3.20 41.54
C TYR B 47 7.99 3.67 43.00
N ASN B 48 9.08 4.29 43.39
CA ASN B 48 9.24 4.95 44.69
C ASN B 48 9.08 6.46 44.57
N GLN B 49 8.49 6.87 43.45
CA GLN B 49 8.26 8.28 43.14
C GLN B 49 9.53 9.07 43.15
N GLY B 50 10.60 8.40 42.74
CA GLY B 50 11.97 8.87 42.75
C GLY B 50 12.47 9.64 41.55
N LEU B 51 13.77 9.57 41.31
CA LEU B 51 14.40 10.21 40.17
C LEU B 51 15.16 9.20 39.35
N VAL B 52 15.09 9.31 38.03
CA VAL B 52 15.88 8.43 37.23
C VAL B 52 16.57 9.18 36.13
N LEU B 53 17.64 8.62 35.62
CA LEU B 53 18.34 9.32 34.57
C LEU B 53 18.65 8.40 33.42
N PRO B 54 17.60 7.95 32.70
CA PRO B 54 17.89 7.14 31.55
C PRO B 54 18.29 7.91 30.32
N MET B 55 18.73 7.13 29.35
CA MET B 55 18.99 7.58 27.98
C MET B 55 18.41 6.60 26.92
N ALA B 56 17.88 7.09 25.81
CA ALA B 56 17.34 6.27 24.71
C ALA B 56 18.45 5.74 23.83
N LEU B 57 18.26 4.54 23.29
CA LEU B 57 19.26 3.84 22.45
C LEU B 57 18.95 3.85 20.99
N GLU B 58 19.96 3.56 20.16
CA GLU B 58 19.71 3.38 18.74
C GLU B 58 19.18 1.94 18.51
N LEU B 59 19.11 1.16 19.58
CA LEU B 59 18.41 -0.12 19.42
C LEU B 59 16.94 0.20 19.59
N MET B 60 16.11 -0.35 18.70
CA MET B 60 14.72 0.03 18.65
C MET B 60 13.80 -1.09 18.14
N THR B 61 12.52 -0.86 18.35
CA THR B 61 11.44 -1.64 17.75
C THR B 61 10.78 -0.81 16.64
N VAL B 62 10.50 -1.44 15.48
CA VAL B 62 9.91 -0.70 14.39
C VAL B 62 8.58 -1.40 14.06
N LEU B 63 7.49 -0.67 13.86
CA LEU B 63 6.28 -1.25 13.28
C LEU B 63 6.11 -0.57 11.93
N VAL B 64 5.88 -1.36 10.89
CA VAL B 64 5.34 -0.85 9.61
C VAL B 64 3.98 -1.52 9.39
N GLY B 65 3.04 -0.78 8.83
CA GLY B 65 1.69 -1.30 8.70
C GLY B 65 0.73 -0.37 8.03
N SER B 66 -0.54 -0.76 8.08
CA SER B 66 -1.62 -0.07 7.37
C SER B 66 -2.89 -0.35 8.06
N PRO B 67 -3.81 0.60 7.97
CA PRO B 67 -5.13 0.39 8.53
C PRO B 67 -5.91 -0.65 7.71
N ARG B 68 -6.83 -1.33 8.38
CA ARG B 68 -7.72 -2.31 7.75
C ARG B 68 -9.13 -1.80 7.90
N LYS B 69 -10.06 -2.37 7.13
CA LYS B 69 -11.43 -1.89 7.21
C LYS B 69 -12.35 -2.84 7.96
N ASP B 70 -11.83 -4.00 8.34
CA ASP B 70 -12.65 -5.08 8.95
C ASP B 70 -12.55 -5.21 10.46
N GLY B 71 -11.92 -4.24 11.12
CA GLY B 71 -11.90 -4.28 12.55
C GLY B 71 -11.04 -5.40 13.08
N LEU B 72 -10.14 -5.92 12.24
CA LEU B 72 -9.23 -6.97 12.70
C LEU B 72 -7.81 -6.46 12.84
N VAL B 73 -7.07 -7.10 13.73
CA VAL B 73 -5.64 -6.83 13.82
C VAL B 73 -4.85 -8.04 13.35
N SER B 74 -3.97 -7.83 12.41
CA SER B 74 -3.18 -8.92 11.92
C SER B 74 -1.69 -8.58 12.03
N LEU B 75 -0.99 -9.37 12.84
CA LEU B 75 0.42 -9.04 13.19
C LEU B 75 1.35 -10.12 12.73
N LEU B 76 2.56 -9.72 12.32
CA LEU B 76 3.66 -10.64 12.05
C LEU B 76 4.88 -10.07 12.73
N THR B 77 5.56 -10.86 13.55
CA THR B 77 6.86 -10.41 14.03
C THR B 77 7.94 -11.25 13.36
N THR B 78 9.06 -10.61 13.10
CA THR B 78 10.26 -11.17 12.52
C THR B 78 11.38 -11.33 13.57
N SER B 79 11.16 -10.87 14.79
CA SER B 79 12.25 -10.93 15.78
C SER B 79 12.64 -12.36 16.09
N GLU B 80 13.94 -12.66 15.97
CA GLU B 80 14.43 -14.03 16.01
C GLU B 80 14.04 -14.75 17.30
N GLY B 81 14.14 -14.04 18.42
CA GLY B 81 13.85 -14.61 19.71
C GLY B 81 12.39 -14.60 20.14
N ALA B 82 11.51 -14.07 19.31
CA ALA B 82 10.08 -14.07 19.66
C ALA B 82 9.56 -15.51 19.79
N ASP B 83 8.67 -15.75 20.76
CA ASP B 83 8.08 -17.07 20.96
C ASP B 83 7.00 -17.36 19.91
N GLU B 84 6.85 -18.65 19.53
CA GLU B 84 5.89 -19.07 18.50
C GLU B 84 4.42 -18.96 18.88
N PRO B 85 3.55 -18.70 17.91
CA PRO B 85 3.83 -18.39 16.51
C PRO B 85 4.29 -16.97 16.30
N GLN B 86 4.81 -16.73 15.09
CA GLN B 86 5.26 -15.40 14.74
C GLN B 86 4.10 -14.56 14.28
N ARG B 87 2.91 -15.16 14.14
CA ARG B 87 1.78 -14.37 13.68
C ARG B 87 0.65 -14.47 14.67
N LEU B 88 -0.21 -13.46 14.68
CA LEU B 88 -1.41 -13.53 15.51
C LEU B 88 -2.39 -12.54 14.93
N GLN B 89 -3.67 -12.95 14.91
CA GLN B 89 -4.72 -12.09 14.49
C GLN B 89 -5.79 -12.16 15.54
N PHE B 90 -6.45 -11.03 15.74
CA PHE B 90 -7.49 -10.94 16.73
C PHE B 90 -8.33 -9.76 16.33
N PRO B 91 -9.63 -9.82 16.68
CA PRO B 91 -10.50 -8.67 16.44
C PRO B 91 -10.17 -7.54 17.48
N LEU B 92 -10.44 -6.30 17.13
CA LEU B 92 -10.34 -5.18 18.07
C LEU B 92 -11.25 -5.48 19.25
N PRO B 93 -10.84 -5.05 20.45
CA PRO B 93 -11.76 -5.20 21.59
C PRO B 93 -12.97 -4.28 21.42
N THR B 94 -14.07 -4.69 22.05
CA THR B 94 -15.35 -3.98 22.03
C THR B 94 -15.80 -3.92 23.48
N ALA B 95 -16.79 -3.08 23.76
CA ALA B 95 -17.33 -2.96 25.11
C ALA B 95 -17.88 -4.30 25.56
N GLN B 96 -18.30 -5.12 24.60
CA GLN B 96 -18.73 -6.48 24.88
C GLN B 96 -17.54 -7.41 25.14
N ARG B 97 -16.57 -7.42 24.22
CA ARG B 97 -15.44 -8.35 24.35
C ARG B 97 -14.04 -7.68 24.41
N SER B 98 -13.35 -7.82 25.53
CA SER B 98 -11.99 -7.29 25.67
C SER B 98 -10.93 -8.30 25.19
N LEU B 99 -9.70 -7.83 25.02
CA LEU B 99 -8.60 -8.72 24.64
C LEU B 99 -8.12 -9.41 25.88
N GLU B 100 -7.38 -10.50 25.72
CA GLU B 100 -6.84 -11.12 26.92
C GLU B 100 -5.43 -11.57 26.65
N PRO B 101 -4.59 -11.56 27.70
CA PRO B 101 -3.22 -12.03 27.47
C PRO B 101 -3.19 -13.52 27.21
N GLY B 102 -2.21 -13.97 26.44
CA GLY B 102 -2.10 -15.39 26.13
C GLY B 102 -0.86 -15.66 25.34
N THR B 103 -1.03 -16.46 24.29
CA THR B 103 0.06 -16.96 23.46
C THR B 103 -0.12 -16.43 22.05
N PRO B 104 0.98 -15.99 21.44
CA PRO B 104 2.35 -15.84 21.94
C PRO B 104 2.52 -14.61 22.90
N ARG B 105 3.54 -14.65 23.76
CA ARG B 105 3.78 -13.62 24.77
C ARG B 105 4.13 -12.28 24.13
N TRP B 106 4.82 -12.32 22.98
CA TRP B 106 5.28 -11.05 22.40
C TRP B 106 4.07 -10.22 22.05
N ALA B 107 2.99 -10.88 21.66
CA ALA B 107 1.83 -10.12 21.22
C ALA B 107 1.05 -9.48 22.38
N ASN B 108 1.26 -9.93 23.60
CA ASN B 108 0.54 -9.43 24.75
C ASN B 108 0.82 -7.95 24.94
N TYR B 109 2.02 -7.53 24.56
CA TYR B 109 2.38 -6.12 24.72
C TYR B 109 1.56 -5.29 23.75
N VAL B 110 1.42 -5.80 22.53
CA VAL B 110 0.65 -5.08 21.56
C VAL B 110 -0.82 -5.10 21.97
N LYS B 111 -1.33 -6.29 22.35
CA LYS B 111 -2.72 -6.36 22.78
C LYS B 111 -3.03 -5.40 23.96
N GLY B 112 -2.14 -5.36 24.95
CA GLY B 112 -2.38 -4.51 26.10
C GLY B 112 -2.51 -3.05 25.70
N VAL B 113 -1.64 -2.62 24.82
CA VAL B 113 -1.72 -1.22 24.42
C VAL B 113 -3.01 -0.89 23.65
N ILE B 114 -3.39 -1.77 22.73
CA ILE B 114 -4.69 -1.57 22.09
C ILE B 114 -5.85 -1.54 23.08
N GLN B 115 -5.85 -2.48 24.01
CA GLN B 115 -6.89 -2.61 25.05
C GLN B 115 -7.08 -1.33 25.83
N TYR B 116 -5.97 -0.68 26.18
CA TYR B 116 -6.04 0.53 26.99
C TYR B 116 -5.89 1.84 26.23
N TYR B 117 -5.93 1.75 24.89
CA TYR B 117 -5.78 2.95 24.07
C TYR B 117 -6.95 3.89 24.32
N PRO B 118 -6.65 5.17 24.60
CA PRO B 118 -7.72 6.03 25.11
C PRO B 118 -8.62 6.66 24.05
N ALA B 119 -8.25 6.61 22.78
CA ALA B 119 -8.98 7.34 21.76
C ALA B 119 -9.73 6.39 20.81
N ALA B 120 -10.78 6.93 20.21
CA ALA B 120 -11.68 6.20 19.31
C ALA B 120 -12.13 7.13 18.17
N PRO B 121 -12.51 6.59 17.00
CA PRO B 121 -12.58 5.17 16.71
C PRO B 121 -11.24 4.60 16.24
N LEU B 122 -10.82 3.50 16.84
CA LEU B 122 -9.61 2.83 16.37
C LEU B 122 -9.92 1.73 15.31
N PRO B 123 -9.44 1.87 14.06
CA PRO B 123 -9.61 0.90 12.99
C PRO B 123 -8.74 -0.33 13.25
N GLY B 124 -9.01 -1.47 12.62
CA GLY B 124 -8.05 -2.53 12.69
C GLY B 124 -6.86 -2.20 11.80
N PHE B 125 -5.86 -3.07 11.80
CA PHE B 125 -4.66 -2.75 11.01
C PHE B 125 -3.84 -4.02 10.78
N SER B 126 -3.00 -3.97 9.76
CA SER B 126 -1.97 -5.00 9.58
C SER B 126 -0.59 -4.42 9.92
N ALA B 127 0.27 -5.21 10.56
CA ALA B 127 1.57 -4.70 10.91
C ALA B 127 2.63 -5.74 10.99
N VAL B 128 3.86 -5.39 10.57
CA VAL B 128 5.06 -6.16 10.88
C VAL B 128 5.83 -5.50 12.05
N VAL B 129 6.25 -6.30 13.00
CA VAL B 129 7.00 -5.89 14.17
C VAL B 129 8.41 -6.46 14.08
N VAL B 130 9.42 -5.58 14.10
CA VAL B 130 10.81 -5.99 14.20
C VAL B 130 11.51 -5.20 15.34
N SER B 131 12.61 -5.73 15.87
CA SER B 131 13.38 -5.03 16.89
C SER B 131 14.85 -5.42 16.91
N SER B 132 15.70 -4.46 17.25
CA SER B 132 17.11 -4.74 17.57
C SER B 132 17.41 -4.63 19.08
N VAL B 133 16.40 -4.29 19.88
CA VAL B 133 16.56 -4.37 21.33
C VAL B 133 16.62 -5.86 21.68
N PRO B 134 17.71 -6.30 22.34
CA PRO B 134 17.83 -7.73 22.68
C PRO B 134 16.63 -8.10 23.51
N LEU B 135 15.85 -9.11 23.09
CA LEU B 135 14.58 -9.37 23.76
C LEU B 135 14.84 -9.90 25.15
N GLY B 136 14.26 -9.24 26.15
CA GLY B 136 14.46 -9.69 27.51
C GLY B 136 15.87 -9.52 27.99
N GLY B 137 16.65 -8.66 27.30
CA GLY B 137 18.06 -8.44 27.54
C GLY B 137 18.41 -7.29 28.47
N GLY B 138 17.39 -6.64 29.04
CA GLY B 138 17.56 -5.54 29.98
C GLY B 138 17.55 -4.09 29.51
N LEU B 139 17.29 -3.86 28.22
CA LEU B 139 17.28 -2.51 27.65
C LEU B 139 15.87 -2.15 27.24
N SER B 140 14.88 -2.79 27.88
CA SER B 140 13.46 -2.41 27.79
C SER B 140 12.91 -2.77 26.45
N SER B 141 13.17 -3.98 25.97
CA SER B 141 12.57 -4.38 24.68
C SER B 141 11.07 -4.23 24.78
N SER B 142 10.46 -4.55 25.92
CA SER B 142 8.98 -4.50 25.88
C SER B 142 8.41 -3.10 25.91
N ALA B 143 9.04 -2.15 26.64
CA ALA B 143 8.56 -0.80 26.54
C ALA B 143 8.70 -0.27 25.16
N SER B 144 9.77 -0.63 24.49
CA SER B 144 9.94 -0.10 23.17
C SER B 144 8.79 -0.66 22.27
N LEU B 145 8.38 -1.90 22.54
CA LEU B 145 7.30 -2.50 21.74
C LEU B 145 5.98 -1.83 22.08
N GLU B 146 5.73 -1.63 23.39
CA GLU B 146 4.54 -0.90 23.81
C GLU B 146 4.46 0.48 23.19
N VAL B 147 5.55 1.25 23.31
CA VAL B 147 5.53 2.62 22.80
C VAL B 147 5.52 2.70 21.29
N ALA B 148 6.23 1.81 20.58
CA ALA B 148 6.10 1.74 19.13
C ALA B 148 4.59 1.45 18.77
N THR B 149 3.96 0.56 19.50
CA THR B 149 2.54 0.25 19.19
C THR B 149 1.71 1.50 19.42
N TYR B 150 1.96 2.17 20.55
CA TYR B 150 1.18 3.30 20.89
C TYR B 150 1.33 4.32 19.82
N THR B 151 2.53 4.49 19.33
CA THR B 151 2.86 5.50 18.35
C THR B 151 2.19 5.20 17.01
N PHE B 152 2.11 3.91 16.75
CA PHE B 152 1.38 3.42 15.55
C PHE B 152 -0.12 3.73 15.70
N LEU B 153 -0.73 3.37 16.83
CA LEU B 153 -2.13 3.72 17.04
C LEU B 153 -2.45 5.21 16.98
N GLN B 154 -1.55 6.11 17.43
CA GLN B 154 -1.79 7.53 17.27
C GLN B 154 -1.93 7.94 15.82
N GLN B 155 -1.25 7.26 14.90
CA GLN B 155 -1.35 7.60 13.48
C GLN B 155 -2.68 7.12 12.92
N LEU B 156 -3.18 6.00 13.47
CA LEU B 156 -4.49 5.44 13.06
C LEU B 156 -5.62 6.28 13.61
N CYS B 157 -5.45 6.81 14.82
CA CYS B 157 -6.48 7.57 15.53
C CYS B 157 -5.82 8.52 16.56
N PRO B 158 -5.43 9.74 16.17
CA PRO B 158 -4.74 10.64 17.13
C PRO B 158 -5.44 10.71 18.48
N ASP B 159 -4.64 10.70 19.53
CA ASP B 159 -5.17 10.81 20.85
C ASP B 159 -5.15 12.33 21.20
N SER B 160 -5.71 12.71 22.30
CA SER B 160 -5.61 14.16 22.52
C SER B 160 -4.89 14.34 23.80
N GLY B 161 -3.87 13.49 24.01
CA GLY B 161 -3.32 13.30 25.34
C GLY B 161 -1.96 13.90 25.65
N THR B 162 -1.43 13.54 26.81
CA THR B 162 -0.14 14.09 27.23
C THR B 162 0.87 12.97 27.16
N ILE B 163 2.15 13.30 27.32
CA ILE B 163 3.20 12.31 27.29
C ILE B 163 3.07 11.34 28.47
N ALA B 164 2.75 11.82 29.68
CA ALA B 164 2.60 10.89 30.81
C ALA B 164 1.39 9.91 30.70
N ALA B 165 0.29 10.39 30.14
CA ALA B 165 -0.87 9.56 29.91
C ALA B 165 -0.50 8.43 28.94
N ARG B 166 0.28 8.74 27.90
CA ARG B 166 0.72 7.64 27.03
C ARG B 166 1.62 6.63 27.72
N ALA B 167 2.55 7.13 28.53
CA ALA B 167 3.43 6.26 29.27
C ALA B 167 2.64 5.37 30.19
N GLN B 168 1.59 5.92 30.82
CA GLN B 168 0.77 5.10 31.73
C GLN B 168 -0.08 4.06 31.00
N VAL B 169 -0.54 4.37 29.78
CA VAL B 169 -1.22 3.31 29.00
C VAL B 169 -0.25 2.19 28.77
N CYS B 170 0.99 2.51 28.38
CA CYS B 170 1.96 1.46 28.09
C CYS B 170 2.31 0.68 29.33
N GLN B 171 2.48 1.38 30.43
CA GLN B 171 2.73 0.76 31.71
C GLN B 171 1.62 -0.20 32.15
N GLN B 172 0.39 0.26 31.98
CA GLN B 172 -0.77 -0.57 32.30
C GLN B 172 -0.79 -1.84 31.46
N ALA B 173 -0.44 -1.72 30.19
CA ALA B 173 -0.39 -2.92 29.32
C ALA B 173 0.63 -3.91 29.89
N GLU B 174 1.74 -3.36 30.37
CA GLU B 174 2.81 -4.17 30.93
C GLU B 174 2.37 -4.87 32.21
N HIS B 175 1.71 -4.11 33.10
CA HIS B 175 1.18 -4.67 34.35
C HIS B 175 0.16 -5.75 34.02
N SER B 176 -0.82 -5.43 33.18
CA SER B 176 -2.00 -6.28 33.01
C SER B 176 -1.83 -7.40 32.02
N PHE B 177 -1.04 -7.16 30.99
CA PHE B 177 -0.95 -8.14 29.95
C PHE B 177 0.37 -8.86 30.04
N ALA B 178 1.34 -8.33 30.78
CA ALA B 178 2.58 -9.09 30.90
C ALA B 178 2.87 -9.46 32.34
N GLY B 179 2.01 -9.06 33.26
CA GLY B 179 2.20 -9.47 34.64
C GLY B 179 3.47 -8.91 35.27
N MET B 180 3.85 -7.72 34.80
CA MET B 180 5.08 -7.08 35.25
C MET B 180 4.78 -5.66 35.78
N PRO B 181 4.79 -5.51 37.09
CA PRO B 181 4.35 -4.28 37.75
C PRO B 181 5.44 -3.18 37.74
N CYS B 182 5.82 -2.75 36.54
CA CYS B 182 6.92 -1.83 36.33
C CYS B 182 6.55 -0.42 36.78
N GLY B 183 7.57 0.37 37.07
CA GLY B 183 7.38 1.79 37.18
C GLY B 183 7.25 2.47 35.83
N ILE B 184 7.36 3.80 35.82
CA ILE B 184 7.05 4.58 34.65
C ILE B 184 8.28 4.84 33.80
N MET B 185 9.47 4.47 34.25
CA MET B 185 10.68 4.90 33.55
C MET B 185 10.86 4.56 32.07
N ASP B 186 10.75 3.27 31.78
CA ASP B 186 11.14 2.72 30.47
C ASP B 186 10.23 3.25 29.42
N GLN B 187 8.95 3.35 29.76
CA GLN B 187 7.97 3.92 28.84
C GLN B 187 8.21 5.40 28.61
N PHE B 188 8.57 6.12 29.68
CA PHE B 188 8.72 7.57 29.57
C PHE B 188 9.95 7.90 28.69
N ILE B 189 11.02 7.15 28.84
CA ILE B 189 12.21 7.43 28.02
C ILE B 189 11.99 6.98 26.56
N SER B 190 11.26 5.89 26.36
CA SER B 190 11.03 5.47 24.99
C SER B 190 10.26 6.54 24.26
N LEU B 191 9.32 7.16 24.96
CA LEU B 191 8.57 8.21 24.31
C LEU B 191 9.35 9.47 24.06
N MET B 192 10.09 9.90 25.08
CA MET B 192 10.60 11.26 25.16
C MET B 192 12.11 11.47 24.99
N GLY B 193 12.83 10.39 24.75
CA GLY B 193 14.25 10.48 24.44
C GLY B 193 14.52 11.44 23.31
N GLN B 194 15.68 12.08 23.33
CA GLN B 194 16.08 12.93 22.22
C GLN B 194 17.56 12.67 21.91
N LYS B 195 17.91 12.67 20.62
CA LYS B 195 19.30 12.50 20.24
C LYS B 195 20.18 13.47 21.09
N GLY B 196 21.28 12.97 21.63
CA GLY B 196 22.26 13.77 22.36
C GLY B 196 21.85 14.25 23.72
N HIS B 197 20.82 13.62 24.28
CA HIS B 197 20.41 13.94 25.64
C HIS B 197 20.13 12.69 26.42
N ALA B 198 20.40 12.79 27.71
CA ALA B 198 19.85 11.92 28.72
C ALA B 198 18.60 12.66 29.21
N LEU B 199 17.72 11.93 29.88
CA LEU B 199 16.42 12.45 30.32
C LEU B 199 16.34 12.25 31.82
N LEU B 200 16.40 13.36 32.58
CA LEU B 200 16.19 13.29 34.01
C LEU B 200 14.70 13.22 34.29
N ILE B 201 14.19 12.14 34.88
CA ILE B 201 12.77 12.07 35.14
C ILE B 201 12.45 12.09 36.63
N ASP B 202 11.55 13.01 37.02
CA ASP B 202 11.00 13.04 38.35
C ASP B 202 9.69 12.32 38.38
N CYS B 203 9.76 11.11 38.95
CA CYS B 203 8.68 10.16 38.92
C CYS B 203 7.65 10.53 39.97
N ARG B 204 7.88 11.63 40.67
CA ARG B 204 6.83 12.19 41.50
C ARG B 204 6.01 13.29 40.80
N SER B 205 6.69 14.34 40.32
CA SER B 205 5.98 15.47 39.74
C SER B 205 5.65 15.19 38.26
N LEU B 206 6.44 14.25 37.70
CA LEU B 206 6.44 13.93 36.25
C LEU B 206 7.05 15.05 35.41
N GLU B 207 7.79 15.95 36.10
CA GLU B 207 8.63 16.92 35.41
C GLU B 207 9.81 16.18 34.78
N THR B 208 10.26 16.62 33.62
CA THR B 208 11.37 15.96 32.99
C THR B 208 12.36 16.95 32.47
N SER B 209 13.64 16.58 32.46
CA SER B 209 14.59 17.47 31.79
C SER B 209 15.45 16.77 30.83
N LEU B 210 15.66 17.45 29.71
CA LEU B 210 16.53 16.95 28.66
C LEU B 210 17.89 17.51 28.96
N VAL B 211 18.76 16.67 29.48
CA VAL B 211 20.10 17.10 29.94
C VAL B 211 21.09 16.77 28.83
N PRO B 212 21.74 17.79 28.26
CA PRO B 212 22.64 17.55 27.13
C PRO B 212 23.72 16.56 27.46
N LEU B 213 23.86 15.58 26.60
CA LEU B 213 24.91 14.58 26.70
C LEU B 213 25.59 14.37 25.35
N SER B 214 26.44 15.30 24.93
CA SER B 214 26.98 15.23 23.58
C SER B 214 28.49 15.43 23.55
N ASP B 215 29.17 15.16 24.65
CA ASP B 215 30.61 15.39 24.71
C ASP B 215 31.25 14.16 24.12
N PRO B 216 31.88 14.31 22.95
CA PRO B 216 32.48 13.17 22.25
C PRO B 216 33.62 12.56 23.09
N LYS B 217 34.06 13.28 24.13
CA LYS B 217 35.10 12.76 25.03
C LYS B 217 34.48 11.75 26.03
N LEU B 218 33.16 11.61 25.99
CA LEU B 218 32.45 10.67 26.86
C LEU B 218 31.78 9.59 26.01
N ALA B 219 31.67 8.37 26.51
CA ALA B 219 30.92 7.31 25.81
C ALA B 219 30.18 6.36 26.75
N VAL B 220 29.19 5.66 26.21
CA VAL B 220 28.54 4.57 26.93
C VAL B 220 28.71 3.29 26.15
N LEU B 221 29.31 2.28 26.78
CA LEU B 221 29.47 0.98 26.16
C LEU B 221 28.42 0.13 26.80
N ILE B 222 27.57 -0.48 25.99
CA ILE B 222 26.63 -1.36 26.63
C ILE B 222 27.12 -2.78 26.55
N THR B 223 27.17 -3.44 27.71
CA THR B 223 27.61 -4.84 27.69
C THR B 223 26.53 -5.85 28.16
N ASN B 224 26.11 -6.70 27.23
CA ASN B 224 25.06 -7.69 27.53
C ASN B 224 25.68 -9.00 28.01
N SER B 225 25.38 -9.37 29.26
CA SER B 225 25.85 -10.61 29.89
C SER B 225 25.30 -11.85 29.21
N ASN B 226 24.18 -11.67 28.51
CA ASN B 226 23.46 -12.79 27.95
C ASN B 226 23.07 -13.82 29.01
N VAL B 227 22.82 -13.37 30.24
CA VAL B 227 22.14 -14.23 31.21
C VAL B 227 20.91 -13.48 31.77
N ARG B 228 19.87 -14.26 32.07
CA ARG B 228 18.70 -13.75 32.78
C ARG B 228 18.24 -14.84 33.77
N HIS B 229 18.42 -14.56 35.06
CA HIS B 229 18.12 -15.50 36.13
C HIS B 229 16.63 -15.50 36.49
N SER B 230 15.94 -16.62 36.25
CA SER B 230 14.49 -16.77 36.43
C SER B 230 13.90 -16.15 37.71
N LEU B 231 14.75 -15.85 38.69
CA LEU B 231 14.37 -15.12 39.89
C LEU B 231 14.15 -13.62 39.65
N ALA B 232 14.56 -13.14 38.47
CA ALA B 232 14.35 -11.75 38.07
C ALA B 232 12.88 -11.34 38.02
N SER B 233 12.02 -12.26 37.61
CA SER B 233 10.62 -11.91 37.47
C SER B 233 9.92 -11.91 38.83
N SER B 234 10.28 -12.85 39.69
CA SER B 234 9.57 -13.03 40.95
C SER B 234 10.05 -12.07 42.04
N GLU B 235 11.26 -11.58 41.91
CA GLU B 235 11.84 -10.80 42.99
C GLU B 235 11.56 -9.31 42.81
N TYR B 236 11.27 -8.86 41.59
CA TYR B 236 10.97 -7.44 41.37
C TYR B 236 9.72 -6.98 42.12
N PRO B 237 8.59 -7.71 42.02
CA PRO B 237 7.46 -7.23 42.82
C PRO B 237 7.70 -7.35 44.31
N VAL B 238 8.59 -8.24 44.74
CA VAL B 238 8.90 -8.40 46.14
C VAL B 238 9.57 -7.13 46.63
N ARG B 239 10.51 -6.63 45.84
CA ARG B 239 11.18 -5.38 46.20
C ARG B 239 10.22 -4.22 46.27
N ARG B 240 9.28 -4.16 45.32
CA ARG B 240 8.32 -3.08 45.35
C ARG B 240 7.55 -3.14 46.64
N ARG B 241 7.08 -4.35 46.95
CA ARG B 241 6.29 -4.60 48.16
C ARG B 241 7.04 -4.15 49.41
N GLN B 242 8.34 -4.44 49.47
CA GLN B 242 9.10 -4.08 50.63
C GLN B 242 9.20 -2.56 50.74
N CYS B 243 9.16 -1.86 49.63
CA CYS B 243 9.15 -0.40 49.69
C CYS B 243 7.84 0.18 50.23
N GLU B 244 6.69 -0.33 49.78
CA GLU B 244 5.43 0.20 50.29
C GLU B 244 5.20 -0.15 51.75
N GLU B 245 5.77 -1.27 52.20
CA GLU B 245 5.64 -1.64 53.60
C GLU B 245 6.32 -0.59 54.47
N VAL B 246 7.52 -0.15 54.07
CA VAL B 246 8.25 0.84 54.85
C VAL B 246 7.51 2.18 54.83
N ALA B 247 7.02 2.57 53.67
CA ALA B 247 6.27 3.81 53.52
C ALA B 247 5.02 3.81 54.38
N ARG B 248 4.35 2.66 54.49
CA ARG B 248 3.16 2.59 55.30
C ARG B 248 3.55 2.80 56.77
N ALA B 249 4.54 2.04 57.22
CA ALA B 249 5.03 2.12 58.61
C ALA B 249 5.49 3.51 59.01
N LEU B 250 6.01 4.26 58.03
CA LEU B 250 6.55 5.59 58.31
C LEU B 250 5.55 6.73 58.05
N GLY B 251 4.31 6.39 57.73
CA GLY B 251 3.29 7.38 57.45
C GLY B 251 3.65 8.27 56.27
N LYS B 252 4.46 7.74 55.34
CA LYS B 252 4.89 8.50 54.17
C LYS B 252 4.21 7.99 52.92
N GLU B 253 3.90 8.91 52.01
CA GLU B 253 3.28 8.54 50.75
C GLU B 253 4.23 7.70 49.90
N SER B 254 5.52 8.00 50.00
CA SER B 254 6.52 7.28 49.24
C SER B 254 7.88 7.48 49.87
N LEU B 255 8.86 6.69 49.45
CA LEU B 255 10.21 6.85 49.95
C LEU B 255 10.81 8.13 49.41
N ARG B 256 10.11 8.75 48.46
CA ARG B 256 10.49 10.10 48.05
C ARG B 256 10.20 11.10 49.15
N GLU B 257 9.12 10.91 49.93
CA GLU B 257 8.80 11.87 51.02
C GLU B 257 9.73 11.61 52.18
N VAL B 258 10.36 10.44 52.22
CA VAL B 258 11.25 10.08 53.35
C VAL B 258 12.69 10.40 52.99
N GLN B 259 13.35 11.13 53.89
CA GLN B 259 14.76 11.52 53.77
C GLN B 259 15.60 10.54 54.55
N LEU B 260 16.91 10.46 54.25
CA LEU B 260 17.76 9.49 54.89
C LEU B 260 17.74 9.67 56.42
N GLU B 261 17.79 10.94 56.84
CA GLU B 261 17.91 11.28 58.24
C GLU B 261 16.71 10.75 58.99
N GLU B 262 15.53 10.90 58.41
CA GLU B 262 14.30 10.39 59.00
C GLU B 262 14.40 8.87 59.10
N LEU B 263 14.99 8.25 58.08
CA LEU B 263 15.16 6.80 58.04
C LEU B 263 16.16 6.24 59.07
N GLU B 264 17.30 6.90 59.24
CA GLU B 264 18.35 6.32 60.09
C GLU B 264 17.89 6.34 61.54
N ALA B 265 17.01 7.30 61.83
CA ALA B 265 16.43 7.48 63.15
C ALA B 265 15.18 6.65 63.33
N ALA B 266 14.82 5.87 62.32
CA ALA B 266 13.59 5.07 62.42
C ALA B 266 13.86 3.58 62.24
N ARG B 267 15.12 3.18 62.37
CA ARG B 267 15.53 1.78 62.15
C ARG B 267 14.74 0.79 62.99
N ASP B 268 14.22 1.27 64.11
CA ASP B 268 13.47 0.42 65.02
C ASP B 268 11.98 0.40 64.67
N LEU B 269 11.61 1.07 63.58
CA LEU B 269 10.22 1.11 63.20
C LEU B 269 9.88 0.12 62.07
N VAL B 270 10.91 -0.52 61.51
CA VAL B 270 10.72 -1.43 60.39
C VAL B 270 11.67 -2.62 60.49
N LYS B 272 13.89 -4.58 59.31
CA LYS B 272 15.34 -4.67 59.15
C LYS B 272 15.69 -4.96 57.71
N GLU B 273 14.94 -5.87 57.10
CA GLU B 273 15.19 -6.19 55.69
C GLU B 273 14.89 -4.95 54.87
N GLY B 274 13.75 -4.34 55.18
CA GLY B 274 13.32 -3.11 54.57
C GLY B 274 14.33 -1.99 54.72
N PHE B 275 15.03 -1.96 55.86
CA PHE B 275 16.05 -0.94 56.06
C PHE B 275 17.09 -0.98 54.94
N ARG B 276 17.59 -2.15 54.59
CA ARG B 276 18.59 -2.20 53.53
C ARG B 276 18.02 -1.74 52.17
N ARG B 277 16.77 -2.17 51.89
CA ARG B 277 16.07 -1.78 50.65
C ARG B 277 15.76 -0.28 50.63
N ALA B 278 15.02 0.16 51.64
CA ALA B 278 14.54 1.55 51.74
C ALA B 278 15.72 2.47 51.88
N ARG B 279 16.82 1.96 52.40
CA ARG B 279 18.03 2.78 52.45
C ARG B 279 18.49 2.99 51.04
N HIS B 280 18.59 1.90 50.28
CA HIS B 280 18.93 1.99 48.85
C HIS B 280 18.12 3.05 48.17
N VAL B 281 16.81 3.03 48.38
CA VAL B 281 15.87 3.88 47.63
C VAL B 281 16.02 5.36 47.94
N VAL B 282 15.93 5.65 49.24
CA VAL B 282 16.04 7.02 49.73
C VAL B 282 17.38 7.53 49.34
N GLY B 283 18.37 6.68 49.48
CA GLY B 283 19.71 7.02 49.09
C GLY B 283 19.87 7.30 47.66
N GLU B 284 19.34 6.40 46.80
CA GLU B 284 19.49 6.45 45.36
C GLU B 284 18.95 7.70 44.73
N ILE B 285 17.85 8.16 45.27
CA ILE B 285 17.28 9.40 44.82
C ILE B 285 18.23 10.56 44.98
N ARG B 286 18.89 10.68 46.15
CA ARG B 286 19.87 11.78 46.33
C ARG B 286 21.01 11.64 45.31
N ARG B 287 21.47 10.42 45.12
CA ARG B 287 22.58 10.12 44.22
C ARG B 287 22.31 10.46 42.76
N THR B 288 21.05 10.32 42.31
CA THR B 288 20.79 10.59 40.88
C THR B 288 20.72 12.09 40.64
N ALA B 289 20.10 12.75 41.61
CA ALA B 289 20.01 14.23 41.73
C ALA B 289 21.36 14.87 41.71
N GLN B 290 22.28 14.30 42.50
CA GLN B 290 23.65 14.79 42.51
C GLN B 290 24.32 14.44 41.19
N ALA B 291 23.95 13.32 40.60
CA ALA B 291 24.55 12.89 39.33
C ALA B 291 24.03 13.75 38.15
N ALA B 292 22.78 14.15 38.23
CA ALA B 292 22.27 15.05 37.22
C ALA B 292 23.01 16.37 37.40
N ALA B 293 23.13 16.80 38.66
CA ALA B 293 23.75 18.10 38.92
C ALA B 293 25.21 17.95 38.48
N ALA B 294 25.81 16.82 38.87
CA ALA B 294 27.14 16.46 38.38
C ALA B 294 27.19 16.48 36.85
N LEU B 295 26.25 15.83 36.15
CA LEU B 295 26.32 15.86 34.67
C LEU B 295 26.27 17.28 34.01
N ARG B 296 25.46 18.18 34.56
CA ARG B 296 25.35 19.53 34.01
C ARG B 296 26.70 20.27 34.10
N ARG B 297 27.40 20.04 35.21
CA ARG B 297 28.70 20.65 35.49
C ARG B 297 29.86 19.90 34.86
N GLY B 298 29.58 18.87 34.07
CA GLY B 298 30.65 18.05 33.51
C GLY B 298 31.46 17.22 34.54
N ASP B 299 30.97 17.16 35.79
CA ASP B 299 31.70 16.48 36.86
C ASP B 299 31.44 14.99 36.77
N TYR B 300 32.14 14.36 35.83
CA TYR B 300 31.98 12.98 35.54
C TYR B 300 32.45 12.12 36.69
N ARG B 301 33.57 12.50 37.33
CA ARG B 301 34.09 11.75 38.42
C ARG B 301 33.08 11.62 39.56
N ALA B 302 32.32 12.66 39.85
CA ALA B 302 31.37 12.52 40.96
C ALA B 302 30.19 11.60 40.54
N PHE B 303 29.80 11.76 39.30
CA PHE B 303 28.73 10.99 38.70
C PHE B 303 29.02 9.52 38.96
N GLY B 304 30.27 9.14 38.71
CA GLY B 304 30.79 7.80 38.88
C GLY B 304 30.89 7.26 40.28
N ARG B 305 31.26 8.12 41.22
CA ARG B 305 31.27 7.68 42.59
C ARG B 305 29.83 7.30 42.90
N LEU B 306 28.92 8.15 42.43
CA LEU B 306 27.52 7.97 42.70
C LEU B 306 27.02 6.67 42.04
N MET B 307 27.51 6.36 40.82
CA MET B 307 27.09 5.10 40.17
C MET B 307 27.51 3.88 40.99
N VAL B 308 28.77 3.92 41.40
CA VAL B 308 29.31 2.83 42.13
C VAL B 308 28.55 2.79 43.44
N GLU B 309 28.32 3.94 44.07
CA GLU B 309 27.47 3.91 45.25
C GLU B 309 26.12 3.26 44.87
N SER B 310 25.63 3.54 43.66
CA SER B 310 24.35 2.92 43.21
C SER B 310 24.51 1.40 42.99
N HIS B 311 25.53 0.95 42.25
CA HIS B 311 25.72 -0.46 42.06
C HIS B 311 25.98 -1.21 43.38
N ARG B 312 26.85 -0.68 44.25
CA ARG B 312 27.08 -1.31 45.54
C ARG B 312 25.81 -1.31 46.35
N SER B 313 25.06 -0.22 46.27
CA SER B 313 23.78 -0.22 46.94
C SER B 313 22.92 -1.32 46.24
N LEU B 314 23.03 -1.44 44.93
CA LEU B 314 22.28 -2.50 44.18
C LEU B 314 22.74 -3.92 44.53
N ARG B 315 24.05 -4.11 44.67
CA ARG B 315 24.62 -5.41 44.96
C ARG B 315 24.41 -5.85 46.40
N ASP B 316 24.62 -4.92 47.34
CA ASP B 316 24.63 -5.25 48.76
C ASP B 316 23.34 -4.85 49.52
N ASP B 317 22.70 -3.73 49.17
CA ASP B 317 21.52 -3.30 49.95
C ASP B 317 20.18 -3.73 49.28
N TYR B 318 20.06 -3.54 47.99
CA TYR B 318 18.79 -3.86 47.36
C TYR B 318 18.78 -5.33 46.92
N GLU B 319 19.97 -5.91 46.78
CA GLU B 319 20.15 -7.32 46.41
C GLU B 319 19.46 -7.67 45.10
N VAL B 320 19.81 -6.99 44.00
CA VAL B 320 19.21 -7.28 42.71
C VAL B 320 20.28 -7.40 41.65
N SER B 321 21.53 -7.47 42.11
CA SER B 321 22.61 -7.76 41.19
C SER B 321 22.76 -9.29 41.04
N CYS B 322 23.83 -9.72 40.38
CA CYS B 322 24.18 -11.15 40.25
C CYS B 322 25.68 -11.28 39.94
N PRO B 323 26.27 -12.48 40.14
CA PRO B 323 27.70 -12.65 39.87
C PRO B 323 28.13 -12.27 38.45
N GLU B 324 27.29 -12.55 37.47
CA GLU B 324 27.61 -12.11 36.12
C GLU B 324 27.71 -10.56 36.10
N LEU B 325 26.74 -9.88 36.70
CA LEU B 325 26.78 -8.40 36.74
C LEU B 325 27.84 -7.83 37.67
N ASP B 326 27.95 -8.37 38.88
CA ASP B 326 28.89 -7.87 39.88
C ASP B 326 30.28 -7.92 39.36
N GLN B 327 30.56 -8.96 38.59
CA GLN B 327 31.86 -9.12 37.98
C GLN B 327 32.13 -8.02 37.02
N LEU B 328 31.17 -7.79 36.13
CA LEU B 328 31.26 -6.71 35.15
C LEU B 328 31.47 -5.36 35.82
N VAL B 329 30.73 -5.11 36.88
CA VAL B 329 30.86 -3.82 37.54
C VAL B 329 32.21 -3.72 38.22
N ALA B 331 35.15 -5.73 37.16
CA ALA B 331 36.04 -5.63 36.00
C ALA B 331 36.10 -4.23 35.44
N ALA B 332 34.95 -3.56 35.29
CA ALA B 332 35.00 -2.19 34.78
C ALA B 332 35.72 -1.23 35.72
N LEU B 333 35.44 -1.37 37.01
CA LEU B 333 35.94 -0.44 38.01
C LEU B 333 37.45 -0.58 38.23
N ALA B 334 38.03 -1.60 37.62
CA ALA B 334 39.47 -1.80 37.65
C ALA B 334 40.22 -1.11 36.48
N VAL B 335 39.47 -0.56 35.52
CA VAL B 335 40.08 0.09 34.35
C VAL B 335 40.26 1.61 34.40
N PRO B 336 41.49 2.07 34.19
CA PRO B 336 41.75 3.51 34.13
C PRO B 336 40.94 4.15 32.98
N GLY B 337 40.24 5.24 33.29
CA GLY B 337 39.38 5.87 32.30
C GLY B 337 37.89 5.59 32.48
N VAL B 338 37.53 4.72 33.42
CA VAL B 338 36.12 4.51 33.76
C VAL B 338 35.73 5.44 34.94
N TYR B 339 34.67 6.21 34.79
CA TYR B 339 34.25 7.12 35.88
C TYR B 339 33.46 6.39 36.96
N GLY B 340 32.68 5.42 36.50
CA GLY B 340 31.83 4.56 37.31
C GLY B 340 31.16 3.48 36.45
N SER B 341 30.62 2.46 37.10
CA SER B 341 29.91 1.39 36.42
C SER B 341 28.83 0.81 37.27
N ARG B 342 27.85 0.23 36.60
CA ARG B 342 26.78 -0.33 37.32
C ARG B 342 26.01 -1.26 36.40
N MET B 343 25.33 -2.19 37.01
CA MET B 343 24.27 -2.91 36.30
C MET B 343 23.24 -1.86 35.91
N THR B 344 22.47 -2.13 34.87
CA THR B 344 21.46 -1.15 34.49
C THR B 344 20.17 -1.93 34.45
N GLY B 345 19.04 -1.24 34.65
CA GLY B 345 17.75 -1.94 34.56
C GLY B 345 17.38 -2.69 35.83
N GLY B 346 16.50 -3.69 35.71
CA GLY B 346 15.93 -4.31 36.88
C GLY B 346 16.89 -5.23 37.55
N GLY B 347 17.85 -5.74 36.80
CA GLY B 347 18.85 -6.61 37.42
C GLY B 347 18.64 -8.13 37.25
N PHE B 348 19.42 -8.90 38.02
CA PHE B 348 19.45 -10.38 37.97
C PHE B 348 19.89 -10.94 36.63
N GLY B 349 20.68 -10.15 35.90
CA GLY B 349 21.13 -10.49 34.57
C GLY B 349 21.02 -9.26 33.71
N GLY B 350 20.93 -9.41 32.41
CA GLY B 350 20.83 -8.24 31.54
C GLY B 350 22.17 -7.55 31.38
N CYS B 351 22.12 -6.22 31.38
CA CYS B 351 23.27 -5.44 30.97
C CYS B 351 24.00 -4.61 32.02
N THR B 352 25.25 -4.35 31.68
CA THR B 352 25.95 -3.22 32.28
C THR B 352 26.15 -2.13 31.27
N VAL B 353 26.32 -0.95 31.88
CA VAL B 353 26.67 0.31 31.26
C VAL B 353 27.81 0.96 32.07
N THR B 354 28.80 1.43 31.32
CA THR B 354 29.98 2.06 31.90
C THR B 354 30.21 3.42 31.24
N LEU B 355 30.30 4.49 32.02
CA LEU B 355 30.65 5.79 31.42
C LEU B 355 32.14 5.88 31.56
N LEU B 356 32.79 6.04 30.41
CA LEU B 356 34.23 6.02 30.34
C LEU B 356 34.62 7.19 29.46
N GLU B 357 35.83 7.70 29.64
CA GLU B 357 36.37 8.61 28.64
C GLU B 357 36.33 7.81 27.33
N ALA B 358 35.87 8.46 26.27
CA ALA B 358 35.62 7.78 25.00
C ALA B 358 36.84 7.05 24.49
N SER B 359 38.02 7.64 24.67
CA SER B 359 39.23 7.02 24.17
C SER B 359 39.50 5.66 24.84
N ALA B 360 39.16 5.55 26.11
CA ALA B 360 39.50 4.35 26.87
C ALA B 360 38.59 3.15 26.60
N ALA B 361 37.49 3.34 25.88
CA ALA B 361 36.47 2.28 25.75
C ALA B 361 36.91 0.96 25.10
N PRO B 362 37.69 1.01 23.98
CA PRO B 362 38.02 -0.33 23.45
C PRO B 362 39.11 -1.04 24.29
N HIS B 363 39.98 -0.27 24.95
CA HIS B 363 40.93 -0.85 25.90
C HIS B 363 40.15 -1.51 27.03
N ALA B 364 39.07 -0.84 27.44
CA ALA B 364 38.19 -1.29 28.51
C ALA B 364 37.41 -2.54 28.14
N MET B 365 37.04 -2.66 26.87
CA MET B 365 36.19 -3.76 26.42
C MET B 365 36.79 -5.14 26.59
N ARG B 366 38.06 -5.30 26.24
CA ARG B 366 38.76 -6.60 26.42
C ARG B 366 38.83 -7.00 27.89
N HIS B 367 39.25 -6.06 28.73
CA HIS B 367 39.40 -6.36 30.15
C HIS B 367 38.02 -6.59 30.76
N GLN B 369 35.78 -7.90 28.87
CA GLN B 369 35.43 -9.21 28.28
C GLN B 369 36.10 -10.39 28.93
N GLU B 370 37.40 -10.31 29.16
CA GLU B 370 38.11 -11.50 29.60
C GLU B 370 37.64 -11.92 30.98
N HIS B 371 37.26 -10.97 31.81
CA HIS B 371 36.82 -11.29 33.15
C HIS B 371 35.30 -11.52 33.20
N TYR B 372 34.70 -11.90 32.06
CA TYR B 372 33.27 -12.22 32.04
C TYR B 372 33.19 -13.69 32.37
N GLY B 373 33.27 -14.51 31.34
CA GLY B 373 33.09 -15.94 31.48
C GLY B 373 31.86 -16.31 30.67
N GLY B 374 31.04 -15.31 30.34
CA GLY B 374 29.85 -15.53 29.52
C GLY B 374 30.08 -15.15 28.07
N THR B 375 29.01 -15.02 27.28
CA THR B 375 29.15 -14.51 25.92
C THR B 375 28.80 -13.03 25.98
N ALA B 376 29.81 -12.18 25.79
CA ALA B 376 29.56 -10.76 25.78
C ALA B 376 29.08 -10.30 24.40
N THR B 377 28.12 -9.40 24.43
CA THR B 377 27.69 -8.68 23.26
C THR B 377 27.90 -7.22 23.55
N PHE B 378 28.37 -6.47 22.55
CA PHE B 378 28.67 -5.06 22.78
C PHE B 378 27.79 -4.14 21.99
N TYR B 379 27.44 -3.02 22.64
CA TYR B 379 26.88 -1.81 22.00
C TYR B 379 27.60 -0.51 22.41
N LEU B 380 28.07 0.25 21.43
CA LEU B 380 28.48 1.64 21.71
C LEU B 380 27.45 2.52 21.02
N SER B 381 26.65 3.21 21.82
CA SER B 381 25.51 3.95 21.25
C SER B 381 25.50 5.40 21.72
N GLN B 382 25.01 6.26 20.84
CA GLN B 382 24.75 7.62 21.20
C GLN B 382 23.49 7.72 22.06
N ALA B 383 23.27 8.85 22.71
CA ALA B 383 21.98 9.10 23.34
C ALA B 383 21.06 9.28 22.16
N ALA B 384 19.95 8.56 22.09
CA ALA B 384 19.15 8.54 20.87
C ALA B 384 17.79 9.23 20.98
N ASP B 385 17.14 9.42 19.81
CA ASP B 385 15.75 9.85 19.76
C ASP B 385 14.77 8.85 20.40
N GLY B 386 13.64 9.41 20.88
CA GLY B 386 12.54 8.58 21.33
C GLY B 386 11.63 8.24 20.14
N ALA B 387 10.32 8.12 20.39
CA ALA B 387 9.36 7.59 19.37
C ALA B 387 9.28 8.49 18.14
N LYS B 388 9.30 7.87 16.95
CA LYS B 388 9.16 8.68 15.77
C LYS B 388 8.34 7.94 14.69
N VAL B 389 7.91 8.75 13.73
CA VAL B 389 6.97 8.36 12.68
C VAL B 389 7.61 8.70 11.38
N LEU B 390 7.45 7.83 10.37
CA LEU B 390 7.88 8.18 9.03
C LEU B 390 6.75 7.69 8.11
N CYS B 391 6.05 8.60 7.42
CA CYS B 391 4.99 8.15 6.53
C CYS B 391 5.61 7.53 5.29
N LEU B 392 5.00 6.45 4.78
CA LEU B 392 5.57 5.72 3.63
C LEU B 392 4.76 5.94 2.37
N ALA C 3 -15.48 38.14 19.63
CA ALA C 3 -14.41 38.69 20.48
C ALA C 3 -13.24 37.70 20.73
N LEU C 4 -13.57 36.56 21.34
CA LEU C 4 -12.63 35.47 21.54
C LEU C 4 -12.55 34.64 20.28
N ARG C 5 -11.36 34.45 19.73
CA ARG C 5 -11.21 33.52 18.61
C ARG C 5 -11.01 32.08 19.09
N GLN C 6 -11.87 31.17 18.65
CA GLN C 6 -11.70 29.77 19.04
C GLN C 6 -11.28 28.99 17.82
N PRO C 7 -9.98 28.69 17.72
CA PRO C 7 -9.40 27.92 16.62
C PRO C 7 -9.60 26.43 16.80
N GLN C 8 -10.09 25.74 15.78
CA GLN C 8 -10.15 24.30 15.92
C GLN C 8 -9.02 23.79 15.05
N VAL C 9 -8.61 22.54 15.26
CA VAL C 9 -7.46 21.98 14.56
C VAL C 9 -7.94 21.24 13.35
N ALA C 10 -9.02 20.48 13.55
CA ALA C 10 -9.55 19.63 12.49
C ALA C 10 -9.99 20.47 11.31
N GLU C 11 -10.55 21.64 11.60
CA GLU C 11 -11.02 22.54 10.57
C GLU C 11 -9.87 23.13 9.77
N LEU C 12 -8.80 23.50 10.48
CA LEU C 12 -7.61 23.99 9.83
C LEU C 12 -7.06 22.94 8.85
N LEU C 13 -7.03 21.69 9.31
CA LEU C 13 -6.51 20.58 8.55
C LEU C 13 -7.40 20.26 7.35
N ALA C 14 -8.70 20.20 7.60
CA ALA C 14 -9.71 19.97 6.56
C ALA C 14 -9.66 21.08 5.53
N GLU C 15 -9.47 22.31 5.99
CA GLU C 15 -9.35 23.44 5.06
C GLU C 15 -8.12 23.24 4.17
N ALA C 16 -7.00 22.79 4.76
CA ALA C 16 -5.78 22.55 3.99
C ALA C 16 -5.97 21.41 3.00
N ARG C 17 -6.72 20.39 3.41
CA ARG C 17 -6.86 19.23 2.57
C ARG C 17 -7.76 19.56 1.35
N ARG C 18 -8.88 20.24 1.59
CA ARG C 18 -9.77 20.69 0.50
C ARG C 18 -9.02 21.60 -0.47
N ALA C 19 -8.26 22.57 0.05
CA ALA C 19 -7.50 23.42 -0.85
C ALA C 19 -6.44 22.65 -1.66
N PHE C 20 -5.81 21.65 -1.04
CA PHE C 20 -4.77 20.86 -1.75
C PHE C 20 -5.38 19.98 -2.85
N ARG C 21 -6.46 19.28 -2.54
CA ARG C 21 -7.08 18.40 -3.53
C ARG C 21 -7.62 19.25 -4.71
N GLU C 22 -8.14 20.44 -4.39
CA GLU C 22 -8.65 21.33 -5.42
C GLU C 22 -7.51 21.88 -6.29
N GLU C 23 -6.48 22.42 -5.66
CA GLU C 23 -5.38 23.00 -6.41
C GLU C 23 -4.53 21.98 -7.15
N PHE C 24 -4.29 20.84 -6.53
CA PHE C 24 -3.25 19.94 -7.03
C PHE C 24 -3.83 18.67 -7.64
N GLY C 25 -5.15 18.50 -7.50
CA GLY C 25 -5.90 17.46 -8.17
C GLY C 25 -5.91 16.10 -7.51
N ALA C 26 -5.30 16.02 -6.33
CA ALA C 26 -5.17 14.75 -5.63
C ALA C 26 -5.15 14.95 -4.12
N GLU C 27 -5.40 13.87 -3.37
CA GLU C 27 -5.31 13.95 -1.91
C GLU C 27 -3.85 14.16 -1.47
N PRO C 28 -3.61 14.98 -0.40
CA PRO C 28 -2.22 15.01 0.06
C PRO C 28 -1.86 13.74 0.79
N GLU C 29 -0.58 13.41 0.79
CA GLU C 29 -0.12 12.20 1.47
C GLU C 29 0.17 12.45 2.95
N LEU C 30 0.46 13.71 3.28
CA LEU C 30 1.03 14.03 4.61
C LEU C 30 0.53 15.34 5.19
N ALA C 31 0.45 15.40 6.54
CA ALA C 31 0.17 16.65 7.24
C ALA C 31 1.19 16.84 8.37
N VAL C 32 1.62 18.09 8.54
CA VAL C 32 2.47 18.35 9.73
C VAL C 32 1.95 19.64 10.32
N SER C 33 2.29 19.88 11.58
CA SER C 33 1.89 21.14 12.13
C SER C 33 2.98 21.58 13.11
N ALA C 34 3.08 22.89 13.33
CA ALA C 34 3.90 23.40 14.44
C ALA C 34 3.17 24.59 15.02
N PRO C 35 3.25 24.76 16.36
CA PRO C 35 2.48 25.83 17.01
C PRO C 35 3.21 27.15 17.07
N GLY C 36 2.42 28.19 17.24
CA GLY C 36 2.89 29.50 17.77
C GLY C 36 3.05 29.37 19.26
N ARG C 37 3.43 30.47 19.91
CA ARG C 37 3.83 30.34 21.28
C ARG C 37 3.56 31.66 22.04
N VAL C 38 3.39 31.54 23.34
CA VAL C 38 3.43 32.70 24.24
C VAL C 38 4.57 32.48 25.20
N ASN C 39 5.30 33.53 25.56
CA ASN C 39 6.31 33.41 26.57
C ASN C 39 5.73 33.83 27.95
N LEU C 40 5.72 32.96 28.95
CA LEU C 40 5.05 33.30 30.19
C LEU C 40 5.87 34.38 30.91
N ILE C 41 7.19 34.22 30.88
CA ILE C 41 8.09 35.18 31.54
C ILE C 41 9.50 34.84 31.08
N GLY C 42 10.44 35.77 31.21
CA GLY C 42 11.78 35.54 30.71
C GLY C 42 11.89 36.25 29.40
N GLU C 43 11.62 37.55 29.43
CA GLU C 43 11.57 38.30 28.17
C GLU C 43 12.89 39.00 27.94
N HIS C 44 13.33 38.97 26.69
CA HIS C 44 14.62 39.52 26.25
C HIS C 44 15.79 38.98 27.03
N THR C 45 15.67 37.72 27.39
CA THR C 45 16.77 37.00 27.98
C THR C 45 17.39 35.97 27.09
N ASP C 46 16.66 35.47 26.09
CA ASP C 46 17.21 34.31 25.42
C ASP C 46 18.51 34.67 24.71
N TYR C 47 18.60 35.86 24.10
CA TYR C 47 19.86 36.21 23.45
C TYR C 47 20.92 36.66 24.44
N ASN C 48 20.56 36.68 25.72
CA ASN C 48 21.53 36.94 26.76
C ASN C 48 21.93 35.70 27.53
N GLN C 49 21.70 34.52 26.95
CA GLN C 49 22.00 33.26 27.61
C GLN C 49 21.22 33.09 28.92
N GLY C 50 20.00 33.61 28.91
CA GLY C 50 19.16 33.60 30.08
C GLY C 50 18.27 32.40 30.21
N LEU C 51 17.17 32.63 30.91
CA LEU C 51 16.16 31.59 31.06
C LEU C 51 14.89 32.12 30.45
N VAL C 52 14.14 31.26 29.77
CA VAL C 52 12.87 31.67 29.22
C VAL C 52 11.86 30.60 29.58
N LEU C 53 10.61 31.01 29.69
CA LEU C 53 9.62 30.05 30.10
C LEU C 53 8.40 30.16 29.17
N PRO C 54 8.59 29.81 27.90
CA PRO C 54 7.42 29.80 26.97
C PRO C 54 6.46 28.58 27.06
N MET C 55 5.27 28.70 26.45
CA MET C 55 4.44 27.50 26.24
C MET C 55 3.87 27.54 24.83
N ALA C 56 3.70 26.37 24.20
CA ALA C 56 3.17 26.39 22.87
C ALA C 56 1.67 26.64 22.92
N LEU C 57 1.14 27.25 21.88
CA LEU C 57 -0.28 27.58 21.81
C LEU C 57 -1.10 26.66 20.92
N GLU C 58 -2.41 26.73 21.12
CA GLU C 58 -3.32 25.96 20.26
C GLU C 58 -3.52 26.60 18.89
N LEU C 59 -2.86 27.72 18.66
CA LEU C 59 -2.75 28.33 17.34
C LEU C 59 -1.59 27.69 16.60
N MET C 60 -1.77 27.32 15.35
CA MET C 60 -0.70 26.56 14.70
C MET C 60 -0.63 26.77 13.19
N THR C 61 0.50 26.40 12.59
CA THR C 61 0.61 26.42 11.15
C THR C 61 0.56 24.98 10.68
N VAL C 62 -0.20 24.72 9.63
CA VAL C 62 -0.33 23.33 9.15
C VAL C 62 0.15 23.32 7.72
N LEU C 63 0.94 22.32 7.39
CA LEU C 63 1.27 22.00 5.99
C LEU C 63 0.68 20.68 5.68
N VAL C 64 -0.06 20.60 4.56
CA VAL C 64 -0.39 19.27 4.04
C VAL C 64 0.24 19.17 2.67
N GLY C 65 0.78 17.99 2.34
CA GLY C 65 1.53 17.88 1.11
C GLY C 65 1.93 16.46 0.73
N SER C 66 2.79 16.39 -0.27
CA SER C 66 3.23 15.13 -0.91
C SER C 66 4.59 15.33 -1.55
N PRO C 67 5.39 14.25 -1.62
CA PRO C 67 6.67 14.33 -2.33
C PRO C 67 6.42 14.47 -3.85
N ARG C 68 7.38 15.04 -4.56
CA ARG C 68 7.33 15.15 -6.02
C ARG C 68 8.57 14.48 -6.62
N LEU C 72 10.64 20.10 -8.35
CA LEU C 72 10.02 21.41 -8.15
C LEU C 72 9.37 21.54 -6.76
N VAL C 73 9.35 22.77 -6.22
CA VAL C 73 8.61 23.07 -5.01
C VAL C 73 7.40 23.91 -5.38
N SER C 74 6.22 23.43 -5.02
CA SER C 74 5.00 24.11 -5.41
C SER C 74 4.13 24.41 -4.19
N LEU C 75 3.95 25.71 -3.89
CA LEU C 75 3.31 26.13 -2.64
C LEU C 75 2.02 26.91 -2.89
N LEU C 76 1.06 26.70 -2.02
CA LEU C 76 -0.15 27.53 -2.00
C LEU C 76 -0.51 27.83 -0.53
N THR C 77 -0.67 29.10 -0.19
CA THR C 77 -1.19 29.41 1.14
C THR C 77 -2.61 29.96 1.10
N THR C 78 -3.41 29.63 2.11
CA THR C 78 -4.76 30.16 2.19
C THR C 78 -4.83 31.27 3.26
N SER C 79 -3.73 31.49 3.98
CA SER C 79 -3.73 32.46 5.07
C SER C 79 -4.03 33.85 4.56
N GLU C 80 -5.01 34.51 5.18
CA GLU C 80 -5.52 35.80 4.70
C GLU C 80 -4.45 36.90 4.59
N GLY C 81 -3.58 37.01 5.59
CA GLY C 81 -2.63 38.10 5.62
C GLY C 81 -1.34 37.93 4.83
N ALA C 82 -1.17 36.76 4.22
CA ALA C 82 0.00 36.52 3.37
C ALA C 82 -0.01 37.44 2.16
N ASP C 83 1.17 37.96 1.81
CA ASP C 83 1.33 38.86 0.65
C ASP C 83 1.40 38.10 -0.68
N GLU C 84 0.87 38.72 -1.73
CA GLU C 84 0.82 38.13 -3.07
C GLU C 84 2.17 37.82 -3.72
N PRO C 85 2.20 36.77 -4.57
CA PRO C 85 1.07 35.85 -4.81
C PRO C 85 0.87 34.80 -3.69
N GLN C 86 -0.31 34.21 -3.63
CA GLN C 86 -0.56 33.18 -2.63
C GLN C 86 -0.05 31.81 -3.09
N ARG C 87 0.38 31.73 -4.35
CA ARG C 87 0.89 30.50 -4.98
C ARG C 87 2.31 30.75 -5.51
N LEU C 88 3.10 29.70 -5.61
CA LEU C 88 4.48 29.84 -6.08
C LEU C 88 5.13 28.52 -6.48
N GLN C 89 5.96 28.52 -7.53
CA GLN C 89 6.78 27.36 -7.87
C GLN C 89 8.24 27.78 -8.03
N PHE C 90 9.19 26.95 -7.61
CA PHE C 90 10.61 27.29 -7.73
C PHE C 90 11.51 26.06 -7.58
N PRO C 91 12.69 26.08 -8.19
CA PRO C 91 13.60 24.94 -8.06
C PRO C 91 14.33 24.87 -6.72
N LEU C 92 14.68 23.67 -6.30
CA LEU C 92 15.54 23.45 -5.15
C LEU C 92 16.90 24.13 -5.33
N PRO C 93 17.56 24.54 -4.23
CA PRO C 93 18.93 25.05 -4.40
C PRO C 93 19.87 23.92 -4.87
N THR C 94 20.95 24.27 -5.55
CA THR C 94 21.85 23.24 -6.07
C THR C 94 23.32 23.48 -5.83
N ALA C 95 23.69 24.08 -4.71
CA ALA C 95 25.11 24.33 -4.37
C ALA C 95 25.84 25.19 -5.40
N GLN C 96 25.43 25.09 -6.67
CA GLN C 96 25.93 25.98 -7.72
C GLN C 96 25.18 27.30 -7.55
N ARG C 97 23.86 27.19 -7.51
CA ARG C 97 22.98 28.34 -7.34
C ARG C 97 22.10 28.09 -6.12
N SER C 98 22.27 28.90 -5.08
CA SER C 98 21.44 28.79 -3.88
C SER C 98 20.21 29.68 -4.00
N LEU C 99 19.21 29.46 -3.15
CA LEU C 99 18.04 30.35 -3.16
C LEU C 99 18.32 31.60 -2.35
N GLU C 100 17.52 32.62 -2.60
CA GLU C 100 17.65 33.89 -1.92
C GLU C 100 16.27 34.44 -1.58
N PRO C 101 16.19 35.24 -0.50
CA PRO C 101 14.91 35.79 -0.07
C PRO C 101 14.41 36.73 -1.14
N GLY C 102 13.10 36.92 -1.22
CA GLY C 102 12.51 37.77 -2.22
C GLY C 102 11.01 37.88 -2.04
N THR C 103 10.26 37.77 -3.13
CA THR C 103 8.82 37.92 -3.08
C THR C 103 8.15 36.62 -3.53
N PRO C 104 7.06 36.23 -2.85
CA PRO C 104 6.44 36.90 -1.69
C PRO C 104 7.23 36.71 -0.41
N ARG C 105 6.99 37.63 0.53
CA ARG C 105 7.73 37.66 1.77
C ARG C 105 7.48 36.43 2.62
N TRP C 106 6.25 35.91 2.59
CA TRP C 106 5.89 34.78 3.44
C TRP C 106 6.68 33.54 3.02
N ALA C 107 6.98 33.45 1.73
CA ALA C 107 7.65 32.28 1.20
C ALA C 107 9.11 32.27 1.59
N ASN C 108 9.62 33.40 2.08
CA ASN C 108 11.01 33.49 2.50
C ASN C 108 11.30 32.55 3.68
N TYR C 109 10.27 32.27 4.46
CA TYR C 109 10.43 31.39 5.62
C TYR C 109 10.60 29.94 5.18
N VAL C 110 9.81 29.54 4.21
CA VAL C 110 9.93 28.19 3.68
C VAL C 110 11.26 28.03 2.93
N LYS C 111 11.56 28.97 2.04
CA LYS C 111 12.82 28.98 1.30
C LYS C 111 14.03 28.95 2.23
N GLY C 112 13.96 29.70 3.32
CA GLY C 112 15.06 29.76 4.28
C GLY C 112 15.38 28.42 4.95
N VAL C 113 14.33 27.69 5.30
CA VAL C 113 14.46 26.38 5.96
C VAL C 113 15.00 25.36 4.94
N ILE C 114 14.47 25.36 3.73
CA ILE C 114 14.97 24.49 2.66
C ILE C 114 16.48 24.68 2.47
N GLN C 115 16.88 25.94 2.36
CA GLN C 115 18.26 26.33 2.11
C GLN C 115 19.28 25.78 3.10
N TYR C 116 18.96 25.84 4.39
CA TYR C 116 19.92 25.41 5.39
C TYR C 116 19.60 24.00 5.93
N TYR C 117 18.67 23.31 5.29
CA TYR C 117 18.31 21.95 5.71
C TYR C 117 19.50 21.02 5.57
N PRO C 118 19.89 20.35 6.67
CA PRO C 118 21.18 19.68 6.78
C PRO C 118 21.26 18.29 6.17
N ALA C 119 20.14 17.69 5.76
CA ALA C 119 20.19 16.32 5.24
C ALA C 119 19.89 16.32 3.76
N ALA C 120 20.37 15.29 3.09
CA ALA C 120 20.23 15.13 1.65
C ALA C 120 20.03 13.64 1.35
N PRO C 121 19.39 13.31 0.22
CA PRO C 121 18.84 14.15 -0.86
C PRO C 121 17.41 14.58 -0.61
N LEU C 122 17.17 15.88 -0.72
CA LEU C 122 15.84 16.44 -0.50
C LEU C 122 15.00 16.55 -1.75
N PRO C 123 13.88 15.81 -1.81
CA PRO C 123 12.96 15.84 -2.96
C PRO C 123 12.12 17.10 -3.02
N GLY C 124 11.48 17.33 -4.16
CA GLY C 124 10.51 18.39 -4.29
C GLY C 124 9.16 18.02 -3.71
N PHE C 125 8.25 18.99 -3.66
CA PHE C 125 6.95 18.75 -3.06
C PHE C 125 5.87 19.77 -3.37
N SER C 126 4.62 19.32 -3.26
CA SER C 126 3.47 20.20 -3.30
C SER C 126 2.92 20.30 -1.89
N ALA C 127 2.54 21.51 -1.50
CA ALA C 127 2.08 21.77 -0.14
C ALA C 127 1.12 22.94 -0.05
N VAL C 128 0.05 22.76 0.70
CA VAL C 128 -0.81 23.86 1.08
C VAL C 128 -0.40 24.25 2.53
N VAL C 129 -0.30 25.55 2.76
CA VAL C 129 0.02 26.17 4.06
C VAL C 129 -1.18 26.92 4.58
N VAL C 130 -1.64 26.54 5.77
CA VAL C 130 -2.70 27.29 6.45
C VAL C 130 -2.15 27.64 7.85
N SER C 131 -2.70 28.68 8.47
CA SER C 131 -2.24 29.00 9.83
C SER C 131 -3.34 29.70 10.62
N SER C 132 -3.40 29.42 11.92
CA SER C 132 -4.31 30.14 12.78
C SER C 132 -3.47 31.09 13.66
N VAL C 133 -2.15 31.12 13.47
CA VAL C 133 -1.32 32.10 14.22
C VAL C 133 -1.51 33.46 13.58
N PRO C 134 -1.92 34.50 14.37
CA PRO C 134 -2.10 35.83 13.75
C PRO C 134 -0.77 36.21 13.08
N LEU C 135 -0.75 36.45 11.77
CA LEU C 135 0.53 36.57 11.09
C LEU C 135 1.20 37.86 11.57
N GLY C 136 2.40 37.72 12.10
CA GLY C 136 3.10 38.88 12.63
C GLY C 136 2.42 39.51 13.86
N GLY C 137 1.52 38.79 14.53
CA GLY C 137 0.81 39.36 15.67
C GLY C 137 1.47 39.21 17.04
N GLY C 138 2.74 38.78 17.06
CA GLY C 138 3.53 38.62 18.29
C GLY C 138 3.58 37.23 18.94
N LEU C 139 2.98 36.24 18.28
CA LEU C 139 2.94 34.87 18.82
C LEU C 139 3.74 33.88 17.98
N SER C 140 4.66 34.41 17.18
CA SER C 140 5.70 33.65 16.50
C SER C 140 5.13 32.84 15.33
N SER C 141 4.33 33.50 14.51
CA SER C 141 3.82 32.86 13.29
C SER C 141 4.96 32.36 12.40
N SER C 142 6.01 33.14 12.29
CA SER C 142 7.04 32.75 11.33
C SER C 142 7.85 31.58 11.87
N ALA C 143 8.10 31.52 13.18
CA ALA C 143 8.76 30.30 13.71
C ALA C 143 7.85 29.09 13.52
N SER C 144 6.54 29.27 13.69
CA SER C 144 5.65 28.13 13.51
C SER C 144 5.69 27.70 12.01
N LEU C 145 5.81 28.64 11.08
CA LEU C 145 5.94 28.26 9.66
C LEU C 145 7.33 27.64 9.39
N GLU C 146 8.39 28.21 9.97
CA GLU C 146 9.73 27.59 9.86
C GLU C 146 9.75 26.15 10.36
N VAL C 147 9.22 25.94 11.56
CA VAL C 147 9.22 24.63 12.16
C VAL C 147 8.29 23.66 11.44
N ALA C 148 7.10 24.11 11.04
CA ALA C 148 6.24 23.22 10.26
C ALA C 148 6.94 22.79 8.97
N THR C 149 7.63 23.72 8.31
CA THR C 149 8.31 23.41 7.04
C THR C 149 9.41 22.39 7.31
N TYR C 150 10.19 22.61 8.36
CA TYR C 150 11.28 21.70 8.73
C TYR C 150 10.75 20.29 9.04
N THR C 151 9.62 20.23 9.74
CA THR C 151 9.00 18.96 10.12
C THR C 151 8.48 18.19 8.88
N PHE C 152 7.96 18.92 7.89
CA PHE C 152 7.55 18.35 6.62
C PHE C 152 8.77 17.81 5.90
N LEU C 153 9.83 18.60 5.78
CA LEU C 153 11.06 18.15 5.09
C LEU C 153 11.67 16.90 5.71
N GLN C 154 11.52 16.75 7.02
CA GLN C 154 11.95 15.52 7.68
C GLN C 154 11.20 14.28 7.17
N GLN C 155 9.94 14.43 6.79
CA GLN C 155 9.19 13.26 6.26
C GLN C 155 9.70 12.91 4.85
N LEU C 156 10.15 13.94 4.13
CA LEU C 156 10.75 13.82 2.79
C LEU C 156 12.19 13.32 2.86
N CYS C 157 12.91 13.77 3.86
CA CYS C 157 14.31 13.42 3.97
C CYS C 157 14.76 13.49 5.40
N PRO C 158 14.54 12.38 6.12
CA PRO C 158 14.89 12.30 7.53
C PRO C 158 16.27 12.88 7.77
N ASP C 159 16.43 13.73 8.79
CA ASP C 159 17.71 14.30 9.15
C ASP C 159 18.33 13.42 10.26
N SER C 160 19.53 13.72 10.71
CA SER C 160 20.05 12.95 11.83
C SER C 160 20.42 13.85 12.99
N GLY C 161 19.65 14.91 13.18
CA GLY C 161 20.10 15.95 14.06
C GLY C 161 19.45 15.99 15.43
N THR C 162 19.76 17.06 16.15
CA THR C 162 19.26 17.30 17.50
C THR C 162 18.19 18.39 17.46
N ILE C 163 17.52 18.60 18.58
CA ILE C 163 16.49 19.64 18.67
C ILE C 163 17.13 21.04 18.53
N ALA C 164 18.27 21.26 19.17
CA ALA C 164 18.89 22.58 19.10
C ALA C 164 19.33 22.88 17.68
N ALA C 165 19.85 21.87 17.01
CA ALA C 165 20.23 22.05 15.62
C ALA C 165 19.07 22.36 14.68
N ARG C 166 17.92 21.70 14.85
CA ARG C 166 16.78 22.07 14.03
C ARG C 166 16.34 23.48 14.36
N ALA C 167 16.39 23.84 15.64
CA ALA C 167 16.04 25.19 16.08
C ALA C 167 16.96 26.23 15.45
N GLN C 168 18.26 25.91 15.41
CA GLN C 168 19.25 26.84 14.87
C GLN C 168 19.11 27.05 13.35
N VAL C 169 18.70 26.00 12.63
CA VAL C 169 18.41 26.08 11.17
C VAL C 169 17.21 26.98 10.87
N CYS C 170 16.18 26.84 11.70
CA CYS C 170 15.03 27.70 11.56
C CYS C 170 15.39 29.16 11.95
N GLN C 171 16.20 29.32 12.99
CA GLN C 171 16.66 30.65 13.43
C GLN C 171 17.45 31.34 12.32
N GLN C 172 18.31 30.56 11.68
CA GLN C 172 19.13 31.00 10.56
C GLN C 172 18.26 31.47 9.40
N ALA C 173 17.19 30.74 9.11
CA ALA C 173 16.23 31.21 8.11
C ALA C 173 15.61 32.56 8.50
N GLU C 174 15.27 32.74 9.77
CA GLU C 174 14.66 33.99 10.25
C GLU C 174 15.67 35.15 10.13
N HIS C 175 16.90 34.91 10.56
CA HIS C 175 17.98 35.90 10.47
C HIS C 175 18.26 36.25 9.01
N SER C 176 18.47 35.24 8.15
CA SER C 176 19.00 35.45 6.79
C SER C 176 17.94 35.73 5.71
N PHE C 177 16.77 35.13 5.87
CA PHE C 177 15.76 35.25 4.84
C PHE C 177 14.65 36.20 5.27
N ALA C 178 14.60 36.56 6.56
CA ALA C 178 13.60 37.53 7.05
C ALA C 178 14.25 38.74 7.72
N GLY C 179 15.57 38.75 7.80
CA GLY C 179 16.29 39.89 8.36
C GLY C 179 16.04 40.23 9.83
N MET C 180 15.67 39.22 10.62
CA MET C 180 15.34 39.43 12.04
C MET C 180 16.22 38.56 12.94
N PRO C 181 17.16 39.19 13.66
CA PRO C 181 18.17 38.49 14.46
C PRO C 181 17.63 37.95 15.80
N CYS C 182 16.63 37.07 15.71
CA CYS C 182 15.94 36.57 16.92
C CYS C 182 16.83 35.63 17.74
N GLY C 183 16.55 35.52 19.04
CA GLY C 183 17.17 34.45 19.80
C GLY C 183 16.53 33.11 19.51
N ILE C 184 16.80 32.11 20.35
CA ILE C 184 16.36 30.75 20.04
C ILE C 184 15.00 30.32 20.58
N MET C 185 14.40 31.17 21.43
CA MET C 185 13.22 30.71 22.15
C MET C 185 12.11 30.18 21.21
N ASP C 186 11.78 30.99 20.19
CA ASP C 186 10.58 30.80 19.41
C ASP C 186 10.63 29.52 18.58
N GLN C 187 11.79 29.23 18.00
CA GLN C 187 11.94 27.99 17.24
C GLN C 187 11.92 26.78 18.18
N PHE C 188 12.55 26.96 19.34
CA PHE C 188 12.75 25.88 20.28
C PHE C 188 11.43 25.43 20.91
N ILE C 189 10.54 26.38 21.26
CA ILE C 189 9.27 25.99 21.87
C ILE C 189 8.36 25.38 20.77
N SER C 190 8.44 25.92 19.55
CA SER C 190 7.60 25.39 18.46
C SER C 190 7.97 23.92 18.21
N LEU C 191 9.25 23.64 18.25
CA LEU C 191 9.70 22.24 18.13
C LEU C 191 9.33 21.40 19.36
N MET C 192 9.55 21.93 20.57
CA MET C 192 9.61 21.03 21.78
C MET C 192 8.41 21.13 22.74
N GLY C 193 7.44 21.95 22.43
CA GLY C 193 6.24 22.04 23.27
C GLY C 193 5.61 20.68 23.45
N GLN C 194 4.96 20.50 24.60
CA GLN C 194 4.12 19.35 24.87
C GLN C 194 2.83 19.85 25.53
N LYS C 195 1.71 19.23 25.16
CA LYS C 195 0.43 19.57 25.80
C LYS C 195 0.53 19.54 27.33
N GLY C 196 -0.02 20.54 28.00
CA GLY C 196 -0.08 20.53 29.44
C GLY C 196 1.28 20.79 30.12
N HIS C 197 2.23 21.31 29.34
CA HIS C 197 3.53 21.70 29.90
C HIS C 197 3.97 23.06 29.41
N ALA C 198 4.64 23.80 30.28
CA ALA C 198 5.42 24.94 29.82
C ALA C 198 6.83 24.41 29.62
N LEU C 199 7.68 25.14 28.91
CA LEU C 199 9.03 24.67 28.67
C LEU C 199 10.00 25.65 29.34
N LEU C 200 10.75 25.24 30.35
CA LEU C 200 11.85 26.08 30.82
C LEU C 200 13.11 25.79 30.00
N ILE C 201 13.58 26.79 29.28
CA ILE C 201 14.76 26.68 28.45
C ILE C 201 15.90 27.51 29.06
N ASP C 202 17.03 26.85 29.28
CA ASP C 202 18.26 27.53 29.71
C ASP C 202 19.01 27.85 28.45
N CYS C 203 19.09 29.13 28.11
CA CYS C 203 19.65 29.53 26.83
C CYS C 203 21.18 29.55 26.81
N ARG C 204 21.80 29.24 27.94
CA ARG C 204 23.25 28.99 28.00
C ARG C 204 23.57 27.50 27.74
N SER C 205 22.95 26.61 28.51
CA SER C 205 23.27 25.19 28.43
C SER C 205 22.46 24.44 27.35
N LEU C 206 21.37 25.06 26.91
CA LEU C 206 20.40 24.44 25.97
C LEU C 206 19.72 23.26 26.64
N GLU C 207 19.79 23.21 27.97
CA GLU C 207 18.94 22.29 28.69
C GLU C 207 17.47 22.73 28.69
N THR C 208 16.53 21.77 28.65
CA THR C 208 15.14 22.19 28.71
C THR C 208 14.41 21.33 29.70
N SER C 209 13.46 21.91 30.41
CA SER C 209 12.66 21.13 31.32
C SER C 209 11.22 21.33 30.93
N LEU C 210 10.47 20.23 30.97
CA LEU C 210 9.05 20.22 30.64
C LEU C 210 8.34 20.28 32.00
N VAL C 211 7.82 21.47 32.30
CA VAL C 211 7.21 21.74 33.57
C VAL C 211 5.70 21.57 33.49
N PRO C 212 5.15 20.63 34.26
CA PRO C 212 3.70 20.40 34.10
C PRO C 212 2.84 21.63 34.41
N LEU C 213 1.99 22.00 33.45
CA LEU C 213 1.08 23.14 33.56
C LEU C 213 -0.33 22.77 33.10
N SER C 214 -1.11 22.13 33.96
CA SER C 214 -2.38 21.53 33.52
C SER C 214 -3.62 21.69 34.42
N ASP C 215 -3.69 22.77 35.20
CA ASP C 215 -4.75 22.92 36.18
C ASP C 215 -5.91 23.63 35.52
N PRO C 216 -7.06 22.92 35.42
CA PRO C 216 -8.25 23.40 34.72
C PRO C 216 -8.85 24.63 35.35
N LYS C 217 -8.51 24.87 36.61
CA LYS C 217 -8.99 26.04 37.33
C LYS C 217 -8.14 27.25 36.96
N LEU C 218 -7.09 27.02 36.17
CA LEU C 218 -6.20 28.11 35.77
C LEU C 218 -6.34 28.31 34.28
N ALA C 219 -6.09 29.53 33.81
CA ALA C 219 -6.12 29.74 32.38
C ALA C 219 -5.07 30.71 31.94
N VAL C 220 -4.78 30.68 30.64
CA VAL C 220 -3.94 31.68 30.04
C VAL C 220 -4.72 32.46 29.01
N LEU C 221 -4.84 33.77 29.23
CA LEU C 221 -5.54 34.63 28.28
C LEU C 221 -4.52 35.45 27.54
N ILE C 222 -4.53 35.30 26.21
CA ILE C 222 -3.71 36.10 25.33
C ILE C 222 -4.56 37.17 24.74
N THR C 223 -4.10 38.41 24.89
CA THR C 223 -4.79 39.54 24.34
C THR C 223 -3.91 40.25 23.31
N ASN C 224 -4.38 40.28 22.07
CA ASN C 224 -3.67 40.96 21.00
C ASN C 224 -4.12 42.41 20.96
N SER C 225 -3.17 43.32 21.10
CA SER C 225 -3.40 44.76 20.96
C SER C 225 -3.77 45.19 19.54
N ASN C 226 -3.43 44.35 18.57
CA ASN C 226 -3.62 44.63 17.16
C ASN C 226 -2.99 45.95 16.71
N VAL C 227 -1.88 46.32 17.35
CA VAL C 227 -1.01 47.40 16.88
C VAL C 227 0.43 46.88 16.79
N ARG C 228 1.16 47.43 15.82
CA ARG C 228 2.61 47.22 15.71
C ARG C 228 3.28 48.51 15.23
N HIS C 229 4.13 49.08 16.08
CA HIS C 229 4.80 50.35 15.83
C HIS C 229 5.97 50.22 14.85
N SER C 230 6.77 51.29 14.73
CA SER C 230 7.82 51.31 13.72
C SER C 230 9.16 50.92 14.32
N LEU C 231 9.28 51.06 15.64
CA LEU C 231 10.43 50.55 16.38
C LEU C 231 10.40 49.03 16.55
N ALA C 232 9.85 48.33 15.55
CA ALA C 232 9.80 46.88 15.54
C ALA C 232 11.17 46.25 15.69
N SER C 234 13.47 47.41 14.13
CA SER C 234 14.63 48.29 14.08
C SER C 234 15.23 48.48 15.46
N GLU C 235 14.41 48.29 16.48
CA GLU C 235 14.80 48.56 17.88
C GLU C 235 15.23 47.25 18.58
N TYR C 236 14.77 46.13 18.06
CA TYR C 236 15.15 44.85 18.64
C TYR C 236 16.67 44.65 18.50
N PRO C 237 17.24 44.90 17.28
CA PRO C 237 18.70 44.74 17.18
C PRO C 237 19.47 45.74 18.01
N VAL C 238 18.84 46.86 18.29
CA VAL C 238 19.47 47.90 19.10
C VAL C 238 19.70 47.44 20.55
N ARG C 239 18.68 46.81 21.14
CA ARG C 239 18.78 46.31 22.51
C ARG C 239 19.85 45.22 22.60
N ARG C 240 19.88 44.33 21.60
CA ARG C 240 20.87 43.26 21.58
C ARG C 240 22.26 43.91 21.63
N ARG C 241 22.44 44.97 20.87
CA ARG C 241 23.71 45.68 20.88
C ARG C 241 24.07 46.23 22.27
N GLN C 242 23.14 46.88 22.97
CA GLN C 242 23.49 47.46 24.28
C GLN C 242 23.75 46.43 25.39
N CYS C 243 23.12 45.26 25.30
CA CYS C 243 23.35 44.22 26.30
C CYS C 243 24.80 43.75 26.24
N GLU C 244 25.32 43.66 25.02
CA GLU C 244 26.68 43.18 24.82
C GLU C 244 27.72 44.12 25.45
N GLU C 245 27.44 45.41 25.48
CA GLU C 245 28.38 46.37 26.09
C GLU C 245 28.58 46.20 27.59
N VAL C 246 27.49 46.02 28.33
CA VAL C 246 27.60 45.88 29.78
C VAL C 246 28.29 44.58 30.21
N ALA C 247 27.99 43.48 29.53
CA ALA C 247 28.68 42.24 29.83
C ALA C 247 30.18 42.45 29.58
N ARG C 248 30.47 43.21 28.53
CA ARG C 248 31.83 43.52 28.15
C ARG C 248 32.52 44.35 29.22
N ALA C 249 31.87 45.46 29.61
CA ALA C 249 32.38 46.38 30.63
C ALA C 249 32.61 45.69 31.98
N LEU C 250 31.80 44.67 32.26
CA LEU C 250 31.95 43.92 33.51
C LEU C 250 32.76 42.67 33.23
N GLY C 251 33.29 42.57 32.02
CA GLY C 251 34.14 41.45 31.63
C GLY C 251 33.49 40.10 31.71
N LYS C 252 32.18 40.08 31.51
CA LYS C 252 31.46 38.82 31.58
C LYS C 252 31.07 38.45 30.15
N GLU C 253 31.04 37.15 29.88
CA GLU C 253 30.71 36.64 28.56
C GLU C 253 29.28 37.00 28.17
N SER C 254 28.39 37.03 29.15
CA SER C 254 27.00 37.40 28.93
C SER C 254 26.39 37.90 30.24
N LEU C 255 25.21 38.51 30.17
CA LEU C 255 24.57 39.02 31.36
C LEU C 255 24.11 37.86 32.20
N ARG C 256 24.16 36.63 31.66
CA ARG C 256 23.84 35.49 32.50
C ARG C 256 24.86 35.37 33.64
N GLU C 257 26.09 35.82 33.37
CA GLU C 257 27.18 35.72 34.35
C GLU C 257 27.18 36.86 35.37
N VAL C 258 26.38 37.89 35.12
CA VAL C 258 26.31 39.08 35.98
C VAL C 258 25.29 38.84 37.11
N GLN C 259 25.70 39.15 38.35
CA GLN C 259 24.81 39.01 39.51
C GLN C 259 24.12 40.37 39.79
N LEU C 260 22.84 40.37 40.21
CA LEU C 260 22.06 41.60 40.29
C LEU C 260 22.73 42.58 41.28
N GLU C 261 23.16 42.03 42.40
CA GLU C 261 23.74 42.89 43.45
C GLU C 261 25.04 43.54 42.94
N GLU C 262 25.91 42.75 42.31
CA GLU C 262 27.18 43.28 41.82
C GLU C 262 26.92 44.32 40.75
N LEU C 263 25.91 44.08 39.92
CA LEU C 263 25.55 45.09 38.91
C LEU C 263 25.15 46.44 39.51
N GLU C 264 24.42 46.43 40.62
CA GLU C 264 23.82 47.69 41.13
C GLU C 264 24.89 48.61 41.70
N ALA C 265 26.00 47.99 42.03
CA ALA C 265 27.19 48.68 42.55
C ALA C 265 28.17 49.07 41.43
N ALA C 266 27.78 48.85 40.16
CA ALA C 266 28.68 49.08 39.02
C ALA C 266 28.20 50.19 38.13
N ARG C 267 27.40 51.09 38.68
CA ARG C 267 26.90 52.21 37.90
C ARG C 267 27.96 53.11 37.26
N ASP C 268 29.17 53.18 37.81
CA ASP C 268 30.17 54.09 37.23
C ASP C 268 31.00 53.42 36.14
N LEU C 269 30.66 52.17 35.81
CA LEU C 269 31.36 51.47 34.74
C LEU C 269 30.59 51.45 33.43
N VAL C 270 29.33 51.86 33.48
CA VAL C 270 28.49 51.68 32.29
C VAL C 270 27.60 52.88 32.14
N SER C 271 27.08 53.07 30.92
CA SER C 271 26.17 54.17 30.62
C SER C 271 24.91 54.02 31.42
N LYS C 272 24.16 55.11 31.59
CA LYS C 272 22.91 55.08 32.32
C LYS C 272 21.88 54.14 31.66
N GLU C 273 21.78 54.18 30.34
CA GLU C 273 20.84 53.32 29.61
C GLU C 273 21.23 51.88 29.67
N GLY C 274 22.51 51.60 29.46
CA GLY C 274 23.05 50.26 29.59
C GLY C 274 22.84 49.66 30.96
N PHE C 275 22.98 50.49 32.02
CA PHE C 275 22.66 50.01 33.35
C PHE C 275 21.19 49.53 33.42
N ARG C 276 20.28 50.33 32.91
CA ARG C 276 18.87 49.99 32.94
C ARG C 276 18.56 48.75 32.08
N ARG C 277 19.20 48.61 30.93
CA ARG C 277 19.00 47.39 30.13
C ARG C 277 19.51 46.17 30.88
N ALA C 278 20.72 46.26 31.42
CA ALA C 278 21.27 45.07 32.05
C ALA C 278 20.50 44.77 33.31
N ARG C 279 19.96 45.81 33.97
CA ARG C 279 19.15 45.55 35.16
C ARG C 279 17.86 44.80 34.77
N HIS C 280 17.20 45.23 33.73
CA HIS C 280 16.08 44.36 33.24
C HIS C 280 16.48 42.88 33.05
N VAL C 281 17.55 42.66 32.29
CA VAL C 281 17.92 41.32 31.86
C VAL C 281 18.29 40.45 33.05
N VAL C 282 19.16 41.04 33.90
CA VAL C 282 19.62 40.30 35.03
C VAL C 282 18.51 40.02 36.02
N GLY C 283 17.64 40.99 36.28
CA GLY C 283 16.52 40.78 37.18
C GLY C 283 15.54 39.77 36.54
N GLU C 284 15.39 39.90 35.26
CA GLU C 284 14.44 38.97 34.54
C GLU C 284 14.85 37.49 34.56
N ILE C 285 16.14 37.22 34.43
CA ILE C 285 16.67 35.86 34.58
C ILE C 285 16.36 35.33 35.97
N ARG C 286 16.63 36.17 36.99
CA ARG C 286 16.33 35.73 38.33
C ARG C 286 14.81 35.48 38.48
N ARG C 287 13.99 36.40 37.95
CA ARG C 287 12.54 36.25 38.09
C ARG C 287 12.03 34.96 37.40
N THR C 288 12.72 34.57 36.34
CA THR C 288 12.25 33.38 35.55
C THR C 288 12.56 32.07 36.31
N ALA C 289 13.74 32.03 36.98
CA ALA C 289 14.02 30.90 37.84
C ALA C 289 12.99 30.84 38.97
N GLN C 290 12.72 32.00 39.58
CA GLN C 290 11.72 32.02 40.64
C GLN C 290 10.30 31.67 40.17
N ALA C 291 9.99 32.07 38.96
CA ALA C 291 8.67 31.80 38.38
C ALA C 291 8.50 30.30 38.08
N ALA C 292 9.56 29.68 37.59
CA ALA C 292 9.50 28.25 37.34
C ALA C 292 9.35 27.57 38.67
N ALA C 293 9.99 28.09 39.72
CA ALA C 293 9.84 27.42 41.00
C ALA C 293 8.39 27.53 41.48
N ALA C 294 7.79 28.70 41.32
CA ALA C 294 6.40 28.94 41.67
C ALA C 294 5.45 28.01 40.89
N LEU C 295 5.76 27.85 39.62
CA LEU C 295 4.92 27.04 38.76
C LEU C 295 4.87 25.61 39.37
N ARG C 296 6.01 25.08 39.79
CA ARG C 296 6.05 23.75 40.37
C ARG C 296 5.21 23.56 41.66
N ARG C 297 5.15 24.55 42.55
CA ARG C 297 4.33 24.29 43.72
C ARG C 297 2.91 24.81 43.51
N GLY C 298 2.58 25.16 42.27
CA GLY C 298 1.23 25.61 41.97
C GLY C 298 0.90 26.97 42.54
N ASP C 299 1.95 27.72 42.85
CA ASP C 299 1.77 29.06 43.42
C ASP C 299 1.56 30.08 42.31
N TYR C 300 0.34 30.11 41.80
CA TYR C 300 -0.04 30.96 40.70
C TYR C 300 -0.06 32.43 41.06
N ARG C 301 -0.43 32.72 42.31
CA ARG C 301 -0.45 34.11 42.76
C ARG C 301 0.95 34.72 42.68
N ALA C 302 1.96 33.96 43.09
CA ALA C 302 3.34 34.40 43.08
C ALA C 302 3.87 34.45 41.65
N PHE C 303 3.49 33.50 40.83
CA PHE C 303 3.86 33.55 39.44
C PHE C 303 3.34 34.85 38.82
N GLY C 304 2.09 35.16 39.11
CA GLY C 304 1.46 36.36 38.56
C GLY C 304 2.16 37.63 39.05
N ARG C 305 2.56 37.64 40.32
CA ARG C 305 3.34 38.79 40.81
C ARG C 305 4.67 38.95 40.01
N LEU C 306 5.34 37.85 39.70
CA LEU C 306 6.58 37.95 38.92
C LEU C 306 6.31 38.47 37.50
N MET C 307 5.19 38.01 36.89
CA MET C 307 4.78 38.55 35.62
C MET C 307 4.61 40.08 35.62
N VAL C 308 3.94 40.60 36.65
CA VAL C 308 3.72 42.04 36.73
C VAL C 308 5.10 42.72 36.89
N GLU C 309 5.99 42.16 37.71
CA GLU C 309 7.35 42.74 37.86
C GLU C 309 8.12 42.71 36.55
N SER C 310 7.94 41.64 35.76
CA SER C 310 8.56 41.56 34.47
C SER C 310 7.97 42.66 33.57
N HIS C 311 6.66 42.89 33.65
CA HIS C 311 6.12 43.93 32.78
C HIS C 311 6.69 45.32 33.14
N ARG C 312 6.73 45.58 34.42
CA ARG C 312 7.19 46.90 34.90
C ARG C 312 8.62 47.14 34.43
N SER C 313 9.46 46.12 34.55
CA SER C 313 10.86 46.15 34.11
C SER C 313 11.00 46.32 32.58
N LEU C 314 10.18 45.61 31.80
CA LEU C 314 10.18 45.81 30.35
C LEU C 314 9.76 47.19 30.00
N ARG C 315 8.77 47.68 30.72
CA ARG C 315 8.21 49.00 30.42
C ARG C 315 9.19 50.08 30.81
N ASP C 316 9.80 49.93 31.99
CA ASP C 316 10.58 51.07 32.55
C ASP C 316 12.10 51.00 32.32
N ASP C 317 12.65 49.80 32.42
CA ASP C 317 14.10 49.59 32.29
C ASP C 317 14.47 49.16 30.86
N TYR C 318 13.71 48.23 30.27
CA TYR C 318 14.11 47.78 28.93
C TYR C 318 13.51 48.69 27.86
N GLU C 319 12.44 49.39 28.21
CA GLU C 319 11.72 50.29 27.31
C GLU C 319 11.29 49.59 26.00
N VAL C 320 10.52 48.50 26.10
CA VAL C 320 10.09 47.83 24.87
C VAL C 320 8.58 47.60 24.87
N SER C 321 7.91 48.23 25.82
CA SER C 321 6.46 48.18 25.86
C SER C 321 5.91 49.30 24.97
N CYS C 322 4.60 49.54 25.07
CA CYS C 322 3.99 50.66 24.35
C CYS C 322 2.71 51.03 25.08
N PRO C 323 2.16 52.24 24.83
CA PRO C 323 0.97 52.66 25.56
C PRO C 323 -0.17 51.64 25.48
N GLU C 324 -0.33 51.00 24.33
CA GLU C 324 -1.39 50.00 24.17
C GLU C 324 -1.22 48.80 25.10
N LEU C 325 -0.01 48.25 25.11
CA LEU C 325 0.25 47.12 25.98
C LEU C 325 0.08 47.54 27.43
N ASP C 326 0.56 48.72 27.78
CA ASP C 326 0.47 49.14 29.16
C ASP C 326 -0.98 49.25 29.61
N GLN C 327 -1.83 49.76 28.73
CA GLN C 327 -3.26 49.86 29.02
C GLN C 327 -3.90 48.49 29.19
N LEU C 328 -3.59 47.59 28.26
CA LEU C 328 -4.09 46.23 28.32
C LEU C 328 -3.71 45.56 29.62
N VAL C 329 -2.47 45.76 30.07
CA VAL C 329 -2.03 45.14 31.31
C VAL C 329 -2.73 45.71 32.55
N GLU C 330 -2.90 47.03 32.59
CA GLU C 330 -3.50 47.64 33.74
C GLU C 330 -5.00 47.26 33.78
N ALA C 331 -5.62 47.05 32.62
CA ALA C 331 -7.02 46.64 32.65
C ALA C 331 -7.15 45.22 33.17
N ALA C 332 -6.25 44.34 32.72
CA ALA C 332 -6.27 42.97 33.16
C ALA C 332 -6.10 42.90 34.68
N LEU C 333 -5.19 43.72 35.23
CA LEU C 333 -4.89 43.61 36.65
C LEU C 333 -6.03 44.11 37.52
N ALA C 334 -6.96 44.84 36.94
CA ALA C 334 -8.09 45.34 37.71
C ALA C 334 -9.19 44.27 37.81
N VAL C 335 -8.99 43.15 37.13
CA VAL C 335 -10.04 42.13 37.06
C VAL C 335 -9.90 41.05 38.13
N PRO C 336 -10.94 40.85 38.96
CA PRO C 336 -10.89 39.80 39.99
C PRO C 336 -10.64 38.43 39.40
N GLY C 337 -9.71 37.67 39.97
CA GLY C 337 -9.40 36.35 39.45
C GLY C 337 -8.15 36.37 38.58
N VAL C 338 -7.66 37.56 38.24
CA VAL C 338 -6.45 37.61 37.43
C VAL C 338 -5.21 37.54 38.31
N TYR C 339 -4.30 36.61 38.03
CA TYR C 339 -3.10 36.52 38.88
C TYR C 339 -2.00 37.51 38.50
N GLY C 340 -1.87 37.76 37.20
CA GLY C 340 -0.87 38.67 36.70
C GLY C 340 -1.03 38.85 35.21
N SER C 341 -0.37 39.88 34.70
CA SER C 341 -0.43 40.17 33.26
C SER C 341 0.84 40.93 32.88
N ARG C 342 1.26 40.78 31.63
CA ARG C 342 2.46 41.43 31.15
C ARG C 342 2.48 41.37 29.63
N MET C 343 3.19 42.29 29.00
CA MET C 343 3.45 42.12 27.57
C MET C 343 4.19 40.80 27.33
N THR C 344 4.00 40.19 26.16
CA THR C 344 4.71 38.96 25.87
C THR C 344 5.40 39.09 24.51
N GLY C 345 6.49 38.36 24.31
CA GLY C 345 7.21 38.48 23.07
C GLY C 345 8.08 39.72 23.02
N GLY C 346 8.37 40.20 21.81
CA GLY C 346 9.36 41.24 21.57
C GLY C 346 9.00 42.67 21.97
N GLY C 347 7.71 42.95 22.01
CA GLY C 347 7.24 44.25 22.45
C GLY C 347 6.91 45.20 21.33
N PHE C 348 6.60 46.43 21.72
CA PHE C 348 6.19 47.51 20.82
C PHE C 348 4.90 47.19 20.09
N GLY C 349 4.06 46.35 20.71
CA GLY C 349 2.81 45.94 20.12
C GLY C 349 2.65 44.46 20.40
N GLY C 350 1.82 43.79 19.60
CA GLY C 350 1.59 42.37 19.81
C GLY C 350 0.69 42.15 21.01
N CYS C 351 0.99 41.12 21.78
CA CYS C 351 0.05 40.61 22.77
C CYS C 351 0.51 40.81 24.20
N THR C 352 -0.45 40.75 25.13
CA THR C 352 -0.15 40.53 26.53
C THR C 352 -0.56 39.10 26.87
N VAL C 353 -0.01 38.61 27.96
CA VAL C 353 -0.32 37.31 28.50
C VAL C 353 -0.76 37.50 29.93
N THR C 354 -1.88 36.86 30.25
CA THR C 354 -2.52 37.00 31.55
C THR C 354 -2.77 35.62 32.13
N LEU C 355 -2.35 35.40 33.38
CA LEU C 355 -2.64 34.17 34.10
C LEU C 355 -3.83 34.46 35.05
N LEU C 356 -4.93 33.73 34.91
CA LEU C 356 -6.19 34.00 35.65
C LEU C 356 -6.99 32.76 36.08
N GLU C 357 -7.86 32.88 37.10
CA GLU C 357 -8.83 31.80 37.34
C GLU C 357 -9.70 31.61 36.10
N ALA C 358 -9.88 30.36 35.71
CA ALA C 358 -10.60 30.04 34.48
C ALA C 358 -12.01 30.67 34.43
N SER C 359 -12.69 30.70 35.57
CA SER C 359 -14.02 31.27 35.67
C SER C 359 -14.01 32.79 35.46
N ALA C 360 -12.89 33.44 35.72
CA ALA C 360 -12.83 34.89 35.59
C ALA C 360 -12.66 35.32 34.13
N ALA C 361 -12.40 34.36 33.25
CA ALA C 361 -12.03 34.73 31.88
C ALA C 361 -13.11 35.55 31.12
N PRO C 362 -14.40 35.19 31.25
CA PRO C 362 -15.33 36.07 30.50
C PRO C 362 -15.48 37.46 31.12
N HIS C 363 -15.35 37.57 32.43
CA HIS C 363 -15.32 38.90 33.05
C HIS C 363 -14.09 39.65 32.57
N ALA C 364 -12.96 38.95 32.48
CA ALA C 364 -11.71 39.61 32.10
C ALA C 364 -11.81 40.10 30.66
N MET C 365 -12.37 39.29 29.78
CA MET C 365 -12.49 39.71 28.39
C MET C 365 -13.41 40.93 28.26
N ARG C 366 -14.53 40.93 29.00
CA ARG C 366 -15.46 42.08 28.94
C ARG C 366 -14.73 43.33 29.31
N HIS C 367 -14.05 43.25 30.44
CA HIS C 367 -13.43 44.45 30.97
C HIS C 367 -12.26 45.01 30.15
N ILE C 368 -11.40 44.10 29.68
CA ILE C 368 -10.22 44.54 28.94
C ILE C 368 -10.62 45.24 27.64
N GLN C 369 -11.59 44.68 26.90
CA GLN C 369 -12.04 45.33 25.65
C GLN C 369 -12.64 46.72 25.91
N GLU C 370 -13.42 46.84 26.98
CA GLU C 370 -14.11 48.09 27.26
C GLU C 370 -13.12 49.15 27.69
N HIS C 371 -12.10 48.75 28.44
CA HIS C 371 -11.13 49.71 28.94
C HIS C 371 -9.93 49.88 28.03
N TYR C 372 -10.00 49.25 26.86
CA TYR C 372 -8.97 49.41 25.84
C TYR C 372 -9.52 50.28 24.74
N GLY C 373 -8.73 51.28 24.36
CA GLY C 373 -9.15 52.25 23.37
C GLY C 373 -9.12 51.67 21.97
N GLY C 374 -8.42 50.56 21.80
CA GLY C 374 -8.36 49.91 20.51
C GLY C 374 -9.30 48.74 20.43
N THR C 375 -9.05 47.90 19.42
CA THR C 375 -9.77 46.64 19.29
C THR C 375 -8.91 45.48 19.75
N ALA C 376 -9.26 44.90 20.89
CA ALA C 376 -8.55 43.72 21.39
C ALA C 376 -9.04 42.44 20.75
N THR C 377 -8.14 41.48 20.56
CA THR C 377 -8.54 40.13 20.20
C THR C 377 -8.11 39.19 21.35
N PHE C 378 -8.94 38.23 21.71
CA PHE C 378 -8.60 37.30 22.79
C PHE C 378 -8.42 35.87 22.29
N TYR C 379 -7.43 35.20 22.89
CA TYR C 379 -7.28 33.74 22.80
C TYR C 379 -7.21 33.18 24.19
N LEU C 380 -7.96 32.11 24.43
CA LEU C 380 -7.78 31.38 25.65
C LEU C 380 -7.04 30.12 25.33
N SER C 381 -5.83 29.95 25.83
CA SER C 381 -5.13 28.75 25.37
C SER C 381 -4.64 27.85 26.49
N GLN C 382 -4.69 26.55 26.26
CA GLN C 382 -3.96 25.65 27.13
C GLN C 382 -2.54 25.53 26.56
N ALA C 383 -1.63 24.98 27.34
CA ALA C 383 -0.32 24.63 26.85
C ALA C 383 -0.51 23.52 25.79
N ALA C 384 0.10 23.72 24.64
CA ALA C 384 -0.12 22.80 23.52
C ALA C 384 1.12 21.96 23.13
N ASP C 385 0.91 20.95 22.27
CA ASP C 385 2.00 20.23 21.66
C ASP C 385 2.83 21.08 20.74
N GLY C 386 4.08 20.66 20.51
CA GLY C 386 4.92 21.25 19.50
C GLY C 386 4.68 20.49 18.18
N ALA C 387 5.72 20.40 17.36
CA ALA C 387 5.62 19.87 15.98
C ALA C 387 5.15 18.43 15.98
N LYS C 388 4.24 18.13 15.01
CA LYS C 388 3.65 16.84 14.96
C LYS C 388 3.50 16.44 13.53
N VAL C 389 3.34 15.14 13.34
CA VAL C 389 3.12 14.54 12.01
C VAL C 389 1.86 13.68 12.01
N LEU C 390 1.06 13.76 10.93
CA LEU C 390 -0.03 12.83 10.73
C LEU C 390 0.05 12.36 9.26
N CYS C 391 0.30 11.08 9.11
CA CYS C 391 0.30 10.50 7.74
C CYS C 391 -1.10 10.46 7.18
N LEU C 392 -1.29 10.80 5.90
CA LEU C 392 -2.66 10.83 5.32
C LEU C 392 -2.94 9.70 4.29
N GLN D 8 -9.23 12.45 -26.12
CA GLN D 8 -8.45 13.58 -26.61
C GLN D 8 -7.01 13.16 -26.86
N VAL D 9 -6.29 13.95 -27.65
CA VAL D 9 -4.94 13.58 -28.10
C VAL D 9 -3.79 14.19 -27.30
N ALA D 10 -3.91 15.46 -26.95
CA ALA D 10 -2.84 16.18 -26.25
C ALA D 10 -2.48 15.53 -24.91
N GLU D 11 -3.52 14.99 -24.26
CA GLU D 11 -3.42 14.36 -22.96
C GLU D 11 -2.50 13.13 -22.99
N LEU D 12 -2.59 12.34 -24.04
CA LEU D 12 -1.71 11.19 -24.12
C LEU D 12 -0.26 11.67 -24.03
N LEU D 13 0.06 12.74 -24.76
CA LEU D 13 1.42 13.23 -24.75
C LEU D 13 1.84 13.75 -23.37
N ALA D 14 0.98 14.56 -22.76
CA ALA D 14 1.26 15.14 -21.44
C ALA D 14 1.38 14.06 -20.39
N GLU D 15 0.48 13.07 -20.44
CA GLU D 15 0.49 11.97 -19.50
C GLU D 15 1.77 11.17 -19.66
N ALA D 16 2.19 10.91 -20.90
CA ALA D 16 3.43 10.16 -21.12
C ALA D 16 4.68 10.93 -20.64
N ARG D 17 4.71 12.25 -20.84
CA ARG D 17 5.90 13.04 -20.52
C ARG D 17 6.08 13.14 -19.01
N ARG D 18 4.97 13.39 -18.30
CA ARG D 18 4.93 13.42 -16.85
C ARG D 18 5.45 12.11 -16.26
N ALA D 19 4.97 11.00 -16.81
CA ALA D 19 5.36 9.67 -16.37
C ALA D 19 6.85 9.38 -16.58
N PHE D 20 7.40 9.83 -17.70
CA PHE D 20 8.81 9.58 -17.99
C PHE D 20 9.73 10.29 -17.01
N ARG D 21 9.46 11.57 -16.75
CA ARG D 21 10.31 12.39 -15.87
C ARG D 21 10.33 11.81 -14.46
N GLU D 22 9.21 11.25 -14.05
CA GLU D 22 9.08 10.59 -12.76
C GLU D 22 9.80 9.24 -12.72
N GLU D 23 9.60 8.43 -13.75
CA GLU D 23 10.22 7.11 -13.79
C GLU D 23 11.74 7.22 -13.93
N PHE D 24 12.20 8.15 -14.75
CA PHE D 24 13.61 8.19 -15.10
C PHE D 24 14.33 9.40 -14.52
N GLY D 25 13.58 10.31 -13.89
CA GLY D 25 14.20 11.41 -13.19
C GLY D 25 14.61 12.59 -14.06
N ALA D 26 14.29 12.53 -15.35
CA ALA D 26 14.63 13.62 -16.28
C ALA D 26 13.59 13.67 -17.40
N GLU D 27 13.51 14.79 -18.12
CA GLU D 27 12.56 14.94 -19.23
C GLU D 27 12.93 14.05 -20.41
N PRO D 28 11.91 13.55 -21.14
CA PRO D 28 12.24 12.78 -22.34
C PRO D 28 12.70 13.69 -23.48
N GLU D 29 13.60 13.21 -24.33
CA GLU D 29 14.13 13.99 -25.44
C GLU D 29 13.21 13.95 -26.70
N LEU D 30 12.40 12.94 -26.81
CA LEU D 30 11.65 12.84 -28.07
C LEU D 30 10.32 12.15 -27.84
N ALA D 31 9.31 12.46 -28.69
CA ALA D 31 8.04 11.75 -28.68
C ALA D 31 7.64 11.23 -30.09
N VAL D 32 7.04 10.04 -30.13
CA VAL D 32 6.53 9.50 -31.42
C VAL D 32 5.13 8.95 -31.23
N SER D 33 4.41 8.77 -32.34
CA SER D 33 3.10 8.17 -32.24
C SER D 33 2.82 7.42 -33.55
N ALA D 34 1.96 6.40 -33.42
CA ALA D 34 1.33 5.71 -34.58
C ALA D 34 -0.12 5.43 -34.23
N PRO D 35 -1.05 5.55 -35.22
CA PRO D 35 -2.49 5.44 -35.00
C PRO D 35 -2.97 3.98 -35.00
N GLY D 36 -4.13 3.74 -34.43
CA GLY D 36 -4.92 2.54 -34.75
C GLY D 36 -5.64 2.81 -36.09
N ARG D 37 -6.47 1.86 -36.55
CA ARG D 37 -7.04 1.92 -37.91
C ARG D 37 -8.43 1.31 -37.92
N VAL D 38 -9.27 1.67 -38.90
CA VAL D 38 -10.44 0.90 -39.18
C VAL D 38 -10.38 0.56 -40.65
N ASN D 39 -10.83 -0.65 -40.99
CA ASN D 39 -10.96 -0.98 -42.38
C ASN D 39 -12.34 -0.58 -42.85
N LEU D 40 -12.40 0.30 -43.81
CA LEU D 40 -13.68 0.82 -44.25
C LEU D 40 -14.37 -0.29 -45.04
N ILE D 41 -13.60 -0.97 -45.86
CA ILE D 41 -14.13 -2.08 -46.70
C ILE D 41 -12.95 -2.87 -47.29
N GLY D 42 -13.23 -4.11 -47.70
CA GLY D 42 -12.18 -4.94 -48.23
C GLY D 42 -11.76 -5.87 -47.14
N GLU D 43 -12.72 -6.57 -46.54
CA GLU D 43 -12.46 -7.44 -45.40
C GLU D 43 -12.11 -8.80 -45.90
N HIS D 44 -11.02 -9.32 -45.35
CA HIS D 44 -10.56 -10.65 -45.68
C HIS D 44 -10.25 -10.83 -47.12
N THR D 45 -9.79 -9.79 -47.79
CA THR D 45 -9.35 -10.01 -49.15
C THR D 45 -7.84 -9.92 -49.18
N ASP D 46 -7.23 -9.45 -48.10
CA ASP D 46 -5.78 -9.15 -48.23
C ASP D 46 -4.95 -10.43 -48.49
N TYR D 47 -5.33 -11.55 -47.89
CA TYR D 47 -4.62 -12.80 -48.14
C TYR D 47 -5.08 -13.51 -49.43
N ASN D 48 -6.05 -12.91 -50.11
CA ASN D 48 -6.55 -13.42 -51.39
C ASN D 48 -6.11 -12.54 -52.54
N GLN D 49 -5.05 -11.77 -52.31
CA GLN D 49 -4.48 -10.80 -53.27
C GLN D 49 -5.49 -9.72 -53.66
N GLY D 50 -6.32 -9.34 -52.68
CA GLY D 50 -7.40 -8.40 -52.89
C GLY D 50 -7.08 -6.92 -52.78
N LEU D 51 -8.12 -6.15 -52.41
CA LEU D 51 -8.01 -4.70 -52.26
C LEU D 51 -8.53 -4.33 -50.89
N VAL D 52 -7.87 -3.36 -50.21
CA VAL D 52 -8.38 -2.97 -48.89
C VAL D 52 -8.42 -1.49 -48.79
N LEU D 53 -9.32 -0.97 -47.96
CA LEU D 53 -9.44 0.46 -47.94
C LEU D 53 -9.46 0.95 -46.43
N PRO D 54 -8.32 0.87 -45.76
CA PRO D 54 -8.23 1.34 -44.37
C PRO D 54 -8.14 2.86 -44.23
N MET D 55 -8.37 3.32 -42.99
CA MET D 55 -8.19 4.72 -42.64
C MET D 55 -7.56 4.76 -41.24
N ALA D 56 -6.65 5.69 -40.99
CA ALA D 56 -6.10 5.75 -39.64
C ALA D 56 -7.10 6.41 -38.74
N LEU D 57 -7.12 6.00 -37.48
CA LEU D 57 -8.07 6.60 -36.57
C LEU D 57 -7.37 7.62 -35.63
N GLU D 58 -8.20 8.41 -35.02
CA GLU D 58 -7.70 9.37 -34.00
C GLU D 58 -7.32 8.73 -32.64
N LEU D 59 -7.36 7.42 -32.57
CA LEU D 59 -6.81 6.66 -31.46
C LEU D 59 -5.39 6.33 -31.77
N MET D 60 -4.47 6.44 -30.79
CA MET D 60 -3.05 6.25 -31.13
C MET D 60 -2.18 5.69 -30.01
N THR D 61 -1.01 5.16 -30.36
CA THR D 61 -0.05 4.76 -29.34
C THR D 61 1.13 5.77 -29.32
N VAL D 62 1.61 6.10 -28.12
CA VAL D 62 2.71 7.06 -27.97
C VAL D 62 3.90 6.49 -27.18
N LEU D 63 5.11 6.66 -27.69
CA LEU D 63 6.33 6.37 -26.93
C LEU D 63 7.06 7.69 -26.70
N VAL D 64 7.45 7.98 -25.45
CA VAL D 64 8.38 9.09 -25.16
C VAL D 64 9.67 8.55 -24.53
N GLY D 65 10.79 9.19 -24.83
CA GLY D 65 12.03 8.63 -24.35
C GLY D 65 13.30 9.35 -24.68
N SER D 66 14.41 8.68 -24.42
CA SER D 66 15.70 9.32 -24.54
C SER D 66 16.73 8.25 -24.81
N PRO D 67 17.79 8.58 -25.54
CA PRO D 67 18.78 7.50 -25.70
C PRO D 67 19.50 7.27 -24.36
N ARG D 68 20.02 6.06 -24.13
CA ARG D 68 20.75 5.75 -22.90
C ARG D 68 22.20 5.40 -23.22
N LYS D 69 23.06 5.45 -22.21
CA LYS D 69 24.48 5.19 -22.41
C LYS D 69 24.93 3.81 -21.89
N ASP D 70 24.03 3.07 -21.25
CA ASP D 70 24.40 1.83 -20.58
C ASP D 70 24.06 0.57 -21.37
N GLY D 71 23.62 0.73 -22.61
CA GLY D 71 23.33 -0.41 -23.46
C GLY D 71 22.12 -1.19 -22.97
N LEU D 72 21.29 -0.57 -22.13
CA LEU D 72 20.07 -1.20 -21.62
C LEU D 72 18.82 -0.59 -22.22
N VAL D 73 17.75 -1.39 -22.29
CA VAL D 73 16.42 -0.89 -22.64
C VAL D 73 15.51 -0.94 -21.40
N SER D 74 14.94 0.20 -21.02
CA SER D 74 14.09 0.28 -19.84
C SER D 74 12.76 0.86 -20.23
N LEU D 75 11.69 0.11 -20.02
CA LEU D 75 10.34 0.49 -20.47
C LEU D 75 9.35 0.63 -19.31
N LEU D 76 8.42 1.55 -19.44
CA LEU D 76 7.30 1.68 -18.51
C LEU D 76 5.99 1.96 -19.23
N THR D 77 4.93 1.20 -18.91
CA THR D 77 3.58 1.47 -19.43
C THR D 77 2.65 2.06 -18.35
N THR D 78 1.71 2.89 -18.78
CA THR D 78 0.66 3.39 -17.90
C THR D 78 -0.70 2.74 -18.26
N SER D 79 -0.74 2.05 -19.40
CA SER D 79 -1.98 1.49 -19.92
C SER D 79 -2.56 0.41 -19.01
N ASP D 83 -1.47 -5.34 -18.37
CA ASP D 83 -0.85 -6.44 -17.65
C ASP D 83 0.26 -6.00 -16.67
N GLU D 84 0.34 -6.68 -15.53
CA GLU D 84 1.45 -6.47 -14.60
C GLU D 84 2.66 -7.31 -15.07
N PRO D 85 3.90 -6.82 -14.85
CA PRO D 85 4.28 -5.51 -14.28
C PRO D 85 4.25 -4.36 -15.30
N GLN D 86 4.23 -3.13 -14.79
CA GLN D 86 4.25 -1.95 -15.64
C GLN D 86 5.68 -1.54 -16.03
N ARG D 87 6.71 -2.18 -15.48
CA ARG D 87 8.08 -1.80 -15.78
C ARG D 87 8.92 -2.98 -16.25
N LEU D 88 9.98 -2.71 -16.99
CA LEU D 88 10.87 -3.77 -17.46
C LEU D 88 12.22 -3.19 -17.88
N GLN D 89 13.29 -3.93 -17.65
CA GLN D 89 14.59 -3.52 -18.14
C GLN D 89 15.23 -4.72 -18.83
N PHE D 90 16.03 -4.49 -19.87
CA PHE D 90 16.70 -5.57 -20.58
C PHE D 90 17.85 -5.04 -21.40
N PRO D 91 18.90 -5.85 -21.56
CA PRO D 91 20.01 -5.48 -22.45
C PRO D 91 19.69 -5.71 -23.93
N LEU D 92 20.33 -4.93 -24.79
CA LEU D 92 20.22 -5.11 -26.24
C LEU D 92 20.64 -6.49 -26.69
N PRO D 93 20.05 -6.98 -27.80
CA PRO D 93 20.59 -8.21 -28.37
C PRO D 93 21.98 -7.98 -28.94
N THR D 94 22.74 -9.06 -28.98
CA THR D 94 24.09 -9.07 -29.50
C THR D 94 24.23 -10.29 -30.37
N ALA D 95 24.75 -10.13 -31.59
CA ALA D 95 25.06 -11.25 -32.51
C ALA D 95 25.31 -12.61 -31.83
N GLN D 96 25.84 -12.57 -30.61
CA GLN D 96 25.99 -13.77 -29.78
C GLN D 96 24.68 -14.15 -29.09
N ARG D 97 24.04 -13.18 -28.43
CA ARG D 97 22.80 -13.42 -27.69
C ARG D 97 21.64 -12.52 -28.13
N SER D 98 20.57 -13.14 -28.64
CA SER D 98 19.38 -12.40 -29.06
C SER D 98 18.38 -12.22 -27.91
N LEU D 99 17.38 -11.37 -28.13
CA LEU D 99 16.31 -11.17 -27.16
C LEU D 99 15.30 -12.31 -27.25
N GLU D 100 14.49 -12.46 -26.21
CA GLU D 100 13.45 -13.50 -26.22
C GLU D 100 12.15 -13.00 -25.59
N PRO D 101 11.01 -13.52 -26.10
CA PRO D 101 9.66 -13.15 -25.65
C PRO D 101 9.40 -13.63 -24.23
N GLY D 102 8.49 -12.98 -23.53
CA GLY D 102 8.15 -13.38 -22.19
C GLY D 102 7.05 -12.51 -21.63
N THR D 103 7.23 -12.09 -20.39
CA THR D 103 6.24 -11.28 -19.70
C THR D 103 6.88 -9.92 -19.44
N PRO D 104 6.11 -8.85 -19.60
CA PRO D 104 4.72 -8.79 -20.05
C PRO D 104 4.52 -9.01 -21.56
N ARG D 105 3.31 -9.39 -21.96
CA ARG D 105 3.05 -9.75 -23.35
C ARG D 105 3.26 -8.57 -24.30
N TRP D 106 2.87 -7.38 -23.86
CA TRP D 106 2.98 -6.20 -24.72
C TRP D 106 4.42 -5.90 -25.07
N ALA D 107 5.33 -6.20 -24.14
CA ALA D 107 6.71 -5.82 -24.34
C ALA D 107 7.34 -6.69 -25.39
N ASN D 108 6.69 -7.79 -25.73
CA ASN D 108 7.22 -8.70 -26.76
C ASN D 108 7.23 -8.01 -28.12
N TYR D 109 6.26 -7.12 -28.34
CA TYR D 109 6.15 -6.42 -29.63
C TYR D 109 7.35 -5.49 -29.77
N VAL D 110 7.67 -4.83 -28.68
CA VAL D 110 8.80 -3.90 -28.61
C VAL D 110 10.15 -4.63 -28.79
N LYS D 111 10.27 -5.74 -28.05
CA LYS D 111 11.44 -6.58 -28.13
C LYS D 111 11.65 -7.08 -29.56
N GLY D 112 10.54 -7.48 -30.18
CA GLY D 112 10.58 -8.01 -31.53
C GLY D 112 11.09 -6.95 -32.50
N VAL D 113 10.59 -5.73 -32.35
CA VAL D 113 10.94 -4.66 -33.27
C VAL D 113 12.44 -4.37 -33.10
N ILE D 114 12.87 -4.28 -31.85
CA ILE D 114 14.31 -4.18 -31.56
C ILE D 114 15.04 -5.34 -32.20
N GLN D 115 14.55 -6.55 -31.95
CA GLN D 115 15.20 -7.76 -32.41
C GLN D 115 15.45 -7.72 -33.93
N TYR D 116 14.45 -7.29 -34.69
CA TYR D 116 14.59 -7.31 -36.14
C TYR D 116 14.88 -5.96 -36.78
N TYR D 117 15.20 -4.95 -35.96
CA TYR D 117 15.55 -3.62 -36.50
C TYR D 117 16.79 -3.68 -37.37
N PRO D 118 16.70 -3.14 -38.60
CA PRO D 118 17.76 -3.36 -39.58
C PRO D 118 18.99 -2.48 -39.47
N ALA D 119 18.96 -1.41 -38.69
CA ALA D 119 20.10 -0.49 -38.76
C ALA D 119 20.99 -0.48 -37.50
N ALA D 120 22.25 -0.11 -37.71
CA ALA D 120 23.25 -0.12 -36.65
C ALA D 120 24.14 1.12 -36.70
N PRO D 121 24.66 1.56 -35.55
CA PRO D 121 24.48 0.94 -34.23
C PRO D 121 23.26 1.43 -33.48
N LEU D 122 22.44 0.52 -32.99
CA LEU D 122 21.29 0.91 -32.21
C LEU D 122 21.65 1.00 -30.75
N PRO D 123 21.58 2.20 -30.20
CA PRO D 123 21.87 2.46 -28.79
C PRO D 123 20.76 1.96 -27.90
N GLY D 124 21.04 1.83 -26.61
CA GLY D 124 19.99 1.56 -25.65
C GLY D 124 19.23 2.84 -25.44
N PHE D 125 18.13 2.76 -24.69
CA PHE D 125 17.23 3.90 -24.51
C PHE D 125 16.28 3.64 -23.36
N SER D 126 15.69 4.71 -22.83
CA SER D 126 14.60 4.58 -21.89
C SER D 126 13.33 5.03 -22.57
N ALA D 127 12.21 4.34 -22.33
CA ALA D 127 10.98 4.71 -23.02
C ALA D 127 9.72 4.47 -22.19
N VAL D 128 8.79 5.44 -22.25
CA VAL D 128 7.43 5.24 -21.73
C VAL D 128 6.47 4.93 -22.91
N VAL D 129 5.61 3.91 -22.76
CA VAL D 129 4.60 3.56 -23.76
C VAL D 129 3.14 3.78 -23.29
N VAL D 130 2.42 4.68 -23.95
CA VAL D 130 1.00 4.98 -23.67
C VAL D 130 0.16 4.77 -24.96
N SER D 131 -1.14 4.52 -24.81
CA SER D 131 -2.03 4.27 -25.97
C SER D 131 -3.49 4.58 -25.65
N SER D 132 -4.20 5.00 -26.69
CA SER D 132 -5.63 5.27 -26.65
C SER D 132 -6.44 4.26 -27.47
N VAL D 133 -5.75 3.33 -28.09
CA VAL D 133 -6.39 2.25 -28.82
C VAL D 133 -6.81 1.12 -27.88
N PRO D 134 -8.12 0.86 -27.81
CA PRO D 134 -8.76 -0.19 -27.01
C PRO D 134 -8.25 -1.56 -27.35
N LEU D 135 -7.83 -2.31 -26.35
CA LEU D 135 -7.26 -3.64 -26.55
C LEU D 135 -8.38 -4.61 -26.99
N GLY D 136 -8.08 -5.42 -28.00
CA GLY D 136 -9.01 -6.41 -28.52
C GLY D 136 -10.24 -5.93 -29.26
N GLY D 137 -10.26 -4.67 -29.68
CA GLY D 137 -11.43 -4.15 -30.37
C GLY D 137 -11.22 -4.29 -31.85
N GLY D 138 -10.09 -4.85 -32.25
CA GLY D 138 -9.93 -5.03 -33.66
C GLY D 138 -9.41 -3.73 -34.27
N LEU D 139 -8.97 -2.77 -33.46
CA LEU D 139 -8.61 -1.49 -34.08
C LEU D 139 -7.11 -1.29 -34.19
N SER D 140 -6.43 -2.42 -34.12
CA SER D 140 -5.03 -2.59 -34.48
C SER D 140 -4.05 -2.09 -33.40
N SER D 141 -4.29 -2.44 -32.14
CA SER D 141 -3.39 -2.06 -31.06
C SER D 141 -1.94 -2.55 -31.27
N SER D 142 -1.76 -3.76 -31.78
CA SER D 142 -0.42 -4.34 -31.89
C SER D 142 0.47 -3.70 -32.98
N ALA D 143 -0.10 -3.45 -34.16
CA ALA D 143 0.60 -2.72 -35.21
C ALA D 143 0.91 -1.27 -34.79
N SER D 144 -0.02 -0.67 -34.06
CA SER D 144 0.14 0.69 -33.69
C SER D 144 1.36 0.82 -32.72
N LEU D 145 1.50 -0.17 -31.84
CA LEU D 145 2.60 -0.27 -30.90
C LEU D 145 3.89 -0.68 -31.64
N GLU D 146 3.81 -1.65 -32.55
CA GLU D 146 4.99 -1.99 -33.35
C GLU D 146 5.49 -0.75 -34.11
N VAL D 147 4.59 0.00 -34.74
CA VAL D 147 4.99 1.12 -35.60
C VAL D 147 5.53 2.31 -34.80
N ALA D 148 4.89 2.64 -33.67
CA ALA D 148 5.42 3.65 -32.79
C ALA D 148 6.83 3.27 -32.33
N THR D 149 7.01 1.98 -32.00
CA THR D 149 8.32 1.53 -31.52
C THR D 149 9.36 1.69 -32.60
N TYR D 150 9.01 1.30 -33.82
CA TYR D 150 9.94 1.39 -34.93
C TYR D 150 10.28 2.87 -35.16
N THR D 151 9.30 3.73 -34.94
CA THR D 151 9.45 5.14 -35.26
C THR D 151 10.43 5.76 -34.25
N PHE D 152 10.34 5.25 -33.02
CA PHE D 152 11.26 5.63 -31.93
C PHE D 152 12.67 5.16 -32.26
N LEU D 153 12.83 3.88 -32.61
CA LEU D 153 14.13 3.38 -32.97
C LEU D 153 14.76 4.16 -34.13
N GLN D 154 13.93 4.63 -35.07
CA GLN D 154 14.46 5.45 -36.16
C GLN D 154 15.12 6.77 -35.69
N GLN D 155 14.62 7.33 -34.61
CA GLN D 155 15.23 8.55 -34.07
C GLN D 155 16.59 8.21 -33.43
N LEU D 156 16.69 7.03 -32.84
CA LEU D 156 17.91 6.52 -32.19
C LEU D 156 18.98 6.13 -33.19
N CYS D 157 18.56 5.53 -34.29
CA CYS D 157 19.49 5.06 -35.30
C CYS D 157 18.81 4.97 -36.66
N PRO D 158 18.80 6.09 -37.40
CA PRO D 158 18.09 6.11 -38.70
C PRO D 158 18.39 4.91 -39.61
N ASP D 159 17.33 4.34 -40.22
CA ASP D 159 17.53 3.26 -41.17
C ASP D 159 17.67 3.90 -42.56
N SER D 160 18.01 3.13 -43.57
CA SER D 160 18.09 3.73 -44.88
C SER D 160 17.12 3.01 -45.77
N GLY D 161 15.99 2.60 -45.20
CA GLY D 161 15.12 1.65 -45.86
C GLY D 161 13.85 2.19 -46.46
N THR D 162 12.97 1.28 -46.88
CA THR D 162 11.71 1.65 -47.49
C THR D 162 10.56 1.39 -46.53
N ILE D 163 9.37 1.83 -46.92
CA ILE D 163 8.21 1.60 -46.09
C ILE D 163 7.90 0.11 -46.00
N ALA D 164 8.04 -0.62 -47.10
CA ALA D 164 7.66 -2.06 -47.11
C ALA D 164 8.55 -2.82 -46.14
N ALA D 165 9.85 -2.50 -46.18
CA ALA D 165 10.83 -3.07 -45.24
C ALA D 165 10.45 -2.75 -43.80
N ARG D 166 10.01 -1.53 -43.51
CA ARG D 166 9.61 -1.28 -42.15
C ARG D 166 8.41 -2.12 -41.77
N ALA D 167 7.47 -2.26 -42.70
CA ALA D 167 6.31 -3.08 -42.42
C ALA D 167 6.77 -4.53 -42.18
N GLN D 168 7.71 -5.01 -42.99
CA GLN D 168 8.13 -6.41 -42.91
C GLN D 168 8.83 -6.67 -41.61
N VAL D 169 9.53 -5.64 -41.09
CA VAL D 169 10.16 -5.73 -39.79
C VAL D 169 9.11 -5.91 -38.70
N CYS D 170 8.07 -5.09 -38.78
CA CYS D 170 7.02 -5.11 -37.78
C CYS D 170 6.18 -6.38 -37.86
N GLN D 171 5.88 -6.85 -39.07
CA GLN D 171 5.17 -8.12 -39.23
C GLN D 171 6.02 -9.27 -38.68
N GLN D 172 7.31 -9.27 -38.98
CA GLN D 172 8.19 -10.32 -38.49
C GLN D 172 8.21 -10.33 -36.97
N ALA D 173 8.24 -9.15 -36.37
CA ALA D 173 8.19 -9.05 -34.93
C ALA D 173 6.92 -9.67 -34.38
N GLU D 174 5.78 -9.40 -35.00
CA GLU D 174 4.52 -9.88 -34.49
C GLU D 174 4.42 -11.42 -34.55
N HIS D 175 4.81 -12.00 -35.68
CA HIS D 175 4.77 -13.46 -35.86
C HIS D 175 5.63 -14.15 -34.81
N SER D 176 6.85 -13.67 -34.65
CA SER D 176 7.85 -14.37 -33.86
C SER D 176 7.74 -14.09 -32.35
N PHE D 177 7.30 -12.90 -31.97
CA PHE D 177 7.26 -12.54 -30.55
C PHE D 177 5.86 -12.52 -29.95
N ALA D 178 4.83 -12.63 -30.78
CA ALA D 178 3.46 -12.72 -30.27
C ALA D 178 2.79 -14.02 -30.72
N MET D 185 -1.09 -5.10 -43.92
CA MET D 185 -2.02 -3.99 -44.09
C MET D 185 -2.05 -3.12 -42.84
N ASP D 186 -2.20 -3.75 -41.68
CA ASP D 186 -2.36 -3.00 -40.44
C ASP D 186 -1.11 -2.18 -40.13
N GLN D 187 0.04 -2.72 -40.51
CA GLN D 187 1.30 -1.97 -40.39
C GLN D 187 1.34 -0.83 -41.43
N PHE D 188 0.85 -1.09 -42.64
CA PHE D 188 0.98 -0.09 -43.69
C PHE D 188 0.13 1.14 -43.38
N ILE D 189 -1.05 0.97 -42.81
CA ILE D 189 -1.87 2.16 -42.59
C ILE D 189 -1.34 2.99 -41.44
N SER D 190 -0.86 2.30 -40.39
CA SER D 190 -0.27 3.07 -39.26
C SER D 190 0.93 3.85 -39.75
N LEU D 191 1.74 3.27 -40.62
CA LEU D 191 2.91 3.99 -41.15
C LEU D 191 2.50 5.11 -42.14
N MET D 192 1.50 4.84 -42.98
CA MET D 192 1.25 5.70 -44.13
C MET D 192 -0.01 6.53 -44.12
N GLY D 193 -0.76 6.43 -43.04
CA GLY D 193 -1.98 7.21 -42.83
C GLY D 193 -1.74 8.69 -43.00
N GLN D 194 -2.72 9.41 -43.51
N GLN D 194 -2.75 9.39 -43.48
CA GLN D 194 -2.67 10.84 -43.58
CA GLN D 194 -2.72 10.83 -43.55
C GLN D 194 -4.04 11.39 -43.20
C GLN D 194 -4.08 11.38 -43.18
N LYS D 195 -4.07 12.46 -42.40
CA LYS D 195 -5.30 13.14 -42.05
C LYS D 195 -6.19 13.44 -43.23
N GLY D 196 -7.48 13.14 -43.12
CA GLY D 196 -8.40 13.42 -44.22
C GLY D 196 -8.24 12.53 -45.48
N HIS D 197 -7.53 11.42 -45.36
CA HIS D 197 -7.36 10.46 -46.46
C HIS D 197 -7.63 9.04 -46.03
N ALA D 198 -8.18 8.25 -46.97
CA ALA D 198 -8.17 6.80 -46.83
C ALA D 198 -7.00 6.25 -47.67
N LEU D 199 -6.59 5.02 -47.37
CA LEU D 199 -5.50 4.39 -48.09
C LEU D 199 -6.06 3.21 -48.89
N LEU D 200 -6.05 3.33 -50.22
CA LEU D 200 -6.42 2.18 -51.02
C LEU D 200 -5.19 1.33 -51.22
N ILE D 201 -5.21 0.12 -50.71
CA ILE D 201 -4.10 -0.83 -50.91
C ILE D 201 -4.39 -2.03 -51.82
N ASP D 202 -3.58 -2.21 -52.86
CA ASP D 202 -3.73 -3.39 -53.74
C ASP D 202 -2.82 -4.51 -53.28
N CYS D 203 -3.36 -5.55 -52.70
CA CYS D 203 -2.53 -6.58 -52.12
C CYS D 203 -1.95 -7.54 -53.16
N ARG D 204 -2.32 -7.35 -54.43
CA ARG D 204 -1.76 -8.15 -55.50
C ARG D 204 -0.50 -7.51 -56.06
N SER D 205 -0.63 -6.25 -56.44
CA SER D 205 0.42 -5.46 -57.06
C SER D 205 1.26 -4.73 -56.04
N LEU D 206 0.75 -4.63 -54.81
CA LEU D 206 1.36 -3.89 -53.72
C LEU D 206 1.43 -2.38 -53.88
N GLU D 207 0.73 -1.83 -54.87
CA GLU D 207 0.57 -0.38 -54.96
C GLU D 207 -0.50 0.19 -54.01
N THR D 208 -0.30 1.44 -53.64
CA THR D 208 -1.16 2.20 -52.75
C THR D 208 -1.52 3.55 -53.31
N SER D 209 -2.71 4.03 -52.92
CA SER D 209 -3.15 5.39 -53.19
C SER D 209 -3.70 6.09 -51.95
N LEU D 210 -3.40 7.35 -51.81
CA LEU D 210 -3.97 8.19 -50.77
C LEU D 210 -5.15 8.91 -51.33
N VAL D 211 -6.34 8.50 -50.92
CA VAL D 211 -7.56 9.03 -51.47
C VAL D 211 -8.13 10.11 -50.59
N PRO D 212 -8.17 11.36 -51.07
CA PRO D 212 -8.72 12.46 -50.25
C PRO D 212 -10.19 12.23 -49.92
N LEU D 213 -10.56 12.49 -48.68
CA LEU D 213 -11.95 12.43 -48.26
C LEU D 213 -12.48 13.85 -48.33
N SER D 214 -13.49 14.11 -49.16
CA SER D 214 -13.84 15.49 -49.55
C SER D 214 -14.75 16.35 -48.66
N ASP D 215 -15.61 15.73 -47.86
CA ASP D 215 -16.63 16.46 -47.09
C ASP D 215 -16.36 16.45 -45.60
N PRO D 216 -16.05 17.62 -45.01
CA PRO D 216 -15.72 17.70 -43.59
C PRO D 216 -16.88 17.36 -42.66
N LYS D 217 -18.11 17.31 -43.16
CA LYS D 217 -19.28 17.06 -42.34
C LYS D 217 -19.49 15.59 -41.94
N LEU D 218 -18.66 14.68 -42.47
CA LEU D 218 -18.87 13.23 -42.27
C LEU D 218 -17.85 12.64 -41.34
N ALA D 219 -18.19 11.54 -40.66
CA ALA D 219 -17.19 10.85 -39.86
C ALA D 219 -17.59 9.41 -39.81
N VAL D 220 -16.78 8.61 -39.13
CA VAL D 220 -17.19 7.24 -38.84
C VAL D 220 -17.36 7.03 -37.33
N LEU D 221 -18.41 6.30 -36.97
CA LEU D 221 -18.61 5.95 -35.57
C LEU D 221 -18.19 4.51 -35.44
N ILE D 222 -17.25 4.24 -34.54
CA ILE D 222 -16.82 2.89 -34.29
C ILE D 222 -17.60 2.40 -33.06
N THR D 223 -18.31 1.30 -33.23
CA THR D 223 -19.08 0.74 -32.13
C THR D 223 -18.61 -0.61 -31.74
N ASN D 224 -18.17 -0.72 -30.51
CA ASN D 224 -17.68 -1.95 -29.99
C ASN D 224 -18.80 -2.75 -29.35
N SER D 225 -19.03 -3.95 -29.87
CA SER D 225 -20.03 -4.85 -29.31
C SER D 225 -19.60 -5.34 -27.93
N ASN D 226 -18.32 -5.30 -27.68
CA ASN D 226 -17.69 -5.80 -26.45
C ASN D 226 -18.00 -7.28 -26.19
N VAL D 227 -18.15 -8.04 -27.28
CA VAL D 227 -18.22 -9.50 -27.20
C VAL D 227 -17.11 -10.01 -28.11
N ARG D 228 -16.58 -11.18 -27.79
CA ARG D 228 -15.69 -11.89 -28.71
C ARG D 228 -15.99 -13.37 -28.59
N HIS D 229 -16.69 -13.92 -29.57
CA HIS D 229 -17.16 -15.30 -29.44
C HIS D 229 -16.27 -16.40 -29.95
N SER D 230 -15.21 -16.09 -30.66
CA SER D 230 -14.46 -17.19 -31.21
C SER D 230 -13.02 -16.87 -31.36
N LEU D 231 -12.21 -17.91 -31.42
CA LEU D 231 -10.79 -17.80 -31.73
C LEU D 231 -10.58 -17.56 -33.23
N ALA D 232 -9.73 -16.59 -33.57
CA ALA D 232 -9.35 -16.35 -34.97
C ALA D 232 -8.70 -17.61 -35.61
N SER D 233 -8.06 -18.42 -34.78
CA SER D 233 -7.34 -19.63 -35.19
C SER D 233 -8.36 -20.69 -35.55
N SER D 234 -9.52 -20.64 -34.89
CA SER D 234 -10.60 -21.60 -35.13
C SER D 234 -11.39 -21.23 -36.39
N GLU D 235 -11.27 -19.97 -36.84
CA GLU D 235 -12.08 -19.46 -37.97
C GLU D 235 -11.41 -19.12 -39.31
N TYR D 236 -10.30 -18.41 -39.25
CA TYR D 236 -9.59 -17.96 -40.47
C TYR D 236 -8.79 -18.98 -41.30
N PRO D 237 -7.98 -19.84 -40.66
CA PRO D 237 -7.31 -20.76 -41.61
C PRO D 237 -8.24 -21.74 -42.34
N VAL D 238 -9.39 -22.14 -41.79
CA VAL D 238 -10.25 -23.05 -42.56
C VAL D 238 -10.80 -22.28 -43.78
N ARG D 239 -11.20 -21.03 -43.58
CA ARG D 239 -11.67 -20.18 -44.68
C ARG D 239 -10.58 -19.89 -45.70
N ARG D 240 -9.36 -19.66 -45.23
CA ARG D 240 -8.24 -19.47 -46.16
C ARG D 240 -8.12 -20.72 -47.05
N ARG D 241 -8.30 -21.91 -46.44
CA ARG D 241 -8.27 -23.16 -47.20
C ARG D 241 -9.45 -23.29 -48.17
N GLN D 242 -10.65 -22.99 -47.70
CA GLN D 242 -11.80 -23.18 -48.57
C GLN D 242 -11.69 -22.24 -49.77
N CYS D 243 -11.08 -21.06 -49.57
CA CYS D 243 -10.89 -20.15 -50.69
C CYS D 243 -9.86 -20.68 -51.71
N GLU D 244 -8.72 -21.20 -51.24
CA GLU D 244 -7.75 -21.71 -52.21
C GLU D 244 -8.28 -22.98 -52.91
N GLU D 245 -9.06 -23.79 -52.23
CA GLU D 245 -9.65 -24.97 -52.88
C GLU D 245 -10.58 -24.46 -54.02
N VAL D 246 -11.31 -23.38 -53.76
CA VAL D 246 -12.18 -22.81 -54.78
C VAL D 246 -11.37 -22.25 -55.94
N ALA D 247 -10.30 -21.56 -55.65
CA ALA D 247 -9.51 -21.08 -56.75
C ALA D 247 -8.96 -22.23 -57.59
N ARG D 248 -8.51 -23.30 -56.94
CA ARG D 248 -7.85 -24.40 -57.70
C ARG D 248 -8.83 -25.04 -58.64
N ALA D 249 -9.99 -25.36 -58.06
CA ALA D 249 -11.05 -26.01 -58.80
C ALA D 249 -11.38 -25.17 -60.05
N LEU D 250 -11.16 -23.85 -59.95
CA LEU D 250 -11.39 -22.91 -61.06
C LEU D 250 -10.11 -22.67 -61.85
N GLY D 251 -9.05 -23.38 -61.51
CA GLY D 251 -7.77 -23.21 -62.20
C GLY D 251 -7.18 -21.83 -62.07
N LYS D 252 -7.49 -21.15 -60.97
CA LYS D 252 -6.94 -19.82 -60.78
C LYS D 252 -5.91 -19.82 -59.66
N GLU D 253 -4.90 -18.96 -59.81
CA GLU D 253 -3.86 -18.79 -58.84
C GLU D 253 -4.42 -18.31 -57.49
N SER D 254 -5.47 -17.48 -57.54
CA SER D 254 -6.10 -16.96 -56.33
C SER D 254 -7.50 -16.40 -56.61
N LEU D 255 -8.23 -16.04 -55.57
CA LEU D 255 -9.55 -15.48 -55.82
C LEU D 255 -9.57 -14.11 -56.48
N ARG D 256 -8.43 -13.42 -56.56
CA ARG D 256 -8.33 -12.18 -57.29
C ARG D 256 -8.42 -12.42 -58.78
N GLU D 257 -8.07 -13.63 -59.18
CA GLU D 257 -8.11 -13.96 -60.60
C GLU D 257 -9.48 -14.40 -61.06
N VAL D 258 -10.39 -14.68 -60.14
CA VAL D 258 -11.71 -15.20 -60.46
C VAL D 258 -12.71 -14.06 -60.63
N GLN D 259 -13.50 -14.05 -61.72
CA GLN D 259 -14.51 -12.98 -61.83
C GLN D 259 -15.76 -13.48 -61.16
N LEU D 260 -16.59 -12.57 -60.67
CA LEU D 260 -17.75 -12.94 -59.92
C LEU D 260 -18.67 -13.86 -60.80
N GLU D 261 -18.80 -13.44 -62.05
CA GLU D 261 -19.75 -14.15 -62.95
C GLU D 261 -19.27 -15.59 -63.16
N GLU D 262 -17.98 -15.77 -63.42
CA GLU D 262 -17.46 -17.11 -63.63
C GLU D 262 -17.60 -17.95 -62.37
N LEU D 263 -17.41 -17.37 -61.19
CA LEU D 263 -17.62 -18.13 -59.97
C LEU D 263 -19.09 -18.55 -59.80
N GLU D 264 -20.04 -17.67 -60.12
CA GLU D 264 -21.44 -17.94 -59.81
C GLU D 264 -21.95 -19.13 -60.73
N ALA D 265 -21.25 -19.32 -61.82
CA ALA D 265 -21.54 -20.38 -62.83
C ALA D 265 -20.79 -21.66 -62.48
N ALA D 266 -20.13 -21.70 -61.34
CA ALA D 266 -19.32 -22.88 -61.04
C ALA D 266 -19.74 -23.57 -59.77
N ARG D 267 -20.97 -23.38 -59.35
CA ARG D 267 -21.41 -24.00 -58.12
C ARG D 267 -21.19 -25.51 -58.11
N ASP D 268 -21.17 -26.18 -59.28
CA ASP D 268 -20.99 -27.63 -59.25
C ASP D 268 -19.54 -28.03 -59.20
N LEU D 269 -18.62 -27.07 -59.22
CA LEU D 269 -17.23 -27.47 -59.19
C LEU D 269 -16.58 -27.36 -57.76
N VAL D 270 -17.36 -26.90 -56.76
CA VAL D 270 -16.89 -26.65 -55.38
C VAL D 270 -17.92 -26.94 -54.29
N SER D 271 -17.48 -27.00 -53.03
CA SER D 271 -18.42 -27.26 -51.93
C SER D 271 -19.50 -26.23 -51.74
N LYS D 272 -20.54 -26.58 -51.02
CA LYS D 272 -21.59 -25.62 -50.73
C LYS D 272 -20.99 -24.42 -49.90
N GLU D 273 -20.25 -24.74 -48.83
CA GLU D 273 -19.58 -23.73 -48.00
C GLU D 273 -18.43 -22.99 -48.67
N GLY D 274 -17.55 -23.74 -49.31
CA GLY D 274 -16.43 -23.16 -50.04
C GLY D 274 -16.88 -22.13 -51.09
N PHE D 275 -17.99 -22.43 -51.76
CA PHE D 275 -18.54 -21.46 -52.73
C PHE D 275 -18.79 -20.12 -52.09
N ARG D 276 -19.48 -20.19 -50.95
CA ARG D 276 -19.89 -19.00 -50.23
C ARG D 276 -18.69 -18.19 -49.76
N ARG D 277 -17.64 -18.85 -49.26
CA ARG D 277 -16.42 -18.14 -48.77
C ARG D 277 -15.79 -17.43 -49.95
N ALA D 278 -15.65 -18.13 -51.07
CA ALA D 278 -14.99 -17.51 -52.20
C ALA D 278 -15.86 -16.39 -52.81
N ARG D 279 -17.18 -16.54 -52.68
CA ARG D 279 -18.09 -15.52 -53.20
C ARG D 279 -17.93 -14.24 -52.37
N HIS D 280 -17.88 -14.38 -51.05
CA HIS D 280 -17.61 -13.13 -50.28
C HIS D 280 -16.38 -12.41 -50.82
N VAL D 281 -15.30 -13.15 -50.98
CA VAL D 281 -14.04 -12.54 -51.31
C VAL D 281 -14.01 -11.91 -52.70
N VAL D 282 -14.48 -12.64 -53.72
CA VAL D 282 -14.50 -12.05 -55.03
C VAL D 282 -15.47 -10.86 -55.07
N GLY D 283 -16.61 -10.98 -54.43
CA GLY D 283 -17.61 -9.90 -54.44
C GLY D 283 -16.98 -8.65 -53.76
N GLU D 284 -16.30 -8.94 -52.67
CA GLU D 284 -15.63 -7.82 -51.87
C GLU D 284 -14.53 -7.09 -52.61
N ILE D 285 -13.72 -7.82 -53.39
CA ILE D 285 -12.73 -7.14 -54.20
C ILE D 285 -13.41 -6.20 -55.16
N ARG D 286 -14.47 -6.67 -55.81
CA ARG D 286 -15.18 -5.79 -56.70
C ARG D 286 -15.80 -4.55 -55.94
N ARG D 287 -16.42 -4.80 -54.79
CA ARG D 287 -17.09 -3.75 -54.05
C ARG D 287 -16.04 -2.70 -53.60
N THR D 288 -14.84 -3.18 -53.30
CA THR D 288 -13.79 -2.22 -52.77
C THR D 288 -13.27 -1.31 -53.87
N ALA D 289 -13.08 -1.85 -55.08
CA ALA D 289 -12.75 -1.02 -56.21
C ALA D 289 -13.90 -0.02 -56.46
N GLN D 290 -15.17 -0.46 -56.40
CA GLN D 290 -16.29 0.46 -56.60
C GLN D 290 -16.33 1.52 -55.45
N ALA D 291 -15.94 1.11 -54.25
CA ALA D 291 -16.01 2.00 -53.09
C ALA D 291 -14.96 3.13 -53.21
N ALA D 292 -13.78 2.79 -53.71
CA ALA D 292 -12.74 3.80 -53.96
C ALA D 292 -13.22 4.76 -55.03
N ALA D 293 -13.93 4.22 -56.04
CA ALA D 293 -14.42 5.09 -57.12
C ALA D 293 -15.46 6.03 -56.57
N ALA D 294 -16.31 5.49 -55.71
CA ALA D 294 -17.32 6.29 -55.03
C ALA D 294 -16.66 7.42 -54.23
N LEU D 295 -15.58 7.12 -53.53
CA LEU D 295 -14.86 8.19 -52.79
C LEU D 295 -14.38 9.28 -53.72
N ARG D 296 -13.84 8.88 -54.86
CA ARG D 296 -13.32 9.84 -55.83
C ARG D 296 -14.40 10.76 -56.40
N ARG D 297 -15.61 10.29 -56.63
CA ARG D 297 -16.58 11.25 -57.10
C ARG D 297 -17.36 11.89 -55.93
N GLY D 298 -16.93 11.67 -54.69
CA GLY D 298 -17.56 12.30 -53.52
C GLY D 298 -18.96 11.73 -53.20
N ASP D 299 -19.23 10.55 -53.76
CA ASP D 299 -20.51 9.83 -53.60
C ASP D 299 -20.55 8.93 -52.35
N TYR D 300 -20.78 9.55 -51.21
CA TYR D 300 -20.80 8.82 -49.93
C TYR D 300 -22.02 7.91 -49.77
N ARG D 301 -23.10 8.27 -50.42
CA ARG D 301 -24.29 7.40 -50.45
C ARG D 301 -23.98 6.06 -51.11
N ALA D 302 -23.26 6.08 -52.22
CA ALA D 302 -22.91 4.84 -52.87
C ALA D 302 -21.88 4.09 -52.00
N PHE D 303 -20.96 4.82 -51.39
CA PHE D 303 -19.99 4.21 -50.49
C PHE D 303 -20.67 3.45 -49.32
N GLY D 304 -21.64 4.09 -48.70
CA GLY D 304 -22.37 3.49 -47.59
C GLY D 304 -23.17 2.26 -48.02
N ARG D 305 -23.73 2.30 -49.22
CA ARG D 305 -24.44 1.12 -49.73
C ARG D 305 -23.48 -0.06 -49.90
N LEU D 306 -22.27 0.26 -50.36
CA LEU D 306 -21.26 -0.77 -50.55
C LEU D 306 -20.85 -1.34 -49.22
N MET D 307 -20.78 -0.49 -48.19
CA MET D 307 -20.51 -0.99 -46.86
C MET D 307 -21.56 -2.01 -46.40
N VAL D 308 -22.83 -1.67 -46.61
CA VAL D 308 -23.90 -2.57 -46.16
C VAL D 308 -23.84 -3.87 -46.99
N GLU D 309 -23.61 -3.81 -48.29
CA GLU D 309 -23.47 -5.04 -49.10
C GLU D 309 -22.31 -5.90 -48.60
N SER D 310 -21.24 -5.24 -48.15
CA SER D 310 -20.10 -5.93 -47.57
C SER D 310 -20.55 -6.58 -46.26
N HIS D 311 -21.36 -5.91 -45.42
CA HIS D 311 -21.78 -6.55 -44.17
C HIS D 311 -22.64 -7.80 -44.46
N ARG D 312 -23.53 -7.67 -45.43
CA ARG D 312 -24.41 -8.81 -45.78
C ARG D 312 -23.60 -9.98 -46.25
N SER D 313 -22.59 -9.72 -47.08
CA SER D 313 -21.69 -10.79 -47.59
C SER D 313 -20.86 -11.44 -46.46
N LEU D 314 -20.32 -10.61 -45.58
CA LEU D 314 -19.66 -11.18 -44.42
C LEU D 314 -20.61 -12.02 -43.55
N ARG D 315 -21.84 -11.55 -43.38
CA ARG D 315 -22.76 -12.26 -42.48
C ARG D 315 -23.26 -13.59 -43.10
N ASP D 316 -23.62 -13.53 -44.38
CA ASP D 316 -24.35 -14.64 -45.00
C ASP D 316 -23.38 -15.52 -45.79
N ASP D 317 -22.34 -14.96 -46.40
CA ASP D 317 -21.43 -15.78 -47.21
C ASP D 317 -20.13 -16.19 -46.46
N TYR D 318 -19.48 -15.24 -45.79
CA TYR D 318 -18.21 -15.60 -45.21
C TYR D 318 -18.51 -16.19 -43.90
N GLU D 319 -19.70 -15.85 -43.42
CA GLU D 319 -20.26 -16.24 -42.15
C GLU D 319 -19.34 -15.94 -40.95
N VAL D 320 -18.96 -14.69 -40.80
CA VAL D 320 -18.05 -14.29 -39.70
C VAL D 320 -18.67 -13.17 -38.88
N SER D 321 -19.95 -12.90 -39.14
CA SER D 321 -20.67 -11.99 -38.27
C SER D 321 -21.22 -12.74 -37.04
N CYS D 322 -22.07 -12.08 -36.27
CA CYS D 322 -22.76 -12.69 -35.13
C CYS D 322 -24.01 -11.86 -34.81
N PRO D 323 -24.92 -12.39 -34.00
CA PRO D 323 -26.08 -11.56 -33.65
C PRO D 323 -25.77 -10.16 -33.05
N GLU D 324 -24.77 -10.01 -32.18
CA GLU D 324 -24.47 -8.70 -31.64
C GLU D 324 -24.07 -7.69 -32.73
N LEU D 325 -23.18 -8.10 -33.66
CA LEU D 325 -22.77 -7.23 -34.78
C LEU D 325 -23.97 -6.98 -35.69
N ASP D 326 -24.74 -8.03 -35.94
CA ASP D 326 -25.91 -7.87 -36.82
C ASP D 326 -26.92 -6.92 -36.20
N GLN D 327 -27.01 -6.89 -34.86
CA GLN D 327 -27.88 -5.97 -34.13
C GLN D 327 -27.38 -4.51 -34.24
N LEU D 328 -26.09 -4.32 -34.00
CA LEU D 328 -25.46 -3.03 -34.09
C LEU D 328 -25.62 -2.38 -35.48
N VAL D 329 -25.48 -3.17 -36.56
CA VAL D 329 -25.63 -2.67 -37.93
C VAL D 329 -27.07 -2.28 -38.22
N GLU D 330 -28.02 -3.04 -37.69
CA GLU D 330 -29.43 -2.73 -37.90
C GLU D 330 -29.82 -1.50 -37.07
N ALA D 331 -29.22 -1.35 -35.90
CA ALA D 331 -29.56 -0.18 -35.12
C ALA D 331 -28.95 1.09 -35.75
N ALA D 332 -27.72 0.98 -36.24
CA ALA D 332 -27.03 2.12 -36.88
C ALA D 332 -27.75 2.61 -38.11
N LEU D 333 -28.22 1.68 -38.93
CA LEU D 333 -28.82 2.00 -40.20
C LEU D 333 -30.21 2.60 -40.04
N ALA D 334 -30.72 2.56 -38.82
CA ALA D 334 -32.01 3.16 -38.55
C ALA D 334 -31.87 4.63 -38.18
N VAL D 335 -30.65 5.12 -38.01
CA VAL D 335 -30.48 6.50 -37.62
C VAL D 335 -30.28 7.42 -38.81
N PRO D 336 -31.17 8.41 -38.99
CA PRO D 336 -31.03 9.36 -40.11
C PRO D 336 -29.68 10.07 -40.08
N GLY D 337 -29.03 10.16 -41.23
CA GLY D 337 -27.70 10.75 -41.27
C GLY D 337 -26.62 9.70 -41.37
N VAL D 338 -27.03 8.43 -41.26
CA VAL D 338 -26.13 7.29 -41.45
C VAL D 338 -26.15 6.79 -42.91
N TYR D 339 -24.98 6.76 -43.54
CA TYR D 339 -24.86 6.27 -44.93
C TYR D 339 -24.73 4.75 -45.08
N GLY D 340 -24.05 4.13 -44.12
CA GLY D 340 -23.86 2.69 -44.16
C GLY D 340 -23.18 2.19 -42.91
N SER D 341 -23.23 0.88 -42.66
CA SER D 341 -22.56 0.32 -41.49
C SER D 341 -22.21 -1.14 -41.79
N ARG D 342 -21.19 -1.67 -41.14
CA ARG D 342 -20.80 -3.07 -41.35
C ARG D 342 -19.93 -3.50 -40.21
N MET D 343 -19.87 -4.80 -39.96
CA MET D 343 -18.82 -5.28 -39.07
C MET D 343 -17.45 -5.01 -39.68
N THR D 344 -16.46 -4.80 -38.85
CA THR D 344 -15.14 -4.65 -39.38
C THR D 344 -14.16 -5.47 -38.54
N GLY D 345 -13.08 -5.91 -39.15
CA GLY D 345 -12.10 -6.71 -38.44
C GLY D 345 -12.48 -8.17 -38.52
N GLY D 346 -12.09 -8.93 -37.49
CA GLY D 346 -12.15 -10.38 -37.56
C GLY D 346 -13.54 -11.00 -37.46
N GLY D 347 -14.46 -10.31 -36.83
CA GLY D 347 -15.81 -10.81 -36.75
C GLY D 347 -16.00 -11.57 -35.46
N PHE D 348 -17.12 -12.26 -35.37
CA PHE D 348 -17.51 -13.02 -34.20
C PHE D 348 -17.56 -12.10 -32.99
N GLY D 349 -17.74 -10.81 -33.21
CA GLY D 349 -17.73 -9.85 -32.13
C GLY D 349 -16.86 -8.65 -32.55
N GLY D 350 -16.37 -7.90 -31.57
CA GLY D 350 -15.57 -6.70 -31.88
C GLY D 350 -16.47 -5.57 -32.34
N CYS D 351 -16.00 -4.79 -33.33
CA CYS D 351 -16.64 -3.53 -33.70
C CYS D 351 -17.40 -3.52 -35.01
N THR D 352 -18.33 -2.59 -35.15
CA THR D 352 -18.89 -2.18 -36.43
C THR D 352 -18.34 -0.79 -36.82
N VAL D 353 -18.44 -0.48 -38.11
CA VAL D 353 -18.04 0.83 -38.58
C VAL D 353 -19.19 1.45 -39.35
N THR D 354 -19.49 2.71 -39.02
CA THR D 354 -20.68 3.35 -39.60
C THR D 354 -20.27 4.70 -40.24
N LEU D 355 -20.62 4.91 -41.47
CA LEU D 355 -20.36 6.15 -42.13
C LEU D 355 -21.58 7.02 -41.94
N LEU D 356 -21.37 8.16 -41.30
CA LEU D 356 -22.47 9.07 -40.99
C LEU D 356 -22.09 10.57 -41.04
N GLU D 357 -23.08 11.43 -41.25
CA GLU D 357 -22.93 12.85 -40.95
C GLU D 357 -22.60 13.02 -39.47
N ALA D 358 -21.52 13.74 -39.18
CA ALA D 358 -21.00 13.92 -37.80
C ALA D 358 -22.10 14.42 -36.86
N SER D 359 -23.01 15.21 -37.40
CA SER D 359 -24.14 15.76 -36.63
C SER D 359 -25.05 14.64 -36.10
N ALA D 360 -25.14 13.53 -36.82
CA ALA D 360 -26.01 12.44 -36.36
C ALA D 360 -25.36 11.58 -35.26
N ALA D 361 -24.08 11.81 -34.97
CA ALA D 361 -23.36 10.92 -34.04
C ALA D 361 -23.93 10.86 -32.61
N PRO D 362 -24.37 12.01 -32.03
CA PRO D 362 -24.85 11.80 -30.67
C PRO D 362 -26.18 11.06 -30.67
N HIS D 363 -26.96 11.27 -31.71
CA HIS D 363 -28.18 10.52 -31.90
C HIS D 363 -27.90 9.04 -32.09
N ALA D 364 -26.93 8.74 -32.94
CA ALA D 364 -26.67 7.34 -33.30
C ALA D 364 -26.14 6.62 -32.09
N MET D 365 -25.34 7.29 -31.28
CA MET D 365 -24.81 6.65 -30.11
C MET D 365 -25.98 6.33 -29.14
N ARG D 366 -26.91 7.27 -29.04
CA ARG D 366 -28.11 7.12 -28.21
C ARG D 366 -28.96 5.94 -28.65
N HIS D 367 -29.31 5.91 -29.93
CA HIS D 367 -30.22 4.91 -30.45
C HIS D 367 -29.62 3.52 -30.42
N ILE D 368 -28.36 3.43 -30.84
CA ILE D 368 -27.69 2.15 -30.90
C ILE D 368 -27.58 1.61 -29.48
N GLN D 369 -27.18 2.45 -28.52
CA GLN D 369 -27.04 1.92 -27.16
C GLN D 369 -28.36 1.33 -26.70
N GLU D 370 -29.46 2.00 -27.06
CA GLU D 370 -30.79 1.56 -26.62
C GLU D 370 -31.25 0.25 -27.26
N HIS D 371 -30.93 0.05 -28.52
CA HIS D 371 -31.37 -1.18 -29.20
C HIS D 371 -30.36 -2.32 -29.21
N TYR D 372 -29.33 -2.22 -28.39
CA TYR D 372 -28.36 -3.31 -28.25
C TYR D 372 -28.76 -4.01 -26.98
N GLY D 373 -28.07 -5.08 -26.62
CA GLY D 373 -28.46 -5.84 -25.44
C GLY D 373 -27.27 -5.93 -24.52
N GLY D 374 -26.10 -5.67 -25.09
CA GLY D 374 -24.89 -5.63 -24.30
C GLY D 374 -24.60 -4.17 -24.06
N THR D 375 -23.38 -3.87 -23.64
CA THR D 375 -22.99 -2.48 -23.51
C THR D 375 -22.08 -2.09 -24.67
N ALA D 376 -22.55 -1.18 -25.51
CA ALA D 376 -21.72 -0.67 -26.59
C ALA D 376 -20.71 0.37 -26.06
N THR D 377 -19.51 0.37 -26.64
CA THR D 377 -18.51 1.42 -26.43
C THR D 377 -18.35 2.15 -27.77
N PHE D 378 -18.20 3.48 -27.73
CA PHE D 378 -18.09 4.29 -28.95
C PHE D 378 -16.80 5.06 -29.12
N TYR D 379 -16.36 5.17 -30.37
CA TYR D 379 -15.37 6.16 -30.73
C TYR D 379 -15.87 6.87 -31.99
N LEU D 380 -15.77 8.19 -31.99
CA LEU D 380 -16.02 8.95 -33.20
C LEU D 380 -14.70 9.46 -33.77
N SER D 381 -14.38 9.07 -35.01
CA SER D 381 -13.14 9.47 -35.65
C SER D 381 -13.31 9.95 -37.09
N GLN D 382 -12.52 10.96 -37.45
CA GLN D 382 -12.25 11.23 -38.85
C GLN D 382 -10.94 10.53 -39.19
N ALA D 383 -10.49 10.63 -40.44
CA ALA D 383 -9.21 10.04 -40.83
C ALA D 383 -7.96 10.74 -40.26
N ALA D 384 -7.04 9.96 -39.73
CA ALA D 384 -5.92 10.57 -39.03
C ALA D 384 -4.61 10.39 -39.72
N ASP D 385 -3.61 11.14 -39.25
CA ASP D 385 -2.21 10.93 -39.66
C ASP D 385 -1.65 9.56 -39.27
N GLY D 386 -0.64 9.12 -39.98
CA GLY D 386 0.09 7.94 -39.62
C GLY D 386 1.19 8.31 -38.62
N ALA D 387 2.31 7.60 -38.69
CA ALA D 387 3.39 7.74 -37.68
C ALA D 387 4.01 9.13 -37.69
N LYS D 388 4.19 9.74 -36.52
CA LYS D 388 4.87 11.01 -36.54
C LYS D 388 5.79 11.17 -35.33
N VAL D 389 6.62 12.21 -35.44
CA VAL D 389 7.61 12.50 -34.43
C VAL D 389 7.47 13.93 -33.94
N LEU D 390 7.62 14.13 -32.63
CA LEU D 390 7.70 15.47 -32.07
C LEU D 390 8.87 15.56 -31.10
N CYS D 391 9.87 16.33 -31.49
CA CYS D 391 11.03 16.51 -30.62
C CYS D 391 10.67 17.32 -29.40
N LEU D 392 11.23 16.87 -28.27
CA LEU D 392 10.98 17.50 -26.99
C LEU D 392 12.25 18.17 -26.47
C1 GAL E . -17.70 -27.13 -16.33
C2 GAL E . -18.66 -26.47 -15.34
C3 GAL E . -19.64 -27.72 -15.16
C4 GAL E . -20.07 -28.28 -16.63
C5 GAL E . -18.88 -28.42 -17.60
C6 GAL E . -19.21 -28.83 -19.09
O1 GAL E . -16.46 -27.52 -16.07
O2 GAL E . -18.12 -26.25 -14.12
O3 GAL E . -20.82 -27.48 -14.40
O4 GAL E . -21.08 -27.42 -17.18
O5 GAL E . -18.08 -27.16 -17.62
O6 GAL E . -19.78 -30.18 -19.05
C10 HFK F . -6.62 -18.41 -8.00
C13 HFK F . -6.63 -20.31 -10.42
C15 HFK F . -9.22 -21.94 -9.03
C20 HFK F . -7.10 -22.98 -5.44
C21 HFK F . -7.66 -24.27 -5.39
C24 HFK F . -6.47 -24.79 -3.38
C26 HFK F . -6.22 -22.57 -4.42
C02 HFK F . -8.76 -18.70 -11.99
C03 HFK F . -9.57 -18.90 -13.33
C04 HFK F . -10.01 -20.32 -13.72
C05 HFK F . -10.35 -21.29 -12.54
C06 HFK F . -9.24 -21.26 -11.46
C07 HFK F . -8.86 -19.87 -10.94
C08 HFK F . -7.92 -19.82 -9.76
C09 HFK F . -7.75 -18.48 -9.04
C11 HFK F . -5.44 -19.31 -8.33
C12 HFK F . -5.38 -19.74 -9.81
C18 HFK F . -8.42 -23.26 -7.17
C23 HFK F . -7.37 -25.17 -4.38
C25 HFK F . -5.92 -23.50 -3.42
N14 HFK F . -7.97 -21.09 -8.96
N16 HFK F . -9.59 -22.23 -10.44
N17 HFK F . -9.13 -23.11 -8.37
N19 HFK F . -7.60 -22.35 -6.58
O01 HFK F . -7.48 -18.22 -12.26
O22 HFK F . -8.45 -24.34 -6.46
N1 HR5 G . -9.37 -40.34 1.37
C4 HR5 G . -9.75 -40.80 0.05
C5 HR5 G . -9.47 -39.48 5.05
C6 HR5 G . -9.45 -36.93 4.66
C7 HR5 G . -8.41 -36.00 5.31
C8 HR5 G . -7.54 -35.30 4.26
C10 HR5 G . -7.13 -36.75 5.77
O HR5 G . -9.58 -40.32 5.92
N2 HR5 G . -9.54 -38.14 5.46
C9 HR5 G . -6.31 -35.62 5.13
C2 HR5 G . -9.27 -39.78 3.57
C3 HR5 G . -8.21 -39.23 2.82
N HR5 G . -8.26 -39.56 1.51
C1 HR5 G . -10.04 -40.54 2.60
C HR5 G . -11.24 -41.41 2.73
C1 GAL H . 12.93 -2.08 35.05
C2 GAL H . 11.49 -1.49 35.11
C3 GAL H . 11.54 -0.01 35.49
C4 GAL H . 12.43 0.22 36.78
C5 GAL H . 13.76 -0.65 36.69
C6 GAL H . 14.77 -0.59 37.84
O1 GAL H . 12.93 -3.40 34.76
O2 GAL H . 10.71 -1.63 33.86
O3 GAL H . 10.22 0.59 35.73
O4 GAL H . 11.68 -0.07 37.95
O5 GAL H . 13.46 -2.03 36.39
O6 GAL H . 15.41 0.76 37.79
C10 HFK I . 8.32 -12.56 24.16
C13 HFK I . 10.79 -12.01 25.60
C15 HFK I . 9.85 -8.97 25.84
C20 HFK I . 9.41 -8.43 21.59
C21 HFK I . 9.86 -7.10 21.62
C24 HFK I . 9.51 -6.91 19.21
C26 HFK I . 8.99 -9.00 20.37
C02 HFK I . 9.67 -12.27 28.56
C03 HFK I . 10.65 -12.10 29.77
C04 HFK I . 10.74 -10.66 30.31
C05 HFK I . 10.92 -9.59 29.18
C06 HFK I . 10.90 -10.18 27.75
C07 HFK I . 9.72 -11.12 27.49
C08 HFK I . 9.43 -11.46 26.03
C09 HFK I . 8.27 -12.35 25.66
C11 HFK I . 9.56 -13.35 23.77
C12 HFK I . 10.69 -13.31 24.80
C18 HFK I . 9.94 -7.91 23.66
C23 HFK I . 9.92 -6.35 20.43
C25 HFK I . 9.05 -8.22 19.21
N14 HFK I . 9.56 -10.29 25.10
N16 HFK I . 11.00 -9.10 26.79
N17 HFK I . 10.18 -7.95 25.05
N19 HFK I . 9.46 -8.90 22.90
O01 HFK I . 9.91 -13.52 28.04
O22 HFK I . 10.20 -6.85 22.92
C1 GAL J . 11.04 37.66 20.08
C2 GAL J . 12.29 36.93 19.56
C3 GAL J . 12.73 36.01 20.69
C4 GAL J . 13.02 36.81 22.03
C5 GAL J . 11.80 37.76 22.32
C6 GAL J . 11.98 38.67 23.61
O1 GAL J . 10.45 38.40 19.09
O2 GAL J . 11.96 36.11 18.41
O3 GAL J . 13.83 35.17 20.38
O4 GAL J . 14.23 37.56 21.99
O5 GAL J . 11.43 38.52 21.16
O6 GAL J . 12.01 37.70 24.69
C10 HFK K . 4.27 37.99 5.03
C13 HFK K . 3.79 38.86 7.92
C15 HFK K . 5.32 36.30 9.23
C20 HFK K . 2.97 32.44 8.44
C21 HFK K . 3.00 33.29 7.33
C24 HFK K . 1.78 31.62 6.06
C26 HFK K . 2.35 31.17 8.38
C02 HFK K . 6.49 40.28 8.04
C03 HFK K . 7.39 40.94 9.12
C04 HFK K . 6.81 40.87 10.52
C05 HFK K . 6.64 39.36 10.92
C06 HFK K . 5.66 38.68 9.95
C07 HFK K . 6.03 38.82 8.45
C08 HFK K . 5.08 38.15 7.49
C09 HFK K . 5.38 38.28 5.99
C11 HFK K . 2.86 38.15 5.60
C12 HFK K . 2.78 39.06 6.81
C18 HFK K . 4.05 34.28 8.99
C23 HFK K . 2.40 32.87 6.12
C25 HFK K . 1.75 30.78 7.19
N14 HFK K . 4.52 36.87 8.05
N16 HFK K . 5.50 37.28 10.37
N17 HFK K . 4.75 35.21 9.77
N19 HFK K . 3.64 33.11 9.47
O01 HFK K . 5.44 41.15 7.85
O22 HFK K . 3.69 34.43 7.72
N1 HR5 L . 25.36 60.65 61.31
C4 HR5 L . 25.11 61.62 60.23
C5 HR5 L . 25.18 57.43 63.10
C6 HR5 L . 23.61 55.43 63.28
C7 HR5 L . 23.28 54.55 62.04
C8 HR5 L . 22.99 53.04 62.34
C10 HR5 L . 21.86 54.63 61.40
O HR5 L . 26.07 56.89 63.71
N2 HR5 L . 23.98 56.80 62.81
C9 HR5 L . 22.06 53.11 61.11
C2 HR5 L . 25.35 58.79 62.56
C3 HR5 L . 26.25 59.77 63.08
N HR5 L . 26.24 60.89 62.29
C1 HR5 L . 24.79 59.39 61.44
C HR5 L . 23.79 58.93 60.56
N1 HR5 M . -3.50 17.99 17.65
C4 HR5 M . -4.25 17.95 18.94
C5 HR5 M . -1.99 16.71 14.45
C6 HR5 M . -0.47 16.97 12.47
C7 HR5 M . -1.19 17.37 11.21
C8 HR5 M . -2.72 17.18 11.26
C10 HR5 M . -1.41 18.89 11.05
O HR5 M . -2.26 15.54 14.11
N2 HR5 M . -1.12 17.49 13.68
C9 HR5 M . -2.89 18.71 11.45
C2 HR5 M . -2.54 17.39 15.67
C3 HR5 M . -2.61 18.82 15.82
N HR5 M . -3.18 19.18 17.03
C1 HR5 M . -3.10 16.87 16.87
C HR5 M . -3.22 15.49 17.40
#